data_1Q7X
#
_entry.id   1Q7X
#
_entity_poly.entity_id   1
_entity_poly.type   'polypeptide(L)'
_entity_poly.pdbx_seq_one_letter_code
;GSSPPKPGDIFEVELAKNDNSLGISVTVLFDKGGVNTSVRHGGIYVKAVIPQGAAESDGRIHKGDRVLAVNGVSLEGATH
KQAVETLRNTGQVVHLLLEKGQSPTSKE
;
_entity_poly.pdbx_strand_id   A
#
# COMPACT_ATOMS: atom_id res chain seq x y z
N GLY A 1 0.66 22.14 12.57
CA GLY A 1 1.70 21.46 13.37
C GLY A 1 1.72 19.96 13.12
N SER A 2 2.73 19.50 12.39
CA SER A 2 2.86 18.08 12.08
C SER A 2 4.27 17.76 11.60
N SER A 3 4.52 16.48 11.30
CA SER A 3 5.82 16.04 10.82
C SER A 3 5.67 14.96 9.76
N PRO A 4 6.62 14.90 8.81
CA PRO A 4 6.59 13.90 7.73
C PRO A 4 6.87 12.49 8.24
N PRO A 5 5.84 11.61 8.22
CA PRO A 5 5.98 10.23 8.68
C PRO A 5 6.66 9.33 7.66
N LYS A 6 7.85 8.86 8.00
CA LYS A 6 8.62 7.99 7.11
C LYS A 6 8.19 6.55 7.26
N PRO A 7 8.51 5.74 6.25
CA PRO A 7 8.11 4.35 6.26
C PRO A 7 8.70 3.58 7.43
N GLY A 8 8.19 2.37 7.65
CA GLY A 8 8.65 1.54 8.75
C GLY A 8 7.63 1.55 9.88
N ASP A 9 6.39 1.84 9.51
CA ASP A 9 5.29 1.92 10.44
C ASP A 9 4.09 2.40 9.67
N ILE A 10 3.34 3.27 10.26
CA ILE A 10 2.19 3.80 9.59
C ILE A 10 2.64 4.87 8.59
N PHE A 11 2.71 4.47 7.33
CA PHE A 11 3.12 5.35 6.24
C PHE A 11 2.00 5.50 5.21
N GLU A 12 1.80 6.69 4.68
CA GLU A 12 0.78 6.92 3.68
C GLU A 12 1.42 7.29 2.34
N VAL A 13 0.78 6.96 1.20
CA VAL A 13 1.40 7.30 -0.06
C VAL A 13 0.45 8.10 -0.92
N GLU A 14 0.77 9.36 -1.09
CA GLU A 14 -0.05 10.23 -1.87
C GLU A 14 0.64 10.77 -3.12
N LEU A 15 -0.01 10.58 -4.25
CA LEU A 15 0.43 11.10 -5.54
C LEU A 15 -0.77 11.52 -6.37
N ALA A 16 -0.59 12.52 -7.19
CA ALA A 16 -1.65 12.99 -8.05
C ALA A 16 -1.33 12.61 -9.46
N LYS A 17 -2.23 11.87 -10.13
CA LYS A 17 -1.95 11.43 -11.49
C LYS A 17 -1.32 12.56 -12.29
N ASN A 18 0.00 12.60 -12.27
CA ASN A 18 0.74 13.64 -12.97
C ASN A 18 1.93 13.06 -13.75
N ASP A 19 2.82 12.39 -13.04
CA ASP A 19 3.99 11.78 -13.64
C ASP A 19 3.96 10.31 -13.33
N ASN A 20 3.52 10.04 -12.12
CA ASN A 20 3.36 8.71 -11.62
C ASN A 20 2.52 8.79 -10.37
N SER A 21 1.84 7.72 -10.05
CA SER A 21 0.99 7.72 -8.87
C SER A 21 0.62 6.28 -8.56
N LEU A 22 1.59 5.42 -8.84
CA LEU A 22 1.45 3.99 -8.68
C LEU A 22 2.63 3.33 -9.38
N GLY A 23 2.69 2.01 -9.33
CA GLY A 23 3.72 1.30 -10.04
C GLY A 23 4.12 0.05 -9.31
N ILE A 24 3.13 -0.59 -8.73
CA ILE A 24 3.39 -1.79 -7.95
C ILE A 24 2.64 -2.99 -8.49
N SER A 25 3.23 -4.16 -8.30
CA SER A 25 2.62 -5.38 -8.71
C SER A 25 1.98 -6.01 -7.50
N VAL A 26 0.66 -6.10 -7.53
CA VAL A 26 -0.07 -6.64 -6.40
C VAL A 26 -0.48 -8.08 -6.64
N THR A 27 -0.72 -8.80 -5.55
CA THR A 27 -1.07 -10.21 -5.60
C THR A 27 0.18 -11.04 -5.86
N VAL A 28 1.32 -10.35 -5.91
CA VAL A 28 2.60 -10.98 -6.13
C VAL A 28 3.09 -11.70 -4.89
N LEU A 29 2.89 -11.09 -3.72
CA LEU A 29 3.28 -11.70 -2.48
C LEU A 29 2.03 -12.06 -1.72
N PHE A 30 0.94 -11.50 -2.19
CA PHE A 30 -0.35 -11.72 -1.60
C PHE A 30 -1.36 -12.14 -2.67
N ASP A 31 -2.62 -12.29 -2.27
CA ASP A 31 -3.67 -12.69 -3.19
C ASP A 31 -4.29 -11.46 -3.88
N LYS A 32 -4.04 -10.29 -3.32
CA LYS A 32 -4.57 -9.04 -3.87
C LYS A 32 -4.14 -7.84 -3.03
N GLY A 33 -2.88 -7.80 -2.61
CA GLY A 33 -2.42 -6.69 -1.80
C GLY A 33 -3.33 -6.47 -0.60
N GLY A 34 -4.18 -5.44 -0.70
CA GLY A 34 -5.12 -5.11 0.38
C GLY A 34 -6.00 -6.27 0.77
N VAL A 35 -6.65 -6.15 1.94
CA VAL A 35 -7.52 -7.20 2.47
C VAL A 35 -7.66 -6.94 3.97
N ASN A 36 -7.66 -7.99 4.76
CA ASN A 36 -7.69 -7.88 6.19
C ASN A 36 -6.84 -9.01 6.65
N THR A 37 -5.98 -9.42 5.71
CA THR A 37 -5.09 -10.54 5.84
C THR A 37 -5.18 -11.24 7.20
N SER A 38 -4.99 -10.46 8.27
CA SER A 38 -5.04 -10.99 9.62
C SER A 38 -4.75 -9.90 10.64
N VAL A 39 -5.52 -8.84 10.55
CA VAL A 39 -5.38 -7.70 11.43
C VAL A 39 -6.71 -6.93 11.49
N ARG A 40 -6.72 -5.82 12.21
CA ARG A 40 -7.93 -5.04 12.35
C ARG A 40 -7.85 -3.72 11.59
N HIS A 41 -7.10 -3.72 10.50
CA HIS A 41 -6.93 -2.52 9.68
C HIS A 41 -6.97 -2.86 8.20
N GLY A 42 -6.50 -4.05 7.88
CA GLY A 42 -6.45 -4.50 6.51
C GLY A 42 -5.28 -5.41 6.29
N GLY A 43 -4.27 -4.91 5.59
CA GLY A 43 -3.07 -5.71 5.40
C GLY A 43 -2.62 -5.95 3.96
N ILE A 44 -2.28 -4.90 3.22
CA ILE A 44 -1.79 -5.10 1.84
C ILE A 44 -0.42 -5.72 1.80
N TYR A 45 -0.30 -6.77 1.02
CA TYR A 45 0.97 -7.44 0.82
C TYR A 45 1.28 -7.48 -0.66
N VAL A 46 2.49 -7.07 -1.02
CA VAL A 46 2.83 -6.92 -2.41
C VAL A 46 4.32 -7.04 -2.74
N LYS A 47 4.66 -6.72 -4.01
CA LYS A 47 6.07 -6.67 -4.43
C LYS A 47 6.51 -5.24 -4.23
N ALA A 48 5.47 -4.41 -4.16
CA ALA A 48 5.53 -3.03 -3.91
C ALA A 48 5.85 -2.22 -5.16
N VAL A 49 6.64 -1.17 -5.01
CA VAL A 49 6.89 -0.27 -6.10
C VAL A 49 7.89 -0.71 -7.14
N ILE A 50 7.46 -0.41 -8.36
CA ILE A 50 8.20 -0.64 -9.59
C ILE A 50 9.66 -0.24 -9.41
N PRO A 51 10.54 -0.71 -10.32
CA PRO A 51 11.96 -0.39 -10.25
C PRO A 51 12.30 0.98 -10.80
N GLN A 52 11.49 1.40 -11.72
CA GLN A 52 11.65 2.68 -12.38
C GLN A 52 10.87 3.81 -11.70
N GLY A 53 10.57 3.63 -10.41
CA GLY A 53 9.85 4.66 -9.68
C GLY A 53 8.36 4.43 -9.57
N ALA A 54 7.60 5.15 -10.41
CA ALA A 54 6.16 5.05 -10.43
C ALA A 54 5.55 5.08 -9.02
N ALA A 55 4.95 3.98 -8.54
CA ALA A 55 4.38 3.97 -7.19
C ALA A 55 5.43 4.40 -6.22
N GLU A 56 6.64 4.00 -6.54
CA GLU A 56 7.81 4.33 -5.74
C GLU A 56 7.88 5.85 -5.61
N SER A 57 7.38 6.51 -6.66
CA SER A 57 7.27 7.96 -6.71
C SER A 57 6.05 8.32 -5.89
N ASP A 58 4.99 7.52 -6.06
CA ASP A 58 3.80 7.66 -5.25
C ASP A 58 4.25 7.47 -3.81
N GLY A 59 5.38 6.77 -3.67
CA GLY A 59 5.91 6.50 -2.36
C GLY A 59 5.08 5.46 -1.67
N ARG A 60 4.90 4.33 -2.35
CA ARG A 60 4.12 3.23 -1.82
C ARG A 60 5.02 2.03 -1.71
N ILE A 61 6.09 2.20 -0.97
CA ILE A 61 7.06 1.20 -0.81
C ILE A 61 6.83 0.28 0.35
N HIS A 62 7.15 -0.97 0.08
CA HIS A 62 7.09 -2.05 1.03
C HIS A 62 6.37 -3.24 0.41
N LYS A 63 7.13 -4.27 0.11
CA LYS A 63 6.58 -5.48 -0.48
C LYS A 63 6.05 -6.38 0.61
N GLY A 64 4.74 -6.53 0.69
CA GLY A 64 4.20 -7.37 1.74
C GLY A 64 4.18 -6.63 3.05
N ASP A 65 2.99 -6.26 3.47
CA ASP A 65 2.84 -5.51 4.72
C ASP A 65 1.38 -5.31 5.08
N ARG A 66 1.07 -4.45 6.07
CA ARG A 66 -0.33 -4.26 6.43
C ARG A 66 -0.82 -2.81 6.51
N VAL A 67 -1.63 -2.44 5.55
CA VAL A 67 -2.28 -1.19 5.41
C VAL A 67 -3.52 -1.03 6.20
N LEU A 68 -3.67 0.17 6.71
CA LEU A 68 -4.87 0.52 7.42
C LEU A 68 -5.91 0.94 6.39
N ALA A 69 -5.53 1.84 5.47
CA ALA A 69 -6.41 2.28 4.41
C ALA A 69 -5.67 2.26 3.09
N VAL A 70 -6.38 1.99 2.01
CA VAL A 70 -5.78 1.99 0.71
C VAL A 70 -6.53 2.97 -0.18
N ASN A 71 -5.79 3.64 -1.04
CA ASN A 71 -6.37 4.66 -1.92
C ASN A 71 -7.23 5.63 -1.11
N GLY A 72 -7.06 5.61 0.20
CA GLY A 72 -7.84 6.48 1.05
C GLY A 72 -8.96 5.74 1.77
N VAL A 73 -9.35 4.59 1.21
CA VAL A 73 -10.38 3.78 1.84
C VAL A 73 -9.73 2.87 2.86
N SER A 74 -10.38 2.63 3.97
CA SER A 74 -9.82 1.75 4.97
C SER A 74 -10.06 0.34 4.49
N LEU A 75 -8.99 -0.41 4.21
CA LEU A 75 -9.19 -1.73 3.74
C LEU A 75 -9.07 -2.64 4.91
N GLU A 76 -10.10 -2.69 5.69
CA GLU A 76 -10.08 -3.54 6.83
C GLU A 76 -10.68 -4.89 6.46
N GLY A 77 -10.38 -5.32 5.25
CA GLY A 77 -10.91 -6.54 4.73
C GLY A 77 -11.97 -6.26 3.70
N ALA A 78 -12.04 -5.00 3.28
CA ALA A 78 -13.00 -4.56 2.29
C ALA A 78 -12.56 -4.99 0.91
N THR A 79 -11.33 -4.63 0.52
CA THR A 79 -10.83 -4.99 -0.79
C THR A 79 -11.93 -5.23 -1.74
N HIS A 80 -12.23 -6.51 -1.94
CA HIS A 80 -13.27 -6.88 -2.87
C HIS A 80 -13.56 -5.69 -3.78
N LYS A 81 -14.33 -4.74 -3.28
CA LYS A 81 -14.60 -3.53 -4.05
C LYS A 81 -13.49 -2.45 -3.92
N GLN A 82 -13.32 -1.98 -2.68
CA GLN A 82 -12.42 -0.86 -2.36
C GLN A 82 -10.93 -1.07 -2.44
N ALA A 83 -10.42 -2.05 -1.74
CA ALA A 83 -8.96 -2.21 -1.71
C ALA A 83 -8.39 -2.79 -2.95
N VAL A 84 -8.97 -3.85 -3.37
CA VAL A 84 -8.51 -4.51 -4.56
C VAL A 84 -8.69 -3.58 -5.74
N GLU A 85 -9.81 -2.90 -5.75
CA GLU A 85 -10.09 -1.96 -6.84
C GLU A 85 -9.06 -0.88 -6.89
N THR A 86 -8.59 -0.44 -5.73
CA THR A 86 -7.64 0.65 -5.72
C THR A 86 -6.31 0.21 -6.31
N LEU A 87 -5.93 -1.03 -6.05
CA LEU A 87 -4.69 -1.57 -6.59
C LEU A 87 -4.73 -1.46 -8.11
N ARG A 88 -5.88 -1.84 -8.66
CA ARG A 88 -6.10 -1.81 -10.09
C ARG A 88 -6.36 -0.40 -10.62
N ASN A 89 -6.96 0.45 -9.80
CA ASN A 89 -7.25 1.77 -10.27
C ASN A 89 -6.26 2.84 -9.82
N THR A 90 -5.40 2.46 -8.91
CA THR A 90 -4.37 3.37 -8.39
C THR A 90 -3.79 4.21 -9.51
N GLY A 91 -3.20 5.35 -9.15
CA GLY A 91 -2.61 6.20 -10.17
C GLY A 91 -3.41 7.49 -10.40
N GLN A 92 -4.66 7.36 -10.86
CA GLN A 92 -5.51 8.53 -11.11
C GLN A 92 -5.22 9.61 -10.07
N VAL A 93 -5.05 9.15 -8.85
CA VAL A 93 -4.74 9.92 -7.73
C VAL A 93 -4.84 9.01 -6.54
N VAL A 94 -3.70 8.67 -5.98
CA VAL A 94 -3.69 7.73 -4.93
C VAL A 94 -3.20 8.29 -3.63
N HIS A 95 -3.92 7.90 -2.63
CA HIS A 95 -3.61 8.22 -1.26
C HIS A 95 -3.72 6.99 -0.39
N LEU A 96 -2.61 6.56 0.20
CA LEU A 96 -2.62 5.39 0.99
C LEU A 96 -2.07 5.51 2.36
N LEU A 97 -2.76 4.88 3.27
CA LEU A 97 -2.31 4.79 4.64
C LEU A 97 -1.94 3.34 4.92
N LEU A 98 -0.66 3.10 5.15
CA LEU A 98 -0.16 1.75 5.40
C LEU A 98 0.36 1.58 6.81
N GLU A 99 0.32 0.35 7.28
CA GLU A 99 0.83 0.02 8.61
C GLU A 99 1.87 -1.07 8.53
N LYS A 100 3.09 -0.68 8.77
CA LYS A 100 4.23 -1.57 8.74
C LYS A 100 4.18 -2.60 9.84
N GLY A 101 3.95 -3.86 9.45
CA GLY A 101 3.90 -4.92 10.41
C GLY A 101 4.38 -6.23 9.82
N GLN A 102 5.37 -6.12 8.95
CA GLN A 102 5.94 -7.27 8.28
C GLN A 102 6.47 -8.29 9.28
N SER A 103 7.18 -9.30 8.79
CA SER A 103 7.74 -10.33 9.65
C SER A 103 9.18 -10.68 9.25
N PRO A 104 9.38 -11.31 8.08
CA PRO A 104 10.71 -11.69 7.60
C PRO A 104 11.55 -10.50 7.24
N THR A 105 12.82 -10.78 7.01
CA THR A 105 13.75 -9.74 6.70
C THR A 105 13.37 -9.03 5.40
N SER A 106 14.28 -8.18 4.91
CA SER A 106 14.04 -7.44 3.67
C SER A 106 14.24 -8.33 2.45
N LYS A 107 14.79 -9.52 2.65
CA LYS A 107 15.03 -10.45 1.56
C LYS A 107 14.71 -11.89 1.98
N GLU A 108 15.20 -12.26 3.15
CA GLU A 108 14.96 -13.62 3.67
C GLU A 108 13.61 -13.70 4.38
N GLY A 1 1.62 22.31 7.39
CA GLY A 1 2.94 21.77 6.97
C GLY A 1 3.14 20.32 7.38
N SER A 2 3.39 20.11 8.67
CA SER A 2 3.61 18.77 9.19
C SER A 2 4.85 18.14 8.57
N SER A 3 5.81 17.79 9.42
CA SER A 3 7.05 17.17 8.96
C SER A 3 6.76 15.86 8.22
N PRO A 4 7.52 15.57 7.15
CA PRO A 4 7.34 14.34 6.36
C PRO A 4 7.95 13.12 7.04
N PRO A 5 7.11 12.19 7.53
CA PRO A 5 7.59 10.98 8.20
C PRO A 5 8.19 9.97 7.22
N LYS A 6 8.59 8.82 7.74
CA LYS A 6 9.19 7.77 6.90
C LYS A 6 8.56 6.44 7.18
N PRO A 7 8.65 5.54 6.20
CA PRO A 7 8.06 4.22 6.33
C PRO A 7 8.62 3.43 7.51
N GLY A 8 8.08 2.24 7.73
CA GLY A 8 8.51 1.42 8.85
C GLY A 8 7.49 1.46 9.97
N ASP A 9 6.26 1.77 9.60
CA ASP A 9 5.15 1.91 10.52
C ASP A 9 3.98 2.42 9.73
N ILE A 10 3.22 3.30 10.32
CA ILE A 10 2.09 3.85 9.64
C ILE A 10 2.56 4.96 8.69
N PHE A 11 2.64 4.58 7.41
CA PHE A 11 3.07 5.48 6.35
C PHE A 11 1.97 5.63 5.30
N GLU A 12 1.82 6.81 4.72
CA GLU A 12 0.82 7.01 3.69
C GLU A 12 1.48 7.40 2.38
N VAL A 13 0.88 7.07 1.22
CA VAL A 13 1.52 7.42 -0.02
C VAL A 13 0.59 8.22 -0.89
N GLU A 14 0.91 9.47 -1.07
CA GLU A 14 0.09 10.33 -1.86
C GLU A 14 0.78 10.86 -3.11
N LEU A 15 0.12 10.69 -4.23
CA LEU A 15 0.56 11.19 -5.53
C LEU A 15 -0.64 11.64 -6.34
N ALA A 16 -0.46 12.64 -7.17
CA ALA A 16 -1.53 13.14 -8.00
C ALA A 16 -1.26 12.74 -9.42
N LYS A 17 -2.18 12.03 -10.05
CA LYS A 17 -1.95 11.58 -11.43
C LYS A 17 -1.31 12.70 -12.24
N ASN A 18 0.00 12.69 -12.26
CA ASN A 18 0.74 13.73 -12.97
C ASN A 18 1.92 13.15 -13.76
N ASP A 19 2.80 12.46 -13.07
CA ASP A 19 3.96 11.84 -13.69
C ASP A 19 3.94 10.36 -13.38
N ASN A 20 3.50 10.09 -12.18
CA ASN A 20 3.34 8.76 -11.67
C ASN A 20 2.50 8.83 -10.43
N SER A 21 1.83 7.74 -10.11
CA SER A 21 0.99 7.72 -8.94
C SER A 21 0.58 6.29 -8.67
N LEU A 22 1.55 5.41 -8.94
CA LEU A 22 1.40 3.98 -8.80
C LEU A 22 2.58 3.32 -9.49
N GLY A 23 2.60 2.00 -9.46
CA GLY A 23 3.65 1.26 -10.15
C GLY A 23 4.02 0.03 -9.40
N ILE A 24 3.03 -0.59 -8.79
CA ILE A 24 3.27 -1.77 -8.00
C ILE A 24 2.54 -2.98 -8.54
N SER A 25 3.13 -4.15 -8.31
CA SER A 25 2.55 -5.38 -8.74
C SER A 25 1.91 -6.04 -7.53
N VAL A 26 0.59 -6.16 -7.56
CA VAL A 26 -0.12 -6.74 -6.44
C VAL A 26 -0.48 -8.19 -6.69
N THR A 27 -0.69 -8.93 -5.61
CA THR A 27 -1.01 -10.35 -5.66
C THR A 27 0.28 -11.15 -5.89
N VAL A 28 1.40 -10.42 -5.95
CA VAL A 28 2.70 -11.02 -6.15
C VAL A 28 3.18 -11.74 -4.90
N LEU A 29 2.97 -11.12 -3.74
CA LEU A 29 3.35 -11.73 -2.49
C LEU A 29 2.10 -12.06 -1.72
N PHE A 30 1.01 -11.54 -2.23
CA PHE A 30 -0.29 -11.72 -1.65
C PHE A 30 -1.30 -12.17 -2.69
N ASP A 31 -2.56 -12.29 -2.30
CA ASP A 31 -3.61 -12.69 -3.21
C ASP A 31 -4.09 -11.48 -4.01
N LYS A 32 -4.37 -10.39 -3.29
CA LYS A 32 -4.83 -9.15 -3.92
C LYS A 32 -4.33 -7.93 -3.13
N GLY A 33 -3.08 -7.99 -2.67
CA GLY A 33 -2.54 -6.86 -1.90
C GLY A 33 -3.36 -6.62 -0.64
N GLY A 34 -4.23 -5.60 -0.69
CA GLY A 34 -5.08 -5.27 0.45
C GLY A 34 -5.90 -6.44 0.93
N VAL A 35 -6.51 -6.31 2.12
CA VAL A 35 -7.30 -7.37 2.72
C VAL A 35 -7.42 -7.06 4.20
N ASN A 36 -7.61 -8.07 5.01
CA ASN A 36 -7.64 -7.89 6.43
C ASN A 36 -6.95 -9.12 6.94
N THR A 37 -6.13 -9.66 6.03
CA THR A 37 -5.39 -10.87 6.21
C THR A 37 -5.63 -11.56 7.57
N SER A 38 -5.43 -10.81 8.65
CA SER A 38 -5.62 -11.36 9.99
C SER A 38 -5.41 -10.30 11.06
N VAL A 39 -5.83 -9.08 10.77
CA VAL A 39 -5.70 -7.97 11.68
C VAL A 39 -7.02 -7.23 11.78
N ARG A 40 -6.98 -5.93 12.05
CA ARG A 40 -8.21 -5.14 12.18
C ARG A 40 -8.17 -3.87 11.34
N HIS A 41 -7.05 -3.63 10.67
CA HIS A 41 -6.89 -2.45 9.83
C HIS A 41 -6.94 -2.82 8.36
N GLY A 42 -6.58 -4.07 8.09
CA GLY A 42 -6.54 -4.55 6.73
C GLY A 42 -5.26 -5.32 6.49
N GLY A 43 -4.36 -4.73 5.71
CA GLY A 43 -3.08 -5.36 5.47
C GLY A 43 -2.76 -5.76 4.03
N ILE A 44 -2.23 -4.82 3.25
CA ILE A 44 -1.84 -5.10 1.87
C ILE A 44 -0.44 -5.71 1.80
N TYR A 45 -0.34 -6.76 1.02
CA TYR A 45 0.95 -7.40 0.80
C TYR A 45 1.24 -7.45 -0.68
N VAL A 46 2.45 -7.03 -1.06
CA VAL A 46 2.75 -6.90 -2.46
C VAL A 46 4.25 -6.96 -2.80
N LYS A 47 4.59 -6.65 -4.07
CA LYS A 47 6.00 -6.58 -4.49
C LYS A 47 6.42 -5.14 -4.27
N ALA A 48 5.39 -4.33 -4.15
CA ALA A 48 5.45 -2.95 -3.88
C ALA A 48 5.75 -2.14 -5.13
N VAL A 49 6.52 -1.07 -5.00
CA VAL A 49 6.74 -0.19 -6.10
C VAL A 49 7.73 -0.62 -7.16
N ILE A 50 7.29 -0.32 -8.37
CA ILE A 50 8.03 -0.57 -9.60
C ILE A 50 9.50 -0.21 -9.44
N PRO A 51 10.37 -0.72 -10.31
CA PRO A 51 11.79 -0.44 -10.27
C PRO A 51 12.13 0.91 -10.88
N GLN A 52 11.28 1.33 -11.77
CA GLN A 52 11.44 2.60 -12.47
C GLN A 52 10.76 3.76 -11.76
N GLY A 53 10.42 3.58 -10.49
CA GLY A 53 9.79 4.64 -9.75
C GLY A 53 8.28 4.48 -9.62
N ALA A 54 7.56 5.14 -10.51
CA ALA A 54 6.10 5.09 -10.52
C ALA A 54 5.49 5.10 -9.11
N ALA A 55 4.90 3.99 -8.63
CA ALA A 55 4.33 3.96 -7.30
C ALA A 55 5.37 4.39 -6.31
N GLU A 56 6.58 3.98 -6.62
CA GLU A 56 7.76 4.30 -5.82
C GLU A 56 7.86 5.82 -5.68
N SER A 57 7.39 6.51 -6.70
CA SER A 57 7.33 7.97 -6.72
C SER A 57 6.13 8.33 -5.87
N ASP A 58 5.06 7.56 -6.06
CA ASP A 58 3.88 7.68 -5.25
C ASP A 58 4.31 7.42 -3.82
N GLY A 59 5.43 6.70 -3.71
CA GLY A 59 5.96 6.36 -2.41
C GLY A 59 5.11 5.32 -1.75
N ARG A 60 4.88 4.24 -2.49
CA ARG A 60 4.06 3.13 -2.01
C ARG A 60 4.95 1.94 -1.83
N ILE A 61 6.05 2.17 -1.15
CA ILE A 61 7.04 1.20 -0.92
C ILE A 61 6.76 0.30 0.24
N HIS A 62 7.12 -0.94 0.02
CA HIS A 62 7.02 -2.01 1.00
C HIS A 62 6.31 -3.20 0.39
N LYS A 63 7.08 -4.22 0.07
CA LYS A 63 6.53 -5.42 -0.52
C LYS A 63 6.01 -6.32 0.58
N GLY A 64 4.69 -6.47 0.67
CA GLY A 64 4.17 -7.31 1.74
C GLY A 64 4.20 -6.59 3.05
N ASP A 65 3.02 -6.21 3.51
CA ASP A 65 2.88 -5.47 4.77
C ASP A 65 1.41 -5.29 5.12
N ARG A 66 1.09 -4.43 6.12
CA ARG A 66 -0.32 -4.27 6.45
C ARG A 66 -0.84 -2.82 6.54
N VAL A 67 -1.64 -2.46 5.54
CA VAL A 67 -2.28 -1.22 5.40
C VAL A 67 -3.51 -0.99 6.21
N LEU A 68 -3.61 0.23 6.65
CA LEU A 68 -4.79 0.66 7.36
C LEU A 68 -5.83 1.04 6.30
N ALA A 69 -5.42 1.88 5.33
CA ALA A 69 -6.29 2.27 4.23
C ALA A 69 -5.51 2.18 2.94
N VAL A 70 -6.19 1.95 1.84
CA VAL A 70 -5.54 1.89 0.55
C VAL A 70 -6.17 2.89 -0.39
N ASN A 71 -5.37 3.50 -1.24
CA ASN A 71 -5.84 4.51 -2.18
C ASN A 71 -6.81 5.47 -1.51
N GLY A 72 -6.79 5.50 -0.18
CA GLY A 72 -7.69 6.39 0.54
C GLY A 72 -8.84 5.65 1.20
N VAL A 73 -9.20 4.48 0.69
CA VAL A 73 -10.26 3.71 1.30
C VAL A 73 -9.66 2.85 2.39
N SER A 74 -10.37 2.70 3.49
CA SER A 74 -9.84 1.89 4.57
C SER A 74 -10.06 0.45 4.20
N LEU A 75 -8.98 -0.31 3.99
CA LEU A 75 -9.13 -1.66 3.62
C LEU A 75 -8.99 -2.48 4.85
N GLU A 76 -10.03 -2.52 5.62
CA GLU A 76 -10.00 -3.29 6.82
C GLU A 76 -10.56 -4.67 6.52
N GLY A 77 -10.28 -5.14 5.31
CA GLY A 77 -10.78 -6.40 4.86
C GLY A 77 -11.83 -6.21 3.79
N ALA A 78 -11.91 -4.96 3.30
CA ALA A 78 -12.86 -4.60 2.27
C ALA A 78 -12.36 -5.05 0.93
N THR A 79 -11.12 -4.65 0.55
CA THR A 79 -10.58 -5.01 -0.72
C THR A 79 -11.64 -5.39 -1.68
N HIS A 80 -11.83 -6.69 -1.84
CA HIS A 80 -12.82 -7.18 -2.76
C HIS A 80 -13.18 -6.06 -3.73
N LYS A 81 -14.03 -5.15 -3.29
CA LYS A 81 -14.37 -4.00 -4.10
C LYS A 81 -13.36 -2.84 -4.01
N GLN A 82 -13.23 -2.29 -2.80
CA GLN A 82 -12.42 -1.09 -2.53
C GLN A 82 -10.92 -1.21 -2.59
N ALA A 83 -10.36 -2.10 -1.83
CA ALA A 83 -8.91 -2.13 -1.79
C ALA A 83 -8.27 -2.75 -2.98
N VAL A 84 -8.74 -3.89 -3.33
CA VAL A 84 -8.21 -4.58 -4.47
C VAL A 84 -8.45 -3.76 -5.72
N GLU A 85 -9.67 -3.26 -5.83
CA GLU A 85 -10.01 -2.44 -6.98
C GLU A 85 -9.19 -1.19 -7.00
N THR A 86 -8.90 -0.67 -5.81
CA THR A 86 -8.21 0.58 -5.74
C THR A 86 -6.73 0.44 -6.10
N LEU A 87 -6.11 -0.66 -5.68
CA LEU A 87 -4.71 -0.89 -6.03
C LEU A 87 -4.58 -0.94 -7.54
N ARG A 88 -5.60 -1.53 -8.14
CA ARG A 88 -5.67 -1.66 -9.59
C ARG A 88 -6.08 -0.37 -10.24
N ASN A 89 -6.86 0.43 -9.55
CA ASN A 89 -7.32 1.66 -10.13
C ASN A 89 -6.50 2.87 -9.70
N THR A 90 -5.55 2.63 -8.82
CA THR A 90 -4.67 3.69 -8.33
C THR A 90 -4.14 4.54 -9.48
N GLY A 91 -3.38 5.57 -9.13
CA GLY A 91 -2.81 6.43 -10.16
C GLY A 91 -3.55 7.74 -10.32
N GLN A 92 -4.82 7.70 -10.78
CA GLN A 92 -5.61 8.92 -10.97
C GLN A 92 -5.24 9.95 -9.92
N VAL A 93 -5.09 9.46 -8.71
CA VAL A 93 -4.71 10.19 -7.59
C VAL A 93 -4.78 9.26 -6.42
N VAL A 94 -3.63 8.89 -5.90
CA VAL A 94 -3.59 7.92 -4.89
C VAL A 94 -3.08 8.44 -3.57
N HIS A 95 -3.78 8.02 -2.58
CA HIS A 95 -3.44 8.30 -1.20
C HIS A 95 -3.54 7.04 -0.36
N LEU A 96 -2.43 6.56 0.18
CA LEU A 96 -2.43 5.37 0.92
C LEU A 96 -1.91 5.46 2.30
N LEU A 97 -2.64 4.82 3.19
CA LEU A 97 -2.20 4.71 4.56
C LEU A 97 -1.85 3.26 4.84
N LEU A 98 -0.57 3.01 5.07
CA LEU A 98 -0.07 1.67 5.33
C LEU A 98 0.39 1.51 6.76
N GLU A 99 0.34 0.27 7.24
CA GLU A 99 0.80 -0.01 8.59
C GLU A 99 1.82 -1.15 8.61
N LYS A 100 3.03 -0.81 9.01
CA LYS A 100 4.12 -1.76 9.09
C LYS A 100 3.86 -2.83 10.14
N GLY A 101 3.67 -4.05 9.67
CA GLY A 101 3.43 -5.15 10.56
C GLY A 101 3.98 -6.45 10.03
N GLN A 102 5.10 -6.35 9.33
CA GLN A 102 5.75 -7.51 8.74
C GLN A 102 6.82 -8.07 9.67
N SER A 103 6.63 -7.90 10.97
CA SER A 103 7.57 -8.41 11.97
C SER A 103 7.75 -9.92 11.84
N PRO A 104 8.92 -10.38 11.36
CA PRO A 104 9.21 -11.80 11.19
C PRO A 104 9.30 -12.53 12.51
N THR A 105 9.42 -13.84 12.40
CA THR A 105 9.47 -14.67 13.57
C THR A 105 10.61 -14.25 14.50
N SER A 106 11.66 -13.68 13.92
CA SER A 106 12.81 -13.24 14.70
C SER A 106 13.48 -14.42 15.40
N LYS A 107 13.38 -15.60 14.79
CA LYS A 107 13.97 -16.80 15.36
C LYS A 107 14.61 -17.66 14.27
N GLU A 108 13.80 -18.07 13.30
CA GLU A 108 14.29 -18.89 12.20
C GLU A 108 15.08 -18.06 11.21
N GLY A 1 2.91 20.04 9.07
CA GLY A 1 3.62 19.63 10.31
C GLY A 1 3.05 18.35 10.91
N SER A 2 3.87 17.65 11.69
CA SER A 2 3.43 16.40 12.32
C SER A 2 3.02 15.38 11.27
N SER A 3 3.95 14.49 10.93
CA SER A 3 3.68 13.45 9.93
C SER A 3 4.80 12.40 9.93
N PRO A 4 4.46 11.16 9.57
CA PRO A 4 5.43 10.06 9.52
C PRO A 4 6.69 10.43 8.73
N PRO A 5 7.81 10.68 9.43
CA PRO A 5 9.08 11.05 8.79
C PRO A 5 9.47 10.06 7.68
N LYS A 6 9.51 8.79 8.02
CA LYS A 6 9.85 7.74 7.07
C LYS A 6 9.13 6.47 7.34
N PRO A 7 9.07 5.59 6.33
CA PRO A 7 8.35 4.34 6.44
C PRO A 7 8.88 3.46 7.57
N GLY A 8 8.23 2.33 7.79
CA GLY A 8 8.62 1.43 8.85
C GLY A 8 7.60 1.42 9.97
N ASP A 9 6.36 1.72 9.60
CA ASP A 9 5.25 1.79 10.52
C ASP A 9 4.07 2.29 9.73
N ILE A 10 3.34 3.20 10.31
CA ILE A 10 2.21 3.75 9.63
C ILE A 10 2.68 4.81 8.63
N PHE A 11 2.73 4.39 7.37
CA PHE A 11 3.15 5.25 6.27
C PHE A 11 2.03 5.42 5.26
N GLU A 12 1.84 6.63 4.73
CA GLU A 12 0.81 6.87 3.74
C GLU A 12 1.46 7.23 2.40
N VAL A 13 0.81 6.92 1.26
CA VAL A 13 1.44 7.25 0.01
C VAL A 13 0.47 8.03 -0.85
N GLU A 14 0.78 9.30 -1.03
CA GLU A 14 -0.07 10.16 -1.80
C GLU A 14 0.62 10.71 -3.06
N LEU A 15 -0.04 10.53 -4.17
CA LEU A 15 0.39 11.07 -5.47
C LEU A 15 -0.83 11.47 -6.28
N ALA A 16 -0.67 12.49 -7.11
CA ALA A 16 -1.74 12.96 -7.95
C ALA A 16 -1.41 12.61 -9.38
N LYS A 17 -2.30 11.87 -10.04
CA LYS A 17 -2.03 11.48 -11.42
C LYS A 17 -1.38 12.61 -12.19
N ASN A 18 -0.06 12.63 -12.16
CA ASN A 18 0.69 13.69 -12.84
C ASN A 18 1.87 13.12 -13.64
N ASP A 19 2.76 12.44 -12.94
CA ASP A 19 3.92 11.82 -13.57
C ASP A 19 3.88 10.35 -13.29
N ASN A 20 3.45 10.06 -12.08
CA ASN A 20 3.28 8.72 -11.59
C ASN A 20 2.46 8.80 -10.34
N SER A 21 1.78 7.72 -10.01
CA SER A 21 0.97 7.72 -8.82
C SER A 21 0.58 6.29 -8.52
N LEU A 22 1.53 5.42 -8.82
CA LEU A 22 1.39 3.98 -8.67
C LEU A 22 2.55 3.32 -9.40
N GLY A 23 2.59 2.00 -9.35
CA GLY A 23 3.63 1.28 -10.08
C GLY A 23 4.03 0.04 -9.35
N ILE A 24 3.06 -0.60 -8.75
CA ILE A 24 3.33 -1.79 -7.99
C ILE A 24 2.59 -3.01 -8.50
N SER A 25 3.19 -4.17 -8.30
CA SER A 25 2.59 -5.41 -8.70
C SER A 25 1.95 -6.05 -7.49
N VAL A 26 0.63 -6.15 -7.52
CA VAL A 26 -0.09 -6.71 -6.39
C VAL A 26 -0.47 -8.15 -6.62
N THR A 27 -0.70 -8.86 -5.53
CA THR A 27 -1.03 -10.28 -5.57
C THR A 27 0.24 -11.10 -5.81
N VAL A 28 1.37 -10.39 -5.86
CA VAL A 28 2.67 -11.00 -6.07
C VAL A 28 3.14 -11.69 -4.80
N LEU A 29 2.91 -11.06 -3.65
CA LEU A 29 3.30 -11.64 -2.39
C LEU A 29 2.05 -12.01 -1.63
N PHE A 30 0.95 -11.49 -2.13
CA PHE A 30 -0.34 -11.72 -1.55
C PHE A 30 -1.34 -12.16 -2.62
N ASP A 31 -2.60 -12.28 -2.24
CA ASP A 31 -3.64 -12.71 -3.17
C ASP A 31 -4.26 -11.50 -3.88
N LYS A 32 -4.03 -10.30 -3.34
CA LYS A 32 -4.56 -9.07 -3.92
C LYS A 32 -4.13 -7.85 -3.11
N GLY A 33 -2.91 -7.85 -2.60
CA GLY A 33 -2.45 -6.72 -1.81
C GLY A 33 -3.37 -6.48 -0.63
N GLY A 34 -4.24 -5.47 -0.74
CA GLY A 34 -5.18 -5.13 0.32
C GLY A 34 -6.02 -6.31 0.76
N VAL A 35 -6.67 -6.17 1.93
CA VAL A 35 -7.49 -7.24 2.50
C VAL A 35 -7.59 -6.96 3.99
N ASN A 36 -7.69 -7.98 4.80
CA ASN A 36 -7.69 -7.84 6.22
C ASN A 36 -6.82 -8.96 6.69
N THR A 37 -6.01 -9.41 5.73
CA THR A 37 -5.11 -10.53 5.85
C THR A 37 -5.17 -11.20 7.23
N SER A 38 -4.97 -10.42 8.28
CA SER A 38 -5.00 -10.94 9.64
C SER A 38 -4.71 -9.83 10.64
N VAL A 39 -5.50 -8.79 10.56
CA VAL A 39 -5.36 -7.64 11.43
C VAL A 39 -6.69 -6.89 11.51
N ARG A 40 -6.72 -5.78 12.23
CA ARG A 40 -7.94 -5.00 12.37
C ARG A 40 -7.87 -3.69 11.61
N HIS A 41 -7.13 -3.69 10.51
CA HIS A 41 -6.99 -2.49 9.69
C HIS A 41 -7.01 -2.83 8.21
N GLY A 42 -6.57 -4.03 7.90
CA GLY A 42 -6.50 -4.47 6.54
C GLY A 42 -5.30 -5.35 6.31
N GLY A 43 -4.30 -4.83 5.62
CA GLY A 43 -3.08 -5.60 5.42
C GLY A 43 -2.66 -5.89 3.99
N ILE A 44 -2.29 -4.85 3.22
CA ILE A 44 -1.82 -5.07 1.85
C ILE A 44 -0.44 -5.69 1.81
N TYR A 45 -0.32 -6.74 1.04
CA TYR A 45 0.95 -7.42 0.84
C TYR A 45 1.26 -7.47 -0.64
N VAL A 46 2.47 -7.03 -1.00
CA VAL A 46 2.80 -6.90 -2.40
C VAL A 46 4.30 -7.01 -2.73
N LYS A 47 4.64 -6.70 -4.00
CA LYS A 47 6.05 -6.65 -4.43
C LYS A 47 6.48 -5.21 -4.24
N ALA A 48 5.44 -4.39 -4.16
CA ALA A 48 5.50 -3.01 -3.93
C ALA A 48 5.81 -2.21 -5.18
N VAL A 49 6.59 -1.15 -5.05
CA VAL A 49 6.85 -0.27 -6.16
C VAL A 49 7.83 -0.72 -7.20
N ILE A 50 7.38 -0.41 -8.42
CA ILE A 50 8.10 -0.66 -9.65
C ILE A 50 9.57 -0.26 -9.50
N PRO A 51 10.45 -0.73 -10.40
CA PRO A 51 11.87 -0.42 -10.35
C PRO A 51 12.20 0.94 -10.92
N GLN A 52 11.38 1.36 -11.83
CA GLN A 52 11.53 2.64 -12.51
C GLN A 52 10.76 3.76 -11.82
N GLY A 53 10.48 3.60 -10.53
CA GLY A 53 9.78 4.63 -9.79
C GLY A 53 8.28 4.41 -9.68
N ALA A 54 7.51 5.13 -10.50
CA ALA A 54 6.07 5.03 -10.51
C ALA A 54 5.48 5.07 -9.09
N ALA A 55 4.89 3.97 -8.59
CA ALA A 55 4.32 3.97 -7.24
C ALA A 55 5.39 4.40 -6.28
N GLU A 56 6.60 4.00 -6.61
CA GLU A 56 7.77 4.34 -5.83
C GLU A 56 7.85 5.86 -5.71
N SER A 57 7.33 6.52 -6.75
CA SER A 57 7.21 7.96 -6.80
C SER A 57 6.01 8.32 -5.95
N ASP A 58 4.95 7.51 -6.11
CA ASP A 58 3.78 7.65 -5.28
C ASP A 58 4.24 7.45 -3.86
N GLY A 59 5.38 6.76 -3.73
CA GLY A 59 5.94 6.49 -2.42
C GLY A 59 5.11 5.46 -1.72
N ARG A 60 4.90 4.34 -2.41
CA ARG A 60 4.12 3.24 -1.88
C ARG A 60 5.01 2.03 -1.77
N ILE A 61 6.09 2.21 -1.04
CA ILE A 61 7.06 1.22 -0.89
C ILE A 61 6.84 0.31 0.29
N HIS A 62 7.15 -0.94 0.01
CA HIS A 62 7.10 -2.02 0.98
C HIS A 62 6.37 -3.20 0.38
N LYS A 63 7.12 -4.24 0.06
CA LYS A 63 6.56 -5.44 -0.52
C LYS A 63 6.05 -6.34 0.58
N GLY A 64 4.73 -6.48 0.68
CA GLY A 64 4.20 -7.31 1.74
C GLY A 64 4.20 -6.56 3.04
N ASP A 65 3.03 -6.23 3.51
CA ASP A 65 2.88 -5.48 4.75
C ASP A 65 1.40 -5.27 5.09
N ARG A 66 1.09 -4.42 6.09
CA ARG A 66 -0.32 -4.25 6.42
C ARG A 66 -0.84 -2.80 6.53
N VAL A 67 -1.65 -2.43 5.54
CA VAL A 67 -2.30 -1.19 5.42
C VAL A 67 -3.56 -1.05 6.20
N LEU A 68 -3.72 0.14 6.72
CA LEU A 68 -4.93 0.47 7.42
C LEU A 68 -5.96 0.92 6.39
N ALA A 69 -5.55 1.83 5.48
CA ALA A 69 -6.44 2.29 4.43
C ALA A 69 -5.70 2.29 3.12
N VAL A 70 -6.39 2.02 2.04
CA VAL A 70 -5.78 2.03 0.72
C VAL A 70 -6.54 3.01 -0.16
N ASN A 71 -5.81 3.70 -1.02
CA ASN A 71 -6.39 4.71 -1.89
C ASN A 71 -7.24 5.67 -1.07
N GLY A 72 -7.06 5.65 0.25
CA GLY A 72 -7.84 6.52 1.10
C GLY A 72 -8.95 5.77 1.80
N VAL A 73 -9.34 4.63 1.24
CA VAL A 73 -10.38 3.81 1.83
C VAL A 73 -9.74 2.90 2.86
N SER A 74 -10.41 2.66 3.96
CA SER A 74 -9.85 1.76 4.96
C SER A 74 -10.09 0.35 4.48
N LEU A 75 -9.02 -0.39 4.18
CA LEU A 75 -9.20 -1.71 3.71
C LEU A 75 -9.07 -2.63 4.87
N GLU A 76 -10.10 -2.69 5.65
CA GLU A 76 -10.08 -3.55 6.79
C GLU A 76 -10.67 -4.89 6.40
N GLY A 77 -10.40 -5.29 5.16
CA GLY A 77 -10.94 -6.50 4.62
C GLY A 77 -11.98 -6.20 3.58
N ALA A 78 -12.05 -4.92 3.21
CA ALA A 78 -12.99 -4.47 2.21
C ALA A 78 -12.54 -4.90 0.84
N THR A 79 -11.29 -4.57 0.46
CA THR A 79 -10.78 -4.93 -0.83
C THR A 79 -11.87 -5.19 -1.78
N HIS A 80 -12.16 -6.47 -1.99
CA HIS A 80 -13.20 -6.84 -2.92
C HIS A 80 -13.48 -5.66 -3.84
N LYS A 81 -14.25 -4.71 -3.36
CA LYS A 81 -14.51 -3.51 -4.14
C LYS A 81 -13.42 -2.43 -4.00
N GLN A 82 -13.25 -1.95 -2.76
CA GLN A 82 -12.36 -0.82 -2.44
C GLN A 82 -10.87 -1.03 -2.51
N ALA A 83 -10.36 -2.01 -1.80
CA ALA A 83 -8.91 -2.15 -1.76
C ALA A 83 -8.32 -2.76 -2.98
N VAL A 84 -8.90 -3.83 -3.41
CA VAL A 84 -8.43 -4.49 -4.59
C VAL A 84 -8.58 -3.57 -5.77
N GLU A 85 -9.70 -2.86 -5.79
CA GLU A 85 -9.96 -1.93 -6.88
C GLU A 85 -8.92 -0.84 -6.93
N THR A 86 -8.48 -0.39 -5.77
CA THR A 86 -7.54 0.70 -5.75
C THR A 86 -6.19 0.30 -6.29
N LEU A 87 -5.76 -0.91 -5.98
CA LEU A 87 -4.48 -1.41 -6.47
C LEU A 87 -4.51 -1.44 -7.98
N ARG A 88 -5.66 -1.84 -8.50
CA ARG A 88 -5.88 -1.91 -9.94
C ARG A 88 -6.11 -0.55 -10.55
N ASN A 89 -6.70 0.37 -9.80
CA ASN A 89 -6.99 1.67 -10.35
C ASN A 89 -6.02 2.75 -9.90
N THR A 90 -5.17 2.40 -8.95
CA THR A 90 -4.17 3.33 -8.40
C THR A 90 -3.59 4.20 -9.52
N GLY A 91 -3.07 5.36 -9.15
CA GLY A 91 -2.49 6.24 -10.16
C GLY A 91 -3.35 7.47 -10.42
N GLN A 92 -4.61 7.27 -10.83
CA GLN A 92 -5.51 8.40 -11.11
C GLN A 92 -5.28 9.48 -10.08
N VAL A 93 -5.04 9.04 -8.86
CA VAL A 93 -4.75 9.83 -7.75
C VAL A 93 -4.85 8.95 -6.54
N VAL A 94 -3.71 8.59 -6.01
CA VAL A 94 -3.69 7.67 -4.93
C VAL A 94 -3.18 8.26 -3.64
N HIS A 95 -3.90 7.89 -2.64
CA HIS A 95 -3.60 8.23 -1.26
C HIS A 95 -3.71 7.00 -0.37
N LEU A 96 -2.61 6.58 0.22
CA LEU A 96 -2.62 5.41 1.02
C LEU A 96 -2.06 5.54 2.39
N LEU A 97 -2.74 4.88 3.30
CA LEU A 97 -2.29 4.78 4.66
C LEU A 97 -1.93 3.33 4.95
N LEU A 98 -0.65 3.09 5.18
CA LEU A 98 -0.13 1.73 5.43
C LEU A 98 0.36 1.57 6.84
N GLU A 99 0.31 0.33 7.31
CA GLU A 99 0.81 0.02 8.64
C GLU A 99 1.81 -1.12 8.62
N LYS A 100 3.05 -0.76 8.88
CA LYS A 100 4.15 -1.71 8.90
C LYS A 100 4.01 -2.71 10.03
N GLY A 101 3.77 -3.96 9.66
CA GLY A 101 3.63 -5.01 10.65
C GLY A 101 3.86 -6.38 10.08
N GLN A 102 4.83 -6.47 9.18
CA GLN A 102 5.16 -7.73 8.52
C GLN A 102 5.72 -8.73 9.52
N SER A 103 6.15 -9.88 9.01
CA SER A 103 6.72 -10.93 9.85
C SER A 103 7.19 -12.12 9.00
N PRO A 104 8.42 -12.06 8.50
CA PRO A 104 8.99 -13.13 7.67
C PRO A 104 8.95 -14.47 8.34
N THR A 105 9.23 -15.49 7.55
CA THR A 105 9.20 -16.83 8.05
C THR A 105 10.19 -17.04 9.20
N SER A 106 11.48 -17.01 8.86
CA SER A 106 12.53 -17.19 9.85
C SER A 106 13.90 -16.85 9.25
N LYS A 107 14.04 -15.62 8.77
CA LYS A 107 15.30 -15.17 8.18
C LYS A 107 15.63 -15.98 6.92
N GLU A 108 15.07 -15.55 5.79
CA GLU A 108 15.31 -16.24 4.53
C GLU A 108 16.45 -15.58 3.75
N GLY A 1 6.94 19.82 12.86
CA GLY A 1 8.38 20.13 12.95
C GLY A 1 9.21 18.94 13.38
N SER A 2 8.87 18.35 14.52
CA SER A 2 9.59 17.19 15.04
C SER A 2 8.80 15.92 14.80
N SER A 3 9.01 15.29 13.64
CA SER A 3 8.32 14.06 13.29
C SER A 3 8.81 13.53 11.95
N PRO A 4 9.87 12.70 11.97
CA PRO A 4 10.43 12.11 10.75
C PRO A 4 9.36 11.49 9.84
N PRO A 5 9.03 12.18 8.73
CA PRO A 5 8.01 11.70 7.79
C PRO A 5 8.54 10.58 6.89
N LYS A 6 8.97 9.49 7.51
CA LYS A 6 9.50 8.34 6.76
C LYS A 6 8.80 7.07 7.14
N PRO A 7 8.85 6.08 6.25
CA PRO A 7 8.19 4.83 6.47
C PRO A 7 8.72 4.08 7.70
N GLY A 8 8.28 2.84 7.87
CA GLY A 8 8.70 2.06 9.00
C GLY A 8 7.64 2.02 10.07
N ASP A 9 6.39 2.25 9.64
CA ASP A 9 5.25 2.28 10.53
C ASP A 9 4.07 2.74 9.71
N ILE A 10 3.26 3.56 10.30
CA ILE A 10 2.11 4.07 9.60
C ILE A 10 2.54 5.20 8.67
N PHE A 11 2.67 4.85 7.40
CA PHE A 11 3.08 5.78 6.36
C PHE A 11 1.98 5.90 5.31
N GLU A 12 1.80 7.07 4.71
CA GLU A 12 0.78 7.23 3.68
C GLU A 12 1.44 7.60 2.35
N VAL A 13 0.83 7.24 1.20
CA VAL A 13 1.44 7.57 -0.05
C VAL A 13 0.49 8.34 -0.93
N GLU A 14 0.79 9.60 -1.13
CA GLU A 14 -0.05 10.43 -1.93
C GLU A 14 0.64 10.94 -3.19
N LEU A 15 -0.01 10.71 -4.31
CA LEU A 15 0.44 11.20 -5.62
C LEU A 15 -0.77 11.57 -6.45
N ALA A 16 -0.62 12.60 -7.28
CA ALA A 16 -1.69 13.04 -8.13
C ALA A 16 -1.36 12.64 -9.54
N LYS A 17 -2.25 11.88 -10.18
CA LYS A 17 -1.98 11.43 -11.54
C LYS A 17 -1.33 12.55 -12.35
N ASN A 18 -0.02 12.57 -12.32
CA ASN A 18 0.74 13.61 -13.03
C ASN A 18 1.91 13.02 -13.80
N ASP A 19 2.80 12.36 -13.09
CA ASP A 19 3.96 11.73 -13.70
C ASP A 19 3.93 10.27 -13.40
N ASN A 20 3.49 9.99 -12.20
CA ASN A 20 3.31 8.66 -11.71
C ASN A 20 2.50 8.74 -10.45
N SER A 21 1.83 7.66 -10.11
CA SER A 21 1.01 7.67 -8.92
C SER A 21 0.61 6.23 -8.61
N LEU A 22 1.55 5.34 -8.89
CA LEU A 22 1.40 3.92 -8.74
C LEU A 22 2.53 3.24 -9.47
N GLY A 23 2.56 1.91 -9.42
CA GLY A 23 3.56 1.16 -10.15
C GLY A 23 3.96 -0.07 -9.41
N ILE A 24 2.99 -0.69 -8.78
CA ILE A 24 3.25 -1.87 -8.00
C ILE A 24 2.53 -3.10 -8.52
N SER A 25 3.12 -4.26 -8.27
CA SER A 25 2.54 -5.51 -8.68
C SER A 25 1.92 -6.16 -7.46
N VAL A 26 0.60 -6.30 -7.48
CA VAL A 26 -0.09 -6.86 -6.33
C VAL A 26 -0.44 -8.32 -6.55
N THR A 27 -0.64 -9.03 -5.43
CA THR A 27 -0.96 -10.46 -5.45
C THR A 27 0.32 -11.25 -5.67
N VAL A 28 1.44 -10.53 -5.70
CA VAL A 28 2.75 -11.13 -5.90
C VAL A 28 3.28 -11.75 -4.61
N LEU A 29 3.03 -11.08 -3.48
CA LEU A 29 3.46 -11.59 -2.20
C LEU A 29 2.25 -11.94 -1.37
N PHE A 30 1.12 -11.47 -1.86
CA PHE A 30 -0.15 -11.70 -1.23
C PHE A 30 -1.11 -12.33 -2.24
N ASP A 31 -2.40 -12.30 -1.92
CA ASP A 31 -3.42 -12.85 -2.82
C ASP A 31 -4.13 -11.71 -3.56
N LYS A 32 -3.91 -10.48 -3.11
CA LYS A 32 -4.52 -9.31 -3.72
C LYS A 32 -4.12 -8.04 -2.98
N GLY A 33 -2.88 -7.98 -2.51
CA GLY A 33 -2.43 -6.80 -1.78
C GLY A 33 -3.39 -6.48 -0.65
N GLY A 34 -4.24 -5.47 -0.86
CA GLY A 34 -5.22 -5.08 0.15
C GLY A 34 -6.07 -6.24 0.61
N VAL A 35 -6.61 -6.16 1.83
CA VAL A 35 -7.42 -7.21 2.41
C VAL A 35 -7.31 -7.05 3.90
N ASN A 36 -7.70 -8.05 4.65
CA ASN A 36 -7.55 -8.01 6.06
C ASN A 36 -7.20 -9.41 6.44
N THR A 37 -6.61 -10.07 5.42
CA THR A 37 -6.25 -11.46 5.47
C THR A 37 -6.43 -12.09 6.86
N SER A 38 -5.81 -11.48 7.88
CA SER A 38 -5.91 -11.98 9.24
C SER A 38 -5.52 -10.92 10.27
N VAL A 39 -6.32 -9.88 10.36
CA VAL A 39 -6.10 -8.79 11.28
C VAL A 39 -7.35 -7.92 11.39
N ARG A 40 -7.27 -6.81 12.11
CA ARG A 40 -8.43 -5.93 12.29
C ARG A 40 -8.19 -4.56 11.65
N HIS A 41 -7.31 -4.49 10.66
CA HIS A 41 -7.01 -3.24 9.98
C HIS A 41 -6.93 -3.41 8.48
N GLY A 42 -6.61 -4.62 8.07
CA GLY A 42 -6.44 -4.91 6.68
C GLY A 42 -5.09 -5.54 6.43
N GLY A 43 -4.21 -4.80 5.79
CA GLY A 43 -2.86 -5.30 5.59
C GLY A 43 -2.47 -5.75 4.18
N ILE A 44 -2.21 -4.78 3.30
CA ILE A 44 -1.76 -5.07 1.93
C ILE A 44 -0.35 -5.65 1.88
N TYR A 45 -0.21 -6.70 1.13
CA TYR A 45 1.10 -7.32 0.92
C TYR A 45 1.38 -7.39 -0.57
N VAL A 46 2.57 -7.00 -0.98
CA VAL A 46 2.86 -6.91 -2.38
C VAL A 46 4.34 -6.97 -2.75
N LYS A 47 4.65 -6.69 -4.03
CA LYS A 47 6.05 -6.63 -4.49
C LYS A 47 6.49 -5.20 -4.28
N ALA A 48 5.46 -4.39 -4.16
CA ALA A 48 5.54 -3.01 -3.90
C ALA A 48 5.78 -2.20 -5.16
N VAL A 49 6.54 -1.13 -5.05
CA VAL A 49 6.74 -0.24 -6.15
C VAL A 49 7.71 -0.67 -7.23
N ILE A 50 7.23 -0.39 -8.44
CA ILE A 50 7.95 -0.63 -9.67
C ILE A 50 9.44 -0.29 -9.52
N PRO A 51 10.30 -0.78 -10.42
CA PRO A 51 11.72 -0.52 -10.36
C PRO A 51 12.09 0.84 -10.93
N GLN A 52 11.24 1.29 -11.81
CA GLN A 52 11.45 2.58 -12.47
C GLN A 52 10.73 3.74 -11.78
N GLY A 53 10.36 3.54 -10.52
CA GLY A 53 9.70 4.61 -9.78
C GLY A 53 8.20 4.42 -9.65
N ALA A 54 7.45 5.05 -10.53
CA ALA A 54 5.99 4.96 -10.53
C ALA A 54 5.40 5.00 -9.11
N ALA A 55 4.82 3.89 -8.61
CA ALA A 55 4.25 3.89 -7.27
C ALA A 55 5.31 4.35 -6.29
N GLU A 56 6.52 3.95 -6.62
CA GLU A 56 7.69 4.30 -5.83
C GLU A 56 7.78 5.82 -5.72
N SER A 57 7.30 6.49 -6.76
CA SER A 57 7.21 7.94 -6.81
C SER A 57 6.01 8.31 -5.99
N ASP A 58 4.95 7.52 -6.14
CA ASP A 58 3.76 7.67 -5.34
C ASP A 58 4.20 7.48 -3.89
N GLY A 59 5.33 6.77 -3.76
CA GLY A 59 5.88 6.50 -2.45
C GLY A 59 5.06 5.47 -1.72
N ARG A 60 4.82 4.35 -2.40
CA ARG A 60 4.06 3.25 -1.85
C ARG A 60 4.96 2.06 -1.75
N ILE A 61 6.07 2.26 -1.06
CA ILE A 61 7.05 1.28 -0.92
C ILE A 61 6.88 0.37 0.26
N HIS A 62 7.20 -0.87 0.00
CA HIS A 62 7.19 -1.95 0.96
C HIS A 62 6.46 -3.15 0.38
N LYS A 63 7.23 -4.16 0.05
CA LYS A 63 6.67 -5.39 -0.51
C LYS A 63 6.17 -6.28 0.61
N GLY A 64 4.86 -6.43 0.71
CA GLY A 64 4.34 -7.26 1.78
C GLY A 64 4.37 -6.50 3.09
N ASP A 65 3.20 -6.05 3.50
CA ASP A 65 3.08 -5.28 4.73
C ASP A 65 1.61 -5.12 5.12
N ARG A 66 1.30 -4.27 6.11
CA ARG A 66 -0.10 -4.13 6.47
C ARG A 66 -0.62 -2.67 6.57
N VAL A 67 -1.44 -2.32 5.59
CA VAL A 67 -2.10 -1.07 5.45
C VAL A 67 -3.32 -0.88 6.28
N LEU A 68 -3.45 0.32 6.77
CA LEU A 68 -4.62 0.70 7.50
C LEU A 68 -5.69 1.08 6.48
N ALA A 69 -5.33 1.97 5.53
CA ALA A 69 -6.25 2.36 4.47
C ALA A 69 -5.52 2.32 3.15
N VAL A 70 -6.24 2.07 2.07
CA VAL A 70 -5.66 2.07 0.75
C VAL A 70 -6.40 3.06 -0.12
N ASN A 71 -5.66 3.72 -1.00
CA ASN A 71 -6.24 4.75 -1.87
C ASN A 71 -7.11 5.70 -1.07
N GLY A 72 -6.94 5.70 0.24
CA GLY A 72 -7.75 6.57 1.08
C GLY A 72 -8.86 5.82 1.79
N VAL A 73 -9.25 4.67 1.24
CA VAL A 73 -10.28 3.87 1.86
C VAL A 73 -9.62 2.96 2.88
N SER A 74 -10.27 2.73 4.00
CA SER A 74 -9.70 1.87 5.01
C SER A 74 -9.95 0.45 4.55
N LEU A 75 -8.87 -0.29 4.26
CA LEU A 75 -9.03 -1.62 3.80
C LEU A 75 -8.94 -2.52 4.99
N GLU A 76 -10.00 -2.55 5.73
CA GLU A 76 -10.03 -3.37 6.89
C GLU A 76 -10.63 -4.72 6.55
N GLY A 77 -10.43 -5.13 5.29
CA GLY A 77 -10.99 -6.35 4.80
C GLY A 77 -12.08 -6.08 3.79
N ALA A 78 -12.04 -4.88 3.23
CA ALA A 78 -13.02 -4.45 2.24
C ALA A 78 -12.59 -4.89 0.86
N THR A 79 -11.36 -4.55 0.46
CA THR A 79 -10.87 -4.90 -0.85
C THR A 79 -11.98 -5.10 -1.80
N HIS A 80 -12.31 -6.37 -2.03
CA HIS A 80 -13.36 -6.71 -2.95
C HIS A 80 -13.59 -5.51 -3.87
N LYS A 81 -14.33 -4.54 -3.39
CA LYS A 81 -14.55 -3.33 -4.14
C LYS A 81 -13.43 -2.28 -4.00
N GLN A 82 -13.26 -1.82 -2.75
CA GLN A 82 -12.33 -0.72 -2.41
C GLN A 82 -10.85 -0.97 -2.46
N ALA A 83 -10.37 -1.98 -1.76
CA ALA A 83 -8.92 -2.16 -1.71
C ALA A 83 -8.34 -2.77 -2.95
N VAL A 84 -8.95 -3.80 -3.39
CA VAL A 84 -8.49 -4.45 -4.58
C VAL A 84 -8.61 -3.51 -5.75
N GLU A 85 -9.71 -2.78 -5.77
CA GLU A 85 -9.94 -1.83 -6.85
C GLU A 85 -8.87 -0.76 -6.87
N THR A 86 -8.44 -0.35 -5.70
CA THR A 86 -7.47 0.73 -5.64
C THR A 86 -6.14 0.31 -6.23
N LEU A 87 -5.74 -0.92 -5.98
CA LEU A 87 -4.48 -1.43 -6.52
C LEU A 87 -4.56 -1.42 -8.03
N ARG A 88 -5.74 -1.79 -8.52
CA ARG A 88 -6.00 -1.83 -9.96
C ARG A 88 -6.24 -0.46 -10.54
N ASN A 89 -6.79 0.45 -9.75
CA ASN A 89 -7.09 1.76 -10.28
C ASN A 89 -6.11 2.84 -9.84
N THR A 90 -5.27 2.50 -8.89
CA THR A 90 -4.27 3.44 -8.38
C THR A 90 -3.69 4.29 -9.50
N GLY A 91 -3.17 5.46 -9.16
CA GLY A 91 -2.60 6.32 -10.17
C GLY A 91 -3.41 7.60 -10.38
N GLN A 92 -4.65 7.47 -10.85
CA GLN A 92 -5.52 8.63 -11.10
C GLN A 92 -5.22 9.71 -10.05
N VAL A 93 -5.07 9.24 -8.82
CA VAL A 93 -4.75 10.02 -7.71
C VAL A 93 -4.84 9.11 -6.52
N VAL A 94 -3.70 8.80 -5.97
CA VAL A 94 -3.66 7.86 -4.92
C VAL A 94 -3.16 8.42 -3.62
N HIS A 95 -3.86 8.02 -2.62
CA HIS A 95 -3.54 8.33 -1.24
C HIS A 95 -3.62 7.11 -0.36
N LEU A 96 -2.50 6.68 0.20
CA LEU A 96 -2.49 5.50 0.98
C LEU A 96 -1.93 5.62 2.35
N LEU A 97 -2.62 4.98 3.27
CA LEU A 97 -2.14 4.89 4.62
C LEU A 97 -1.77 3.45 4.90
N LEU A 98 -0.49 3.21 5.12
CA LEU A 98 0.02 1.86 5.37
C LEU A 98 0.55 1.71 6.77
N GLU A 99 0.49 0.48 7.26
CA GLU A 99 1.01 0.18 8.59
C GLU A 99 2.10 -0.86 8.51
N LYS A 100 3.30 -0.40 8.78
CA LYS A 100 4.48 -1.23 8.74
C LYS A 100 4.49 -2.30 9.82
N GLY A 101 4.31 -3.54 9.39
CA GLY A 101 4.31 -4.64 10.32
C GLY A 101 4.89 -5.90 9.72
N GLN A 102 5.88 -5.70 8.86
CA GLN A 102 6.54 -6.80 8.18
C GLN A 102 7.22 -7.73 9.18
N SER A 103 7.45 -7.24 10.40
CA SER A 103 8.09 -8.03 11.44
C SER A 103 9.53 -8.39 11.05
N PRO A 104 10.34 -7.38 10.71
CA PRO A 104 11.73 -7.58 10.32
C PRO A 104 12.62 -7.93 11.47
N THR A 105 12.39 -9.10 12.03
CA THR A 105 13.19 -9.58 13.12
C THR A 105 12.81 -11.01 13.49
N SER A 106 12.49 -11.81 12.50
CA SER A 106 12.11 -13.21 12.71
C SER A 106 12.69 -14.11 11.63
N LYS A 107 12.53 -13.69 10.37
CA LYS A 107 13.03 -14.47 9.24
C LYS A 107 14.27 -13.81 8.64
N GLU A 108 14.28 -12.48 8.64
CA GLU A 108 15.40 -11.72 8.09
C GLU A 108 15.61 -12.05 6.62
N GLY A 1 11.07 20.74 4.24
CA GLY A 1 12.37 20.15 4.65
C GLY A 1 12.65 20.34 6.13
N SER A 2 11.59 20.43 6.92
CA SER A 2 11.72 20.63 8.36
C SER A 2 11.86 19.27 9.08
N SER A 3 10.79 18.49 9.05
CA SER A 3 10.78 17.18 9.69
C SER A 3 10.16 16.12 8.77
N PRO A 4 10.88 15.74 7.71
CA PRO A 4 10.39 14.74 6.75
C PRO A 4 10.40 13.32 7.33
N PRO A 5 9.21 12.75 7.60
CA PRO A 5 9.10 11.40 8.16
C PRO A 5 9.49 10.32 7.16
N LYS A 6 9.45 9.07 7.60
CA LYS A 6 9.80 7.94 6.74
C LYS A 6 9.05 6.70 7.13
N PRO A 7 9.01 5.73 6.22
CA PRO A 7 8.28 4.50 6.45
C PRO A 7 8.81 3.72 7.66
N GLY A 8 8.28 2.52 7.85
CA GLY A 8 8.69 1.71 8.97
C GLY A 8 7.64 1.73 10.07
N ASP A 9 6.41 2.01 9.66
CA ASP A 9 5.28 2.11 10.56
C ASP A 9 4.10 2.56 9.75
N ILE A 10 3.29 3.40 10.31
CA ILE A 10 2.15 3.89 9.59
C ILE A 10 2.61 5.00 8.63
N PHE A 11 2.72 4.61 7.37
CA PHE A 11 3.16 5.51 6.31
C PHE A 11 2.07 5.64 5.24
N GLU A 12 1.89 6.82 4.67
CA GLU A 12 0.90 7.02 3.64
C GLU A 12 1.57 7.37 2.32
N VAL A 13 0.97 7.02 1.17
CA VAL A 13 1.60 7.32 -0.09
C VAL A 13 0.68 8.14 -0.96
N GLU A 14 1.03 9.39 -1.15
CA GLU A 14 0.20 10.26 -1.93
C GLU A 14 0.90 10.76 -3.20
N LEU A 15 0.19 10.63 -4.30
CA LEU A 15 0.62 11.14 -5.62
C LEU A 15 -0.59 11.60 -6.39
N ALA A 16 -0.41 12.60 -7.24
CA ALA A 16 -1.49 13.13 -8.05
C ALA A 16 -1.25 12.72 -9.48
N LYS A 17 -2.20 12.01 -10.08
CA LYS A 17 -2.00 11.56 -11.45
C LYS A 17 -1.37 12.67 -12.29
N ASN A 18 -0.05 12.63 -12.34
CA ASN A 18 0.69 13.66 -13.09
C ASN A 18 1.83 13.05 -13.89
N ASP A 19 2.72 12.35 -13.21
CA ASP A 19 3.85 11.71 -13.86
C ASP A 19 3.85 10.25 -13.49
N ASN A 20 3.42 10.01 -12.28
CA ASN A 20 3.29 8.70 -11.73
C ASN A 20 2.44 8.79 -10.49
N SER A 21 1.79 7.71 -10.13
CA SER A 21 0.95 7.71 -8.97
C SER A 21 0.55 6.28 -8.66
N LEU A 22 1.52 5.41 -8.91
CA LEU A 22 1.37 3.98 -8.74
C LEU A 22 2.55 3.30 -9.42
N GLY A 23 2.58 1.98 -9.37
CA GLY A 23 3.60 1.24 -10.07
C GLY A 23 3.98 0.00 -9.31
N ILE A 24 2.99 -0.62 -8.71
CA ILE A 24 3.24 -1.80 -7.92
C ILE A 24 2.49 -3.00 -8.43
N SER A 25 3.10 -4.16 -8.25
CA SER A 25 2.50 -5.40 -8.65
C SER A 25 1.89 -6.05 -7.43
N VAL A 26 0.57 -6.18 -7.43
CA VAL A 26 -0.12 -6.75 -6.30
C VAL A 26 -0.47 -8.21 -6.54
N THR A 27 -0.67 -8.95 -5.44
CA THR A 27 -0.97 -10.38 -5.50
C THR A 27 0.32 -11.15 -5.72
N VAL A 28 1.44 -10.41 -5.79
CA VAL A 28 2.75 -10.99 -6.01
C VAL A 28 3.27 -11.67 -4.76
N LEU A 29 3.11 -11.02 -3.60
CA LEU A 29 3.56 -11.60 -2.36
C LEU A 29 2.33 -11.98 -1.56
N PHE A 30 1.22 -11.45 -2.01
CA PHE A 30 -0.05 -11.70 -1.40
C PHE A 30 -1.02 -12.29 -2.43
N ASP A 31 -2.31 -12.21 -2.15
CA ASP A 31 -3.33 -12.71 -3.06
C ASP A 31 -3.99 -11.56 -3.81
N LYS A 32 -3.97 -10.38 -3.18
CA LYS A 32 -4.55 -9.19 -3.78
C LYS A 32 -4.10 -7.93 -3.04
N GLY A 33 -2.89 -7.97 -2.48
CA GLY A 33 -2.39 -6.82 -1.74
C GLY A 33 -3.32 -6.52 -0.57
N GLY A 34 -4.24 -5.57 -0.76
CA GLY A 34 -5.18 -5.21 0.29
C GLY A 34 -6.01 -6.39 0.76
N VAL A 35 -6.59 -6.28 1.96
CA VAL A 35 -7.40 -7.33 2.57
C VAL A 35 -7.38 -7.10 4.06
N ASN A 36 -7.74 -8.09 4.84
CA ASN A 36 -7.65 -7.99 6.26
C ASN A 36 -7.15 -9.33 6.70
N THR A 37 -6.48 -9.95 5.72
CA THR A 37 -5.97 -11.29 5.83
C THR A 37 -6.10 -11.90 7.23
N SER A 38 -5.61 -11.20 8.24
CA SER A 38 -5.67 -11.72 9.61
C SER A 38 -5.55 -10.62 10.66
N VAL A 39 -6.11 -9.46 10.36
CA VAL A 39 -6.06 -8.34 11.29
C VAL A 39 -7.39 -7.58 11.25
N ARG A 40 -7.38 -6.31 11.61
CA ARG A 40 -8.60 -5.51 11.61
C ARG A 40 -8.45 -4.23 10.79
N HIS A 41 -7.21 -3.85 10.52
CA HIS A 41 -6.94 -2.65 9.73
C HIS A 41 -6.90 -2.97 8.26
N GLY A 42 -6.56 -4.21 7.97
CA GLY A 42 -6.44 -4.67 6.62
C GLY A 42 -5.18 -5.47 6.45
N GLY A 43 -4.21 -4.90 5.75
CA GLY A 43 -2.94 -5.58 5.60
C GLY A 43 -2.48 -5.90 4.18
N ILE A 44 -2.17 -4.87 3.39
CA ILE A 44 -1.68 -5.10 2.01
C ILE A 44 -0.28 -5.69 1.97
N TYR A 45 -0.15 -6.74 1.18
CA TYR A 45 1.13 -7.38 0.95
C TYR A 45 1.39 -7.41 -0.54
N VAL A 46 2.59 -7.03 -0.93
CA VAL A 46 2.88 -6.89 -2.33
C VAL A 46 4.37 -6.95 -2.70
N LYS A 47 4.67 -6.64 -3.99
CA LYS A 47 6.06 -6.55 -4.44
C LYS A 47 6.46 -5.12 -4.23
N ALA A 48 5.41 -4.31 -4.13
CA ALA A 48 5.45 -2.93 -3.86
C ALA A 48 5.74 -2.12 -5.11
N VAL A 49 6.51 -1.06 -4.98
CA VAL A 49 6.75 -0.17 -6.08
C VAL A 49 7.73 -0.59 -7.14
N ILE A 50 7.27 -0.32 -8.35
CA ILE A 50 7.99 -0.57 -9.58
C ILE A 50 9.47 -0.20 -9.45
N PRO A 51 10.32 -0.72 -10.34
CA PRO A 51 11.74 -0.44 -10.32
C PRO A 51 12.08 0.90 -10.95
N GLN A 52 11.21 1.30 -11.84
CA GLN A 52 11.36 2.54 -12.57
C GLN A 52 10.69 3.72 -11.87
N GLY A 53 10.37 3.56 -10.60
CA GLY A 53 9.75 4.65 -9.85
C GLY A 53 8.25 4.48 -9.69
N ALA A 54 7.48 5.13 -10.56
CA ALA A 54 6.04 5.05 -10.53
C ALA A 54 5.47 5.09 -9.10
N ALA A 55 4.88 3.98 -8.60
CA ALA A 55 4.34 3.96 -7.25
C ALA A 55 5.43 4.39 -6.29
N GLU A 56 6.62 3.97 -6.64
CA GLU A 56 7.82 4.28 -5.86
C GLU A 56 7.93 5.81 -5.74
N SER A 57 7.45 6.49 -6.76
CA SER A 57 7.39 7.95 -6.80
C SER A 57 6.21 8.34 -5.94
N ASP A 58 5.13 7.56 -6.09
CA ASP A 58 3.96 7.72 -5.27
C ASP A 58 4.42 7.49 -3.84
N GLY A 59 5.54 6.77 -3.72
CA GLY A 59 6.08 6.47 -2.42
C GLY A 59 5.24 5.45 -1.73
N ARG A 60 5.01 4.34 -2.41
CA ARG A 60 4.22 3.25 -1.88
C ARG A 60 5.10 2.04 -1.73
N ILE A 61 6.20 2.25 -1.03
CA ILE A 61 7.17 1.27 -0.84
C ILE A 61 6.94 0.38 0.34
N HIS A 62 7.26 -0.88 0.10
CA HIS A 62 7.19 -1.95 1.07
C HIS A 62 6.46 -3.13 0.47
N LYS A 63 7.21 -4.16 0.14
CA LYS A 63 6.64 -5.37 -0.43
C LYS A 63 6.14 -6.26 0.68
N GLY A 64 4.83 -6.41 0.80
CA GLY A 64 4.33 -7.25 1.88
C GLY A 64 4.33 -6.50 3.18
N ASP A 65 3.14 -6.13 3.63
CA ASP A 65 3.00 -5.37 4.87
C ASP A 65 1.53 -5.21 5.23
N ARG A 66 1.21 -4.35 6.22
CA ARG A 66 -0.20 -4.19 6.57
C ARG A 66 -0.72 -2.74 6.66
N VAL A 67 -1.52 -2.39 5.66
CA VAL A 67 -2.17 -1.14 5.51
C VAL A 67 -3.42 -0.94 6.30
N LEU A 68 -3.53 0.28 6.76
CA LEU A 68 -4.72 0.69 7.45
C LEU A 68 -5.76 1.04 6.39
N ALA A 69 -5.36 1.89 5.42
CA ALA A 69 -6.24 2.27 4.32
C ALA A 69 -5.47 2.18 3.02
N VAL A 70 -6.16 1.93 1.92
CA VAL A 70 -5.51 1.88 0.62
C VAL A 70 -6.18 2.88 -0.32
N ASN A 71 -5.37 3.49 -1.16
CA ASN A 71 -5.86 4.51 -2.09
C ASN A 71 -6.81 5.48 -1.40
N GLY A 72 -6.76 5.51 -0.08
CA GLY A 72 -7.64 6.40 0.66
C GLY A 72 -8.78 5.67 1.35
N VAL A 73 -9.16 4.50 0.82
CA VAL A 73 -10.22 3.73 1.44
C VAL A 73 -9.60 2.85 2.50
N SER A 74 -10.27 2.67 3.61
CA SER A 74 -9.72 1.84 4.66
C SER A 74 -9.94 0.40 4.25
N LEU A 75 -8.87 -0.37 4.07
CA LEU A 75 -9.04 -1.72 3.67
C LEU A 75 -8.96 -2.55 4.89
N GLU A 76 -10.02 -2.55 5.62
CA GLU A 76 -10.06 -3.33 6.83
C GLU A 76 -10.66 -4.68 6.52
N GLY A 77 -10.40 -5.16 5.31
CA GLY A 77 -10.94 -6.41 4.86
C GLY A 77 -12.03 -6.18 3.84
N ALA A 78 -12.05 -4.98 3.28
CA ALA A 78 -13.01 -4.59 2.28
C ALA A 78 -12.56 -5.00 0.91
N THR A 79 -11.33 -4.63 0.53
CA THR A 79 -10.82 -4.96 -0.77
C THR A 79 -11.90 -5.25 -1.72
N HIS A 80 -12.16 -6.54 -1.93
CA HIS A 80 -13.17 -6.96 -2.85
C HIS A 80 -13.50 -5.79 -3.77
N LYS A 81 -14.30 -4.87 -3.29
CA LYS A 81 -14.61 -3.68 -4.07
C LYS A 81 -13.55 -2.56 -3.96
N GLN A 82 -13.38 -2.07 -2.72
CA GLN A 82 -12.53 -0.91 -2.43
C GLN A 82 -11.05 -1.08 -2.51
N ALA A 83 -10.51 -2.02 -1.78
CA ALA A 83 -9.06 -2.11 -1.75
C ALA A 83 -8.46 -2.71 -2.98
N VAL A 84 -8.97 -3.82 -3.35
CA VAL A 84 -8.48 -4.49 -4.51
C VAL A 84 -8.72 -3.64 -5.74
N GLU A 85 -9.92 -3.13 -5.84
CA GLU A 85 -10.25 -2.28 -6.98
C GLU A 85 -9.40 -1.05 -6.99
N THR A 86 -9.05 -0.58 -5.81
CA THR A 86 -8.31 0.65 -5.73
C THR A 86 -6.84 0.46 -6.11
N LEU A 87 -6.28 -0.70 -5.79
CA LEU A 87 -4.89 -0.99 -6.14
C LEU A 87 -4.77 -0.99 -7.66
N ARG A 88 -5.79 -1.56 -8.28
CA ARG A 88 -5.87 -1.65 -9.73
C ARG A 88 -6.23 -0.31 -10.34
N ASN A 89 -7.01 0.47 -9.62
CA ASN A 89 -7.43 1.74 -10.16
C ASN A 89 -6.57 2.90 -9.72
N THR A 90 -5.62 2.63 -8.85
CA THR A 90 -4.71 3.65 -8.35
C THR A 90 -4.17 4.51 -9.49
N GLY A 91 -3.41 5.53 -9.14
CA GLY A 91 -2.85 6.39 -10.18
C GLY A 91 -3.58 7.71 -10.33
N GLN A 92 -4.86 7.66 -10.77
CA GLN A 92 -5.66 8.87 -10.96
C GLN A 92 -5.27 9.90 -9.91
N VAL A 93 -5.08 9.41 -8.70
CA VAL A 93 -4.69 10.14 -7.59
C VAL A 93 -4.77 9.20 -6.42
N VAL A 94 -3.61 8.82 -5.91
CA VAL A 94 -3.58 7.86 -4.90
C VAL A 94 -3.05 8.39 -3.59
N HIS A 95 -3.75 7.98 -2.59
CA HIS A 95 -3.39 8.28 -1.22
C HIS A 95 -3.50 7.04 -0.36
N LEU A 96 -2.40 6.56 0.18
CA LEU A 96 -2.40 5.38 0.95
C LEU A 96 -1.87 5.49 2.32
N LEU A 97 -2.60 4.89 3.24
CA LEU A 97 -2.15 4.81 4.60
C LEU A 97 -1.80 3.36 4.90
N LEU A 98 -0.52 3.12 5.14
CA LEU A 98 -0.02 1.78 5.41
C LEU A 98 0.47 1.63 6.82
N GLU A 99 0.41 0.41 7.32
CA GLU A 99 0.89 0.12 8.66
C GLU A 99 1.95 -0.97 8.64
N LYS A 100 3.16 -0.55 8.90
CA LYS A 100 4.31 -1.43 8.91
C LYS A 100 4.24 -2.45 10.02
N GLY A 101 4.02 -3.71 9.65
CA GLY A 101 3.96 -4.76 10.63
C GLY A 101 4.29 -6.11 10.02
N GLN A 102 5.25 -6.11 9.12
CA GLN A 102 5.68 -7.31 8.44
C GLN A 102 6.09 -8.39 9.43
N SER A 103 7.30 -8.28 9.98
CA SER A 103 7.80 -9.24 10.95
C SER A 103 9.19 -8.84 11.44
N PRO A 104 9.33 -7.63 12.00
CA PRO A 104 10.60 -7.13 12.50
C PRO A 104 11.05 -7.84 13.74
N THR A 105 12.26 -7.55 14.14
CA THR A 105 12.84 -8.19 15.29
C THR A 105 12.03 -7.92 16.55
N SER A 106 11.40 -6.75 16.60
CA SER A 106 10.59 -6.37 17.75
C SER A 106 11.42 -6.38 19.03
N LYS A 107 12.72 -6.25 18.90
CA LYS A 107 13.62 -6.24 20.05
C LYS A 107 15.08 -6.08 19.61
N GLU A 108 15.52 -6.96 18.71
CA GLU A 108 16.89 -6.91 18.22
C GLU A 108 17.10 -5.67 17.34
N GLY A 1 10.86 20.08 9.53
CA GLY A 1 12.05 20.91 9.19
C GLY A 1 13.26 20.06 8.83
N SER A 2 13.99 19.62 9.85
CA SER A 2 15.18 18.79 9.64
C SER A 2 14.93 17.36 10.08
N SER A 3 13.68 16.91 9.93
CA SER A 3 13.30 15.55 10.31
C SER A 3 12.20 15.02 9.39
N PRO A 4 12.56 14.64 8.16
CA PRO A 4 11.59 14.10 7.18
C PRO A 4 11.09 12.71 7.57
N PRO A 5 9.80 12.59 7.94
CA PRO A 5 9.21 11.31 8.33
C PRO A 5 9.44 10.22 7.28
N LYS A 6 9.87 9.05 7.72
CA LYS A 6 10.13 7.94 6.82
C LYS A 6 9.33 6.73 7.21
N PRO A 7 9.20 5.78 6.27
CA PRO A 7 8.42 4.58 6.50
C PRO A 7 8.94 3.76 7.67
N GLY A 8 8.34 2.59 7.88
CA GLY A 8 8.73 1.74 8.98
C GLY A 8 7.67 1.74 10.07
N ASP A 9 6.43 2.00 9.66
CA ASP A 9 5.30 2.08 10.55
C ASP A 9 4.12 2.54 9.73
N ILE A 10 3.35 3.43 10.29
CA ILE A 10 2.22 3.94 9.58
C ILE A 10 2.69 5.02 8.60
N PHE A 11 2.78 4.62 7.34
CA PHE A 11 3.22 5.49 6.25
C PHE A 11 2.12 5.64 5.22
N GLU A 12 1.94 6.82 4.65
CA GLU A 12 0.94 7.02 3.64
C GLU A 12 1.59 7.39 2.30
N VAL A 13 0.95 7.05 1.15
CA VAL A 13 1.55 7.36 -0.10
C VAL A 13 0.60 8.18 -0.94
N GLU A 14 0.95 9.44 -1.13
CA GLU A 14 0.12 10.32 -1.88
C GLU A 14 0.78 10.82 -3.16
N LEU A 15 0.08 10.66 -4.26
CA LEU A 15 0.49 11.16 -5.58
C LEU A 15 -0.73 11.59 -6.36
N ALA A 16 -0.57 12.60 -7.20
CA ALA A 16 -1.65 13.09 -8.01
C ALA A 16 -1.38 12.69 -9.44
N LYS A 17 -2.31 11.97 -10.06
CA LYS A 17 -2.09 11.53 -11.44
C LYS A 17 -1.45 12.65 -12.26
N ASN A 18 -0.14 12.64 -12.29
CA ASN A 18 0.61 13.67 -13.01
C ASN A 18 1.76 13.08 -13.81
N ASP A 19 2.66 12.40 -13.13
CA ASP A 19 3.80 11.77 -13.77
C ASP A 19 3.81 10.31 -13.41
N ASN A 20 3.40 10.06 -12.19
CA ASN A 20 3.27 8.73 -11.65
C ASN A 20 2.44 8.82 -10.40
N SER A 21 1.78 7.75 -10.07
CA SER A 21 0.95 7.75 -8.89
C SER A 21 0.55 6.32 -8.58
N LEU A 22 1.51 5.44 -8.85
CA LEU A 22 1.37 4.00 -8.69
C LEU A 22 2.51 3.33 -9.40
N GLY A 23 2.54 2.00 -9.37
CA GLY A 23 3.56 1.26 -10.08
C GLY A 23 3.92 0.01 -9.34
N ILE A 24 2.94 -0.60 -8.72
CA ILE A 24 3.20 -1.79 -7.95
C ILE A 24 2.45 -3.00 -8.48
N SER A 25 3.04 -4.16 -8.26
CA SER A 25 2.44 -5.40 -8.67
C SER A 25 1.84 -6.07 -7.46
N VAL A 26 0.52 -6.21 -7.46
CA VAL A 26 -0.16 -6.79 -6.33
C VAL A 26 -0.51 -8.25 -6.55
N THR A 27 -0.71 -8.98 -5.45
CA THR A 27 -1.01 -10.40 -5.49
C THR A 27 0.28 -11.20 -5.73
N VAL A 28 1.39 -10.47 -5.77
CA VAL A 28 2.70 -11.05 -6.00
C VAL A 28 3.24 -11.71 -4.72
N LEU A 29 3.03 -11.06 -3.59
CA LEU A 29 3.48 -11.61 -2.33
C LEU A 29 2.28 -11.98 -1.50
N PHE A 30 1.15 -11.49 -1.96
CA PHE A 30 -0.11 -11.74 -1.32
C PHE A 30 -1.10 -12.34 -2.32
N ASP A 31 -2.38 -12.31 -2.00
CA ASP A 31 -3.41 -12.85 -2.88
C ASP A 31 -4.14 -11.71 -3.60
N LYS A 32 -3.95 -10.49 -3.11
CA LYS A 32 -4.57 -9.31 -3.69
C LYS A 32 -4.16 -8.06 -2.94
N GLY A 33 -2.91 -8.00 -2.51
CA GLY A 33 -2.44 -6.84 -1.77
C GLY A 33 -3.38 -6.52 -0.60
N GLY A 34 -4.27 -5.55 -0.80
CA GLY A 34 -5.22 -5.18 0.24
C GLY A 34 -6.05 -6.36 0.73
N VAL A 35 -6.62 -6.25 1.93
CA VAL A 35 -7.42 -7.31 2.54
C VAL A 35 -7.38 -7.07 4.02
N ASN A 36 -7.76 -8.06 4.81
CA ASN A 36 -7.66 -7.95 6.23
C ASN A 36 -7.18 -9.30 6.66
N THR A 37 -6.53 -9.94 5.69
CA THR A 37 -6.03 -11.28 5.79
C THR A 37 -6.21 -11.91 7.18
N SER A 38 -5.70 -11.22 8.21
CA SER A 38 -5.81 -11.74 9.58
C SER A 38 -5.67 -10.65 10.64
N VAL A 39 -6.19 -9.47 10.33
CA VAL A 39 -6.14 -8.36 11.26
C VAL A 39 -7.45 -7.59 11.22
N ARG A 40 -7.43 -6.31 11.58
CA ARG A 40 -8.64 -5.50 11.58
C ARG A 40 -8.47 -4.22 10.77
N HIS A 41 -7.23 -3.86 10.48
CA HIS A 41 -6.94 -2.65 9.70
C HIS A 41 -6.90 -2.97 8.23
N GLY A 42 -6.54 -4.20 7.95
CA GLY A 42 -6.42 -4.65 6.58
C GLY A 42 -5.15 -5.44 6.41
N GLY A 43 -4.18 -4.85 5.71
CA GLY A 43 -2.91 -5.52 5.56
C GLY A 43 -2.47 -5.85 4.14
N ILE A 44 -2.18 -4.84 3.33
CA ILE A 44 -1.70 -5.07 1.95
C ILE A 44 -0.30 -5.65 1.90
N TYR A 45 -0.17 -6.71 1.14
CA TYR A 45 1.12 -7.36 0.91
C TYR A 45 1.38 -7.42 -0.58
N VAL A 46 2.55 -6.99 -1.00
CA VAL A 46 2.82 -6.87 -2.41
C VAL A 46 4.30 -6.93 -2.79
N LYS A 47 4.60 -6.64 -4.06
CA LYS A 47 6.00 -6.59 -4.53
C LYS A 47 6.45 -5.16 -4.30
N ALA A 48 5.41 -4.34 -4.17
CA ALA A 48 5.49 -2.96 -3.89
C ALA A 48 5.75 -2.15 -5.14
N VAL A 49 6.53 -1.10 -5.03
CA VAL A 49 6.74 -0.21 -6.13
C VAL A 49 7.69 -0.64 -7.22
N ILE A 50 7.21 -0.35 -8.42
CA ILE A 50 7.90 -0.60 -9.67
C ILE A 50 9.39 -0.26 -9.54
N PRO A 51 10.21 -0.78 -10.46
CA PRO A 51 11.65 -0.51 -10.44
C PRO A 51 11.99 0.85 -11.02
N GLN A 52 11.11 1.29 -11.87
CA GLN A 52 11.28 2.57 -12.55
C GLN A 52 10.62 3.73 -11.82
N GLY A 53 10.31 3.52 -10.54
CA GLY A 53 9.70 4.59 -9.76
C GLY A 53 8.20 4.44 -9.62
N ALA A 54 7.46 5.12 -10.49
CA ALA A 54 6.01 5.08 -10.49
C ALA A 54 5.42 5.10 -9.06
N ALA A 55 4.84 3.98 -8.57
CA ALA A 55 4.29 3.97 -7.22
C ALA A 55 5.35 4.41 -6.25
N GLU A 56 6.56 4.01 -6.59
CA GLU A 56 7.74 4.34 -5.82
C GLU A 56 7.85 5.85 -5.69
N SER A 57 7.37 6.54 -6.72
CA SER A 57 7.29 7.99 -6.76
C SER A 57 6.11 8.37 -5.92
N ASP A 58 5.04 7.59 -6.08
CA ASP A 58 3.85 7.73 -5.28
C ASP A 58 4.29 7.51 -3.84
N GLY A 59 5.42 6.80 -3.71
CA GLY A 59 5.95 6.52 -2.40
C GLY A 59 5.14 5.48 -1.71
N ARG A 60 4.93 4.36 -2.40
CA ARG A 60 4.15 3.26 -1.87
C ARG A 60 5.06 2.06 -1.76
N ILE A 61 6.16 2.26 -1.07
CA ILE A 61 7.14 1.28 -0.92
C ILE A 61 6.94 0.38 0.25
N HIS A 62 7.25 -0.88 0.01
CA HIS A 62 7.19 -1.95 0.96
C HIS A 62 6.46 -3.13 0.38
N LYS A 63 7.21 -4.17 0.06
CA LYS A 63 6.63 -5.38 -0.51
C LYS A 63 6.13 -6.27 0.60
N GLY A 64 4.82 -6.41 0.73
CA GLY A 64 4.32 -7.24 1.80
C GLY A 64 4.34 -6.50 3.10
N ASP A 65 3.15 -6.12 3.54
CA ASP A 65 3.02 -5.35 4.80
C ASP A 65 1.56 -5.18 5.17
N ARG A 66 1.24 -4.33 6.15
CA ARG A 66 -0.17 -4.17 6.51
C ARG A 66 -0.68 -2.72 6.60
N VAL A 67 -1.48 -2.36 5.61
CA VAL A 67 -2.14 -1.11 5.47
C VAL A 67 -3.37 -0.91 6.28
N LEU A 68 -3.49 0.31 6.75
CA LEU A 68 -4.67 0.71 7.45
C LEU A 68 -5.72 1.07 6.39
N ALA A 69 -5.33 1.92 5.43
CA ALA A 69 -6.21 2.30 4.33
C ALA A 69 -5.46 2.21 3.02
N VAL A 70 -6.15 1.97 1.93
CA VAL A 70 -5.52 1.93 0.63
C VAL A 70 -6.19 2.93 -0.28
N ASN A 71 -5.41 3.56 -1.14
CA ASN A 71 -5.89 4.57 -2.06
C ASN A 71 -6.84 5.54 -1.36
N GLY A 72 -6.79 5.55 -0.04
CA GLY A 72 -7.66 6.44 0.72
C GLY A 72 -8.78 5.71 1.42
N VAL A 73 -9.18 4.55 0.89
CA VAL A 73 -10.22 3.77 1.53
C VAL A 73 -9.58 2.88 2.58
N SER A 74 -10.24 2.70 3.70
CA SER A 74 -9.68 1.85 4.73
C SER A 74 -9.92 0.42 4.31
N LEU A 75 -8.85 -0.33 4.08
CA LEU A 75 -9.03 -1.67 3.66
C LEU A 75 -8.96 -2.54 4.87
N GLU A 76 -10.02 -2.54 5.61
CA GLU A 76 -10.06 -3.33 6.79
C GLU A 76 -10.67 -4.69 6.46
N GLY A 77 -10.40 -5.14 5.24
CA GLY A 77 -10.95 -6.38 4.78
C GLY A 77 -12.01 -6.13 3.73
N ALA A 78 -12.02 -4.90 3.22
CA ALA A 78 -12.98 -4.49 2.21
C ALA A 78 -12.53 -4.93 0.84
N THR A 79 -11.29 -4.59 0.46
CA THR A 79 -10.78 -4.95 -0.84
C THR A 79 -11.88 -5.23 -1.78
N HIS A 80 -12.15 -6.51 -1.98
CA HIS A 80 -13.19 -6.92 -2.89
C HIS A 80 -13.48 -5.75 -3.83
N LYS A 81 -14.27 -4.80 -3.37
CA LYS A 81 -14.55 -3.62 -4.15
C LYS A 81 -13.48 -2.52 -4.04
N GLN A 82 -13.31 -2.03 -2.80
CA GLN A 82 -12.44 -0.88 -2.50
C GLN A 82 -10.96 -1.08 -2.57
N ALA A 83 -10.43 -2.02 -1.84
CA ALA A 83 -8.97 -2.13 -1.82
C ALA A 83 -8.38 -2.74 -3.04
N VAL A 84 -8.92 -3.85 -3.42
CA VAL A 84 -8.44 -4.53 -4.58
C VAL A 84 -8.66 -3.67 -5.81
N GLU A 85 -9.83 -3.10 -5.90
CA GLU A 85 -10.13 -2.25 -7.02
C GLU A 85 -9.28 -1.02 -7.02
N THR A 86 -8.96 -0.55 -5.83
CA THR A 86 -8.22 0.68 -5.74
C THR A 86 -6.73 0.49 -6.01
N LEU A 87 -6.17 -0.59 -5.48
CA LEU A 87 -4.75 -0.88 -5.70
C LEU A 87 -4.51 -1.04 -7.19
N ARG A 88 -5.48 -1.64 -7.87
CA ARG A 88 -5.41 -1.84 -9.31
C ARG A 88 -5.70 -0.57 -10.06
N ASN A 89 -6.54 0.27 -9.49
CA ASN A 89 -6.90 1.48 -10.17
C ASN A 89 -6.06 2.68 -9.74
N THR A 90 -5.18 2.46 -8.80
CA THR A 90 -4.29 3.51 -8.28
C THR A 90 -3.77 4.38 -9.42
N GLY A 91 -3.19 5.52 -9.08
CA GLY A 91 -2.67 6.39 -10.12
C GLY A 91 -3.50 7.65 -10.32
N GLN A 92 -4.76 7.50 -10.75
CA GLN A 92 -5.65 8.66 -10.98
C GLN A 92 -5.34 9.73 -9.95
N VAL A 93 -5.11 9.28 -8.74
CA VAL A 93 -4.77 10.06 -7.63
C VAL A 93 -4.84 9.17 -6.44
N VAL A 94 -3.68 8.79 -5.94
CA VAL A 94 -3.63 7.85 -4.88
C VAL A 94 -3.08 8.42 -3.60
N HIS A 95 -3.77 8.04 -2.59
CA HIS A 95 -3.41 8.35 -1.21
C HIS A 95 -3.52 7.11 -0.35
N LEU A 96 -2.41 6.63 0.18
CA LEU A 96 -2.42 5.45 0.95
C LEU A 96 -1.88 5.56 2.32
N LEU A 97 -2.59 4.93 3.24
CA LEU A 97 -2.13 4.84 4.60
C LEU A 97 -1.78 3.39 4.89
N LEU A 98 -0.50 3.16 5.12
CA LEU A 98 0.02 1.82 5.38
C LEU A 98 0.51 1.65 6.79
N GLU A 99 0.46 0.43 7.28
CA GLU A 99 0.95 0.13 8.62
C GLU A 99 2.00 -0.97 8.58
N LYS A 100 3.21 -0.56 8.87
CA LYS A 100 4.35 -1.46 8.87
C LYS A 100 4.26 -2.49 9.98
N GLY A 101 4.04 -3.74 9.58
CA GLY A 101 3.95 -4.82 10.53
C GLY A 101 4.31 -6.14 9.92
N GLN A 102 5.28 -6.12 9.02
CA GLN A 102 5.74 -7.31 8.34
C GLN A 102 6.16 -8.39 9.32
N SER A 103 6.84 -7.98 10.39
CA SER A 103 7.30 -8.91 11.41
C SER A 103 7.41 -8.22 12.77
N PRO A 104 6.79 -8.79 13.82
CA PRO A 104 6.84 -8.21 15.16
C PRO A 104 8.24 -7.98 15.66
N THR A 105 8.32 -7.28 16.78
CA THR A 105 9.61 -6.94 17.33
C THR A 105 10.43 -8.20 17.65
N SER A 106 11.57 -8.00 18.29
CA SER A 106 12.45 -9.11 18.64
C SER A 106 12.24 -9.51 20.10
N LYS A 107 11.01 -9.33 20.59
CA LYS A 107 10.69 -9.68 21.96
C LYS A 107 9.21 -9.46 22.24
N GLU A 108 8.74 -8.23 21.98
CA GLU A 108 7.34 -7.89 22.21
C GLU A 108 6.97 -8.05 23.67
N GLY A 1 -1.38 17.54 14.51
CA GLY A 1 -1.73 17.27 13.09
C GLY A 1 -0.54 17.32 12.17
N SER A 2 0.65 17.01 12.72
CA SER A 2 1.87 17.03 11.93
C SER A 2 2.88 16.02 12.49
N SER A 3 3.67 15.44 11.60
CA SER A 3 4.68 14.47 11.99
C SER A 3 5.50 13.99 10.79
N PRO A 4 6.66 13.36 11.03
CA PRO A 4 7.53 12.88 9.97
C PRO A 4 6.90 11.73 9.18
N PRO A 5 6.52 11.96 7.91
CA PRO A 5 5.91 10.94 7.06
C PRO A 5 6.92 9.93 6.54
N LYS A 6 7.60 9.24 7.46
CA LYS A 6 8.60 8.25 7.07
C LYS A 6 8.11 6.86 7.34
N PRO A 7 8.42 5.95 6.41
CA PRO A 7 7.99 4.57 6.51
C PRO A 7 8.50 3.88 7.76
N GLY A 8 8.11 2.62 7.92
CA GLY A 8 8.51 1.85 9.09
C GLY A 8 7.42 1.87 10.14
N ASP A 9 6.19 2.10 9.69
CA ASP A 9 5.04 2.17 10.56
C ASP A 9 3.87 2.62 9.72
N ILE A 10 3.04 3.44 10.29
CA ILE A 10 1.91 3.94 9.55
C ILE A 10 2.37 5.07 8.63
N PHE A 11 2.54 4.71 7.36
CA PHE A 11 2.97 5.65 6.33
C PHE A 11 1.91 5.75 5.25
N GLU A 12 1.74 6.93 4.65
CA GLU A 12 0.75 7.09 3.60
C GLU A 12 1.44 7.41 2.27
N VAL A 13 0.83 7.02 1.12
CA VAL A 13 1.47 7.31 -0.13
C VAL A 13 0.53 8.12 -1.00
N GLU A 14 0.87 9.38 -1.19
CA GLU A 14 0.06 10.25 -1.97
C GLU A 14 0.75 10.76 -3.23
N LEU A 15 0.07 10.60 -4.34
CA LEU A 15 0.51 11.12 -5.65
C LEU A 15 -0.70 11.56 -6.44
N ALA A 16 -0.52 12.56 -7.29
CA ALA A 16 -1.58 13.06 -8.11
C ALA A 16 -1.31 12.66 -9.54
N LYS A 17 -2.23 11.92 -10.16
CA LYS A 17 -2.00 11.47 -11.53
C LYS A 17 -1.38 12.58 -12.36
N ASN A 18 -0.05 12.58 -12.37
CA ASN A 18 0.68 13.61 -13.12
C ASN A 18 1.85 13.02 -13.89
N ASP A 19 2.75 12.35 -13.19
CA ASP A 19 3.91 11.72 -13.81
C ASP A 19 3.91 10.26 -13.45
N ASN A 20 3.48 10.02 -12.23
CA ASN A 20 3.35 8.70 -11.69
C ASN A 20 2.49 8.79 -10.46
N SER A 21 1.83 7.71 -10.11
CA SER A 21 0.98 7.71 -8.95
C SER A 21 0.61 6.27 -8.64
N LEU A 22 1.58 5.41 -8.89
CA LEU A 22 1.45 3.97 -8.73
C LEU A 22 2.62 3.32 -9.43
N GLY A 23 2.65 1.99 -9.39
CA GLY A 23 3.69 1.25 -10.10
C GLY A 23 4.06 0.01 -9.35
N ILE A 24 3.07 -0.60 -8.74
CA ILE A 24 3.31 -1.79 -7.96
C ILE A 24 2.58 -3.00 -8.50
N SER A 25 3.18 -4.17 -8.28
CA SER A 25 2.59 -5.40 -8.71
C SER A 25 1.95 -6.06 -7.50
N VAL A 26 0.64 -6.16 -7.51
CA VAL A 26 -0.07 -6.74 -6.39
C VAL A 26 -0.44 -8.19 -6.63
N THR A 27 -0.66 -8.91 -5.53
CA THR A 27 -0.97 -10.33 -5.56
C THR A 27 0.30 -11.13 -5.80
N VAL A 28 1.42 -10.42 -5.87
CA VAL A 28 2.72 -11.02 -6.09
C VAL A 28 3.23 -11.69 -4.83
N LEU A 29 2.98 -11.08 -3.67
CA LEU A 29 3.39 -11.65 -2.42
C LEU A 29 2.17 -12.04 -1.63
N PHE A 30 1.04 -11.57 -2.14
CA PHE A 30 -0.23 -11.81 -1.54
C PHE A 30 -1.24 -12.24 -2.60
N ASP A 31 -2.51 -12.38 -2.18
CA ASP A 31 -3.56 -12.80 -3.09
C ASP A 31 -4.17 -11.60 -3.82
N LYS A 32 -4.08 -10.43 -3.19
CA LYS A 32 -4.61 -9.20 -3.77
C LYS A 32 -4.21 -7.99 -2.94
N GLY A 33 -2.93 -7.90 -2.58
CA GLY A 33 -2.46 -6.78 -1.78
C GLY A 33 -3.34 -6.56 -0.56
N GLY A 34 -4.20 -5.54 -0.62
CA GLY A 34 -5.10 -5.21 0.48
C GLY A 34 -6.01 -6.36 0.88
N VAL A 35 -6.62 -6.24 2.07
CA VAL A 35 -7.49 -7.27 2.62
C VAL A 35 -7.53 -7.03 4.13
N ASN A 36 -7.84 -8.06 4.88
CA ASN A 36 -7.82 -7.97 6.31
C ASN A 36 -7.36 -9.33 6.73
N THR A 37 -6.63 -9.93 5.78
CA THR A 37 -6.15 -11.28 5.88
C THR A 37 -6.25 -11.88 7.27
N SER A 38 -5.72 -11.18 8.28
CA SER A 38 -5.75 -11.68 9.65
C SER A 38 -5.39 -10.60 10.67
N VAL A 39 -5.82 -9.38 10.39
CA VAL A 39 -5.56 -8.26 11.28
C VAL A 39 -6.84 -7.44 11.48
N ARG A 40 -6.72 -6.16 11.80
CA ARG A 40 -7.89 -5.33 12.03
C ARG A 40 -7.80 -3.99 11.29
N HIS A 41 -6.71 -3.79 10.56
CA HIS A 41 -6.51 -2.56 9.80
C HIS A 41 -6.61 -2.82 8.30
N GLY A 42 -6.35 -4.06 7.94
CA GLY A 42 -6.35 -4.45 6.56
C GLY A 42 -5.23 -5.40 6.29
N GLY A 43 -4.21 -4.94 5.57
CA GLY A 43 -3.06 -5.80 5.35
C GLY A 43 -2.60 -5.99 3.90
N ILE A 44 -2.30 -4.92 3.18
CA ILE A 44 -1.81 -5.07 1.80
C ILE A 44 -0.41 -5.66 1.77
N TYR A 45 -0.27 -6.73 1.02
CA TYR A 45 1.02 -7.38 0.82
C TYR A 45 1.32 -7.45 -0.66
N VAL A 46 2.51 -7.01 -1.04
CA VAL A 46 2.82 -6.89 -2.44
C VAL A 46 4.31 -6.95 -2.78
N LYS A 47 4.66 -6.66 -4.05
CA LYS A 47 6.06 -6.60 -4.47
C LYS A 47 6.51 -5.17 -4.25
N ALA A 48 5.47 -4.35 -4.14
CA ALA A 48 5.55 -2.97 -3.86
C ALA A 48 5.81 -2.15 -5.11
N VAL A 49 6.58 -1.08 -4.98
CA VAL A 49 6.80 -0.19 -6.08
C VAL A 49 7.79 -0.61 -7.14
N ILE A 50 7.33 -0.33 -8.35
CA ILE A 50 8.07 -0.56 -9.58
C ILE A 50 9.54 -0.21 -9.41
N PRO A 51 10.40 -0.70 -10.30
CA PRO A 51 11.83 -0.43 -10.25
C PRO A 51 12.20 0.93 -10.81
N GLN A 52 11.35 1.37 -11.71
CA GLN A 52 11.55 2.65 -12.38
C GLN A 52 10.83 3.81 -11.69
N GLY A 53 10.46 3.61 -10.43
CA GLY A 53 9.80 4.68 -9.69
C GLY A 53 8.31 4.50 -9.57
N ALA A 54 7.56 5.15 -10.45
CA ALA A 54 6.11 5.07 -10.46
C ALA A 54 5.51 5.09 -9.03
N ALA A 55 4.92 3.97 -8.56
CA ALA A 55 4.35 3.95 -7.22
C ALA A 55 5.40 4.39 -6.23
N GLU A 56 6.61 4.00 -6.56
CA GLU A 56 7.78 4.33 -5.75
C GLU A 56 7.87 5.85 -5.62
N SER A 57 7.40 6.53 -6.65
CA SER A 57 7.33 7.98 -6.69
C SER A 57 6.13 8.36 -5.86
N ASP A 58 5.06 7.56 -6.05
CA ASP A 58 3.86 7.71 -5.25
C ASP A 58 4.28 7.48 -3.82
N GLY A 59 5.41 6.77 -3.68
CA GLY A 59 5.92 6.47 -2.36
C GLY A 59 5.07 5.43 -1.68
N ARG A 60 4.88 4.32 -2.38
CA ARG A 60 4.09 3.21 -1.87
C ARG A 60 4.99 2.01 -1.74
N ILE A 61 6.08 2.22 -1.04
CA ILE A 61 7.07 1.25 -0.86
C ILE A 61 6.84 0.33 0.31
N HIS A 62 7.18 -0.92 0.05
CA HIS A 62 7.14 -1.99 1.00
C HIS A 62 6.42 -3.19 0.39
N LYS A 63 7.18 -4.21 0.08
CA LYS A 63 6.62 -5.42 -0.50
C LYS A 63 6.08 -6.31 0.59
N GLY A 64 4.77 -6.46 0.67
CA GLY A 64 4.23 -7.28 1.73
C GLY A 64 4.22 -6.56 3.03
N ASP A 65 3.05 -6.12 3.44
CA ASP A 65 2.90 -5.37 4.69
C ASP A 65 1.43 -5.23 5.06
N ARG A 66 1.10 -4.40 6.05
CA ARG A 66 -0.30 -4.25 6.41
C ARG A 66 -0.82 -2.81 6.52
N VAL A 67 -1.63 -2.44 5.53
CA VAL A 67 -2.28 -1.19 5.41
C VAL A 67 -3.50 -1.00 6.25
N LEU A 68 -3.60 0.21 6.73
CA LEU A 68 -4.75 0.62 7.46
C LEU A 68 -5.81 1.02 6.43
N ALA A 69 -5.42 1.90 5.49
CA ALA A 69 -6.32 2.32 4.44
C ALA A 69 -5.59 2.28 3.11
N VAL A 70 -6.29 2.02 2.04
CA VAL A 70 -5.70 2.01 0.72
C VAL A 70 -6.44 3.00 -0.16
N ASN A 71 -5.71 3.67 -1.03
CA ASN A 71 -6.30 4.69 -1.90
C ASN A 71 -7.14 5.67 -1.09
N GLY A 72 -6.97 5.63 0.23
CA GLY A 72 -7.75 6.51 1.08
C GLY A 72 -8.85 5.78 1.79
N VAL A 73 -9.26 4.63 1.24
CA VAL A 73 -10.29 3.83 1.88
C VAL A 73 -9.64 2.92 2.89
N SER A 74 -10.28 2.70 4.01
CA SER A 74 -9.70 1.81 5.00
C SER A 74 -9.96 0.40 4.53
N LEU A 75 -8.91 -0.36 4.22
CA LEU A 75 -9.12 -1.68 3.76
C LEU A 75 -9.03 -2.59 4.93
N GLU A 76 -10.07 -2.58 5.70
CA GLU A 76 -10.08 -3.41 6.86
C GLU A 76 -10.70 -4.75 6.49
N GLY A 77 -10.35 -5.22 5.30
CA GLY A 77 -10.90 -6.45 4.80
C GLY A 77 -11.95 -6.17 3.76
N ALA A 78 -11.99 -4.91 3.31
CA ALA A 78 -12.93 -4.48 2.31
C ALA A 78 -12.49 -4.91 0.93
N THR A 79 -11.25 -4.58 0.55
CA THR A 79 -10.76 -4.94 -0.76
C THR A 79 -11.86 -5.19 -1.70
N HIS A 80 -12.16 -6.46 -1.90
CA HIS A 80 -13.22 -6.83 -2.82
C HIS A 80 -13.50 -5.65 -3.73
N LYS A 81 -14.26 -4.70 -3.25
CA LYS A 81 -14.52 -3.49 -4.01
C LYS A 81 -13.43 -2.41 -3.89
N GLN A 82 -13.24 -1.95 -2.65
CA GLN A 82 -12.35 -0.82 -2.33
C GLN A 82 -10.86 -1.03 -2.41
N ALA A 83 -10.35 -2.02 -1.71
CA ALA A 83 -8.89 -2.17 -1.69
C ALA A 83 -8.33 -2.77 -2.93
N VAL A 84 -8.91 -3.82 -3.35
CA VAL A 84 -8.45 -4.49 -4.53
C VAL A 84 -8.61 -3.56 -5.71
N GLU A 85 -9.74 -2.86 -5.73
CA GLU A 85 -10.01 -1.94 -6.81
C GLU A 85 -8.98 -0.84 -6.87
N THR A 86 -8.53 -0.40 -5.71
CA THR A 86 -7.59 0.71 -5.69
C THR A 86 -6.25 0.31 -6.28
N LEU A 87 -5.81 -0.90 -6.00
CA LEU A 87 -4.54 -1.38 -6.53
C LEU A 87 -4.62 -1.41 -8.05
N ARG A 88 -5.79 -1.80 -8.52
CA ARG A 88 -6.05 -1.88 -9.95
C ARG A 88 -6.29 -0.52 -10.57
N ASN A 89 -6.87 0.40 -9.80
CA ASN A 89 -7.16 1.69 -10.35
C ASN A 89 -6.19 2.78 -9.91
N THR A 90 -5.36 2.47 -8.95
CA THR A 90 -4.38 3.40 -8.42
C THR A 90 -3.79 4.27 -9.54
N GLY A 91 -3.29 5.44 -9.18
CA GLY A 91 -2.72 6.31 -10.18
C GLY A 91 -3.49 7.61 -10.38
N GLN A 92 -4.76 7.51 -10.82
CA GLN A 92 -5.59 8.71 -11.03
C GLN A 92 -5.25 9.76 -10.00
N VAL A 93 -5.08 9.29 -8.78
CA VAL A 93 -4.73 10.04 -7.66
C VAL A 93 -4.84 9.13 -6.48
N VAL A 94 -3.70 8.77 -5.94
CA VAL A 94 -3.68 7.81 -4.91
C VAL A 94 -3.15 8.34 -3.61
N HIS A 95 -3.84 7.95 -2.61
CA HIS A 95 -3.51 8.26 -1.23
C HIS A 95 -3.61 7.02 -0.37
N LEU A 96 -2.50 6.55 0.18
CA LEU A 96 -2.51 5.37 0.96
C LEU A 96 -1.93 5.47 2.32
N LEU A 97 -2.65 4.86 3.24
CA LEU A 97 -2.17 4.76 4.60
C LEU A 97 -1.82 3.30 4.88
N LEU A 98 -0.54 3.04 5.07
CA LEU A 98 -0.06 1.69 5.32
C LEU A 98 0.48 1.52 6.72
N GLU A 99 0.29 0.33 7.26
CA GLU A 99 0.80 0.03 8.59
C GLU A 99 1.91 -1.00 8.50
N LYS A 100 3.10 -0.52 8.76
CA LYS A 100 4.30 -1.33 8.70
C LYS A 100 4.33 -2.42 9.75
N GLY A 101 4.15 -3.65 9.31
CA GLY A 101 4.18 -4.78 10.22
C GLY A 101 4.88 -5.96 9.60
N GLN A 102 5.85 -5.66 8.75
CA GLN A 102 6.63 -6.65 8.06
C GLN A 102 7.40 -7.53 9.05
N SER A 103 8.28 -8.37 8.52
CA SER A 103 9.09 -9.26 9.36
C SER A 103 10.52 -8.75 9.48
N PRO A 104 10.80 -7.90 10.50
CA PRO A 104 12.13 -7.34 10.72
C PRO A 104 13.12 -8.36 11.20
N THR A 105 14.29 -8.24 10.62
CA THR A 105 15.40 -9.11 10.91
C THR A 105 14.99 -10.58 10.85
N SER A 106 14.08 -10.90 9.94
CA SER A 106 13.60 -12.27 9.79
C SER A 106 14.56 -13.08 8.91
N LYS A 107 15.24 -12.39 7.99
CA LYS A 107 16.18 -13.05 7.10
C LYS A 107 17.61 -12.61 7.40
N GLU A 108 17.79 -11.33 7.67
CA GLU A 108 19.10 -10.78 7.98
C GLU A 108 20.06 -10.99 6.82
N GLY A 1 13.75 3.21 9.15
CA GLY A 1 13.99 4.57 8.59
C GLY A 1 15.39 5.07 8.89
N SER A 2 15.47 6.19 9.60
CA SER A 2 16.77 6.78 9.96
C SER A 2 16.61 7.79 11.08
N SER A 3 15.61 8.67 10.96
CA SER A 3 15.36 9.69 11.96
C SER A 3 14.14 10.53 11.59
N PRO A 4 14.19 11.23 10.44
CA PRO A 4 13.08 12.07 9.99
C PRO A 4 11.85 11.24 9.58
N PRO A 5 10.74 11.91 9.27
CA PRO A 5 9.50 11.24 8.85
C PRO A 5 9.73 10.24 7.72
N LYS A 6 10.03 9.00 8.08
CA LYS A 6 10.28 7.96 7.08
C LYS A 6 9.46 6.72 7.38
N PRO A 7 9.31 5.87 6.37
CA PRO A 7 8.52 4.67 6.49
C PRO A 7 9.03 3.75 7.59
N GLY A 8 8.26 2.71 7.89
CA GLY A 8 8.63 1.77 8.92
C GLY A 8 7.58 1.74 10.02
N ASP A 9 6.34 2.02 9.64
CA ASP A 9 5.21 2.08 10.55
C ASP A 9 4.04 2.59 9.76
N ILE A 10 3.35 3.55 10.31
CA ILE A 10 2.22 4.12 9.63
C ILE A 10 2.71 5.12 8.57
N PHE A 11 2.74 4.66 7.33
CA PHE A 11 3.17 5.48 6.20
C PHE A 11 2.04 5.63 5.19
N GLU A 12 1.85 6.82 4.63
CA GLU A 12 0.83 7.03 3.64
C GLU A 12 1.46 7.38 2.30
N VAL A 13 0.81 7.06 1.15
CA VAL A 13 1.41 7.36 -0.11
C VAL A 13 0.46 8.17 -0.96
N GLU A 14 0.79 9.43 -1.15
CA GLU A 14 -0.05 10.29 -1.92
C GLU A 14 0.62 10.83 -3.17
N LEU A 15 -0.03 10.63 -4.29
CA LEU A 15 0.40 11.15 -5.59
C LEU A 15 -0.82 11.53 -6.41
N ALA A 16 -0.65 12.54 -7.25
CA ALA A 16 -1.73 13.00 -8.10
C ALA A 16 -1.41 12.61 -9.52
N LYS A 17 -2.28 11.83 -10.15
CA LYS A 17 -2.01 11.39 -11.53
C LYS A 17 -1.38 12.52 -12.33
N ASN A 18 -0.07 12.57 -12.31
CA ASN A 18 0.67 13.61 -13.03
C ASN A 18 1.85 13.05 -13.80
N ASP A 19 2.74 12.38 -13.09
CA ASP A 19 3.91 11.77 -13.71
C ASP A 19 3.91 10.30 -13.41
N ASN A 20 3.47 10.03 -12.19
CA ASN A 20 3.32 8.69 -11.69
C ASN A 20 2.51 8.77 -10.43
N SER A 21 1.83 7.69 -10.09
CA SER A 21 1.02 7.69 -8.90
C SER A 21 0.63 6.26 -8.58
N LEU A 22 1.58 5.38 -8.88
CA LEU A 22 1.43 3.95 -8.71
C LEU A 22 2.57 3.27 -9.44
N GLY A 23 2.60 1.95 -9.40
CA GLY A 23 3.60 1.20 -10.13
C GLY A 23 3.99 -0.03 -9.39
N ILE A 24 3.02 -0.65 -8.77
CA ILE A 24 3.28 -1.84 -7.99
C ILE A 24 2.56 -3.07 -8.51
N SER A 25 3.18 -4.22 -8.31
CA SER A 25 2.62 -5.46 -8.72
C SER A 25 2.00 -6.14 -7.51
N VAL A 26 0.69 -6.29 -7.53
CA VAL A 26 0.00 -6.88 -6.41
C VAL A 26 -0.32 -8.35 -6.66
N THR A 27 -0.54 -9.09 -5.57
CA THR A 27 -0.81 -10.52 -5.63
C THR A 27 0.50 -11.28 -5.79
N VAL A 28 1.59 -10.54 -5.89
CA VAL A 28 2.91 -11.10 -6.05
C VAL A 28 3.39 -11.75 -4.76
N LEU A 29 3.13 -11.10 -3.62
CA LEU A 29 3.51 -11.65 -2.34
C LEU A 29 2.26 -11.99 -1.58
N PHE A 30 1.17 -11.46 -2.06
CA PHE A 30 -0.13 -11.68 -1.49
C PHE A 30 -1.07 -12.26 -2.53
N ASP A 31 -2.36 -12.27 -2.21
CA ASP A 31 -3.37 -12.78 -3.13
C ASP A 31 -4.07 -11.63 -3.84
N LYS A 32 -4.02 -10.45 -3.23
CA LYS A 32 -4.65 -9.26 -3.79
C LYS A 32 -4.21 -8.01 -3.04
N GLY A 33 -2.93 -7.96 -2.64
CA GLY A 33 -2.43 -6.79 -1.93
C GLY A 33 -3.35 -6.45 -0.74
N GLY A 34 -4.19 -5.44 -0.92
CA GLY A 34 -5.12 -5.04 0.14
C GLY A 34 -5.98 -6.20 0.61
N VAL A 35 -6.56 -6.10 1.82
CA VAL A 35 -7.38 -7.15 2.40
C VAL A 35 -7.35 -6.95 3.89
N ASN A 36 -7.72 -7.96 4.64
CA ASN A 36 -7.62 -7.89 6.07
C ASN A 36 -7.17 -9.26 6.47
N THR A 37 -6.52 -9.89 5.48
CA THR A 37 -6.05 -11.24 5.56
C THR A 37 -6.31 -11.92 6.91
N SER A 38 -5.85 -11.29 7.99
CA SER A 38 -6.05 -11.87 9.33
C SER A 38 -5.66 -10.89 10.44
N VAL A 39 -6.04 -9.64 10.27
CA VAL A 39 -5.76 -8.62 11.27
C VAL A 39 -7.02 -7.82 11.58
N ARG A 40 -6.88 -6.58 12.03
CA ARG A 40 -8.03 -5.75 12.36
C ARG A 40 -7.88 -4.35 11.77
N HIS A 41 -7.24 -4.28 10.62
CA HIS A 41 -7.03 -3.00 9.93
C HIS A 41 -7.00 -3.20 8.43
N GLY A 42 -6.60 -4.39 8.03
CA GLY A 42 -6.49 -4.72 6.64
C GLY A 42 -5.17 -5.42 6.38
N GLY A 43 -4.27 -4.73 5.71
CA GLY A 43 -2.95 -5.30 5.49
C GLY A 43 -2.59 -5.72 4.07
N ILE A 44 -2.16 -4.75 3.26
CA ILE A 44 -1.72 -5.01 1.88
C ILE A 44 -0.33 -5.63 1.83
N TYR A 45 -0.20 -6.68 1.05
CA TYR A 45 1.08 -7.33 0.84
C TYR A 45 1.36 -7.37 -0.65
N VAL A 46 2.59 -7.06 -1.02
CA VAL A 46 2.91 -6.93 -2.42
C VAL A 46 4.39 -7.00 -2.76
N LYS A 47 4.71 -6.70 -4.04
CA LYS A 47 6.12 -6.62 -4.48
C LYS A 47 6.51 -5.18 -4.28
N ALA A 48 5.47 -4.38 -4.20
CA ALA A 48 5.49 -3.00 -3.95
C ALA A 48 5.78 -2.19 -5.19
N VAL A 49 6.55 -1.13 -5.08
CA VAL A 49 6.78 -0.23 -6.17
C VAL A 49 7.73 -0.67 -7.24
N ILE A 50 7.28 -0.37 -8.45
CA ILE A 50 7.98 -0.61 -9.69
C ILE A 50 9.46 -0.26 -9.55
N PRO A 51 10.31 -0.76 -10.45
CA PRO A 51 11.74 -0.48 -10.42
C PRO A 51 12.07 0.88 -10.99
N GLN A 52 11.21 1.33 -11.85
CA GLN A 52 11.36 2.61 -12.53
C GLN A 52 10.67 3.76 -11.78
N GLY A 53 10.36 3.54 -10.51
CA GLY A 53 9.73 4.58 -9.73
C GLY A 53 8.23 4.42 -9.61
N ALA A 54 7.49 5.08 -10.49
CA ALA A 54 6.03 5.03 -10.51
C ALA A 54 5.43 5.05 -9.09
N ALA A 55 4.86 3.93 -8.60
CA ALA A 55 4.29 3.91 -7.25
C ALA A 55 5.34 4.38 -6.28
N GLU A 56 6.55 4.00 -6.59
CA GLU A 56 7.72 4.36 -5.81
C GLU A 56 7.80 5.88 -5.70
N SER A 57 7.31 6.54 -6.75
CA SER A 57 7.22 7.99 -6.81
C SER A 57 6.01 8.37 -5.99
N ASP A 58 4.96 7.56 -6.14
CA ASP A 58 3.76 7.71 -5.34
C ASP A 58 4.20 7.53 -3.90
N GLY A 59 5.33 6.83 -3.76
CA GLY A 59 5.87 6.56 -2.44
C GLY A 59 5.05 5.54 -1.74
N ARG A 60 4.86 4.41 -2.41
CA ARG A 60 4.09 3.30 -1.86
C ARG A 60 4.99 2.10 -1.77
N ILE A 61 6.08 2.28 -1.07
CA ILE A 61 7.06 1.30 -0.93
C ILE A 61 6.87 0.39 0.25
N HIS A 62 7.18 -0.86 -0.01
CA HIS A 62 7.15 -1.93 0.94
C HIS A 62 6.43 -3.13 0.37
N LYS A 63 7.19 -4.16 0.06
CA LYS A 63 6.65 -5.39 -0.50
C LYS A 63 6.14 -6.27 0.61
N GLY A 64 4.82 -6.43 0.71
CA GLY A 64 4.31 -7.25 1.79
C GLY A 64 4.32 -6.50 3.09
N ASP A 65 3.16 -6.07 3.51
CA ASP A 65 3.03 -5.28 4.74
C ASP A 65 1.56 -5.13 5.12
N ARG A 66 1.24 -4.29 6.12
CA ARG A 66 -0.17 -4.15 6.47
C ARG A 66 -0.71 -2.71 6.58
N VAL A 67 -1.52 -2.35 5.58
CA VAL A 67 -2.19 -1.11 5.46
C VAL A 67 -3.42 -0.95 6.29
N LEU A 68 -3.56 0.26 6.78
CA LEU A 68 -4.75 0.62 7.51
C LEU A 68 -5.80 1.04 6.50
N ALA A 69 -5.43 1.93 5.57
CA ALA A 69 -6.34 2.37 4.51
C ALA A 69 -5.64 2.34 3.19
N VAL A 70 -6.36 2.09 2.12
CA VAL A 70 -5.78 2.09 0.79
C VAL A 70 -6.52 3.08 -0.08
N ASN A 71 -5.79 3.75 -0.96
CA ASN A 71 -6.37 4.77 -1.83
C ASN A 71 -7.22 5.74 -1.02
N GLY A 72 -7.04 5.73 0.29
CA GLY A 72 -7.82 6.61 1.14
C GLY A 72 -8.93 5.87 1.84
N VAL A 73 -9.33 4.72 1.29
CA VAL A 73 -10.37 3.93 1.92
C VAL A 73 -9.72 3.01 2.94
N SER A 74 -10.37 2.80 4.05
CA SER A 74 -9.80 1.92 5.06
C SER A 74 -10.06 0.51 4.61
N LEU A 75 -8.99 -0.25 4.30
CA LEU A 75 -9.18 -1.57 3.85
C LEU A 75 -9.07 -2.46 5.03
N GLU A 76 -10.13 -2.49 5.79
CA GLU A 76 -10.13 -3.31 6.95
C GLU A 76 -10.77 -4.64 6.60
N GLY A 77 -10.54 -5.07 5.36
CA GLY A 77 -11.12 -6.28 4.87
C GLY A 77 -12.20 -5.98 3.86
N ALA A 78 -12.09 -4.79 3.26
CA ALA A 78 -13.04 -4.34 2.27
C ALA A 78 -12.61 -4.78 0.89
N THR A 79 -11.36 -4.45 0.51
CA THR A 79 -10.87 -4.82 -0.78
C THR A 79 -11.96 -5.06 -1.72
N HIS A 80 -12.27 -6.34 -1.94
CA HIS A 80 -13.31 -6.70 -2.88
C HIS A 80 -13.57 -5.52 -3.79
N LYS A 81 -14.34 -4.55 -3.32
CA LYS A 81 -14.58 -3.35 -4.08
C LYS A 81 -13.48 -2.28 -3.95
N GLN A 82 -13.31 -1.81 -2.70
CA GLN A 82 -12.41 -0.69 -2.37
C GLN A 82 -10.92 -0.91 -2.43
N ALA A 83 -10.43 -1.90 -1.72
CA ALA A 83 -8.96 -2.06 -1.67
C ALA A 83 -8.38 -2.67 -2.90
N VAL A 84 -8.97 -3.71 -3.33
CA VAL A 84 -8.50 -4.37 -4.52
C VAL A 84 -8.66 -3.45 -5.71
N GLU A 85 -9.76 -2.73 -5.71
CA GLU A 85 -10.02 -1.79 -6.79
C GLU A 85 -8.95 -0.73 -6.86
N THR A 86 -8.49 -0.32 -5.69
CA THR A 86 -7.51 0.76 -5.65
C THR A 86 -6.16 0.32 -6.15
N LEU A 87 -5.73 -0.86 -5.74
CA LEU A 87 -4.43 -1.36 -6.18
C LEU A 87 -4.43 -1.53 -7.70
N ARG A 88 -5.57 -1.93 -8.23
CA ARG A 88 -5.74 -2.12 -9.66
C ARG A 88 -5.91 -0.82 -10.40
N ASN A 89 -6.51 0.18 -9.75
CA ASN A 89 -6.74 1.43 -10.44
C ASN A 89 -5.82 2.56 -9.98
N THR A 90 -5.05 2.29 -8.96
CA THR A 90 -4.11 3.27 -8.40
C THR A 90 -3.53 4.14 -9.51
N GLY A 91 -3.10 5.34 -9.16
CA GLY A 91 -2.53 6.23 -10.16
C GLY A 91 -3.35 7.48 -10.39
N GLN A 92 -4.60 7.32 -10.86
CA GLN A 92 -5.48 8.46 -11.12
C GLN A 92 -5.23 9.56 -10.08
N VAL A 93 -5.05 9.11 -8.86
CA VAL A 93 -4.76 9.89 -7.74
C VAL A 93 -4.85 8.99 -6.55
N VAL A 94 -3.71 8.69 -5.98
CA VAL A 94 -3.68 7.74 -4.93
C VAL A 94 -3.18 8.32 -3.63
N HIS A 95 -3.90 7.93 -2.64
CA HIS A 95 -3.59 8.27 -1.26
C HIS A 95 -3.68 7.04 -0.38
N LEU A 96 -2.58 6.62 0.21
CA LEU A 96 -2.58 5.45 1.01
C LEU A 96 -2.01 5.58 2.37
N LEU A 97 -2.70 4.95 3.29
CA LEU A 97 -2.23 4.86 4.64
C LEU A 97 -1.86 3.42 4.93
N LEU A 98 -0.58 3.18 5.14
CA LEU A 98 -0.06 1.83 5.40
C LEU A 98 0.45 1.69 6.81
N GLU A 99 0.42 0.46 7.30
CA GLU A 99 0.92 0.16 8.62
C GLU A 99 1.96 -0.95 8.58
N LYS A 100 3.16 -0.59 8.95
CA LYS A 100 4.28 -1.50 8.97
C LYS A 100 4.11 -2.59 10.02
N GLY A 101 4.16 -3.84 9.54
CA GLY A 101 4.04 -4.96 10.42
C GLY A 101 4.45 -6.24 9.73
N GLN A 102 5.42 -6.09 8.84
CA GLN A 102 5.95 -7.19 8.06
C GLN A 102 6.34 -8.37 8.94
N SER A 103 5.84 -9.55 8.60
CA SER A 103 6.13 -10.76 9.37
C SER A 103 7.61 -11.09 9.33
N PRO A 104 8.16 -11.36 8.12
CA PRO A 104 9.57 -11.69 7.95
C PRO A 104 10.48 -10.52 8.18
N THR A 105 11.76 -10.81 8.24
CA THR A 105 12.74 -9.80 8.49
C THR A 105 12.74 -8.74 7.38
N SER A 106 13.19 -9.14 6.20
CA SER A 106 13.24 -8.23 5.06
C SER A 106 12.71 -8.91 3.80
N LYS A 107 13.12 -10.15 3.57
CA LYS A 107 12.68 -10.91 2.41
C LYS A 107 12.15 -12.28 2.82
N GLU A 108 13.04 -13.13 3.32
CA GLU A 108 12.67 -14.47 3.74
C GLU A 108 12.08 -15.27 2.58
N GLY A 1 12.30 20.55 12.58
CA GLY A 1 11.68 19.46 11.79
C GLY A 1 11.07 18.38 12.67
N SER A 2 9.94 17.83 12.23
CA SER A 2 9.25 16.79 12.98
C SER A 2 8.96 15.58 12.10
N SER A 3 7.96 15.72 11.23
CA SER A 3 7.57 14.65 10.33
C SER A 3 7.17 13.39 11.10
N PRO A 4 6.07 13.48 11.88
CA PRO A 4 5.58 12.34 12.67
C PRO A 4 5.30 11.11 11.83
N PRO A 5 4.58 11.27 10.69
CA PRO A 5 4.26 10.15 9.81
C PRO A 5 5.42 9.78 8.89
N LYS A 6 6.19 8.78 9.31
CA LYS A 6 7.34 8.33 8.51
C LYS A 6 7.29 6.84 8.30
N PRO A 7 8.00 6.37 7.27
CA PRO A 7 8.01 4.97 6.93
C PRO A 7 8.52 4.09 8.07
N GLY A 8 8.01 2.86 8.14
CA GLY A 8 8.40 1.95 9.20
C GLY A 8 7.31 1.84 10.25
N ASP A 9 6.08 2.10 9.83
CA ASP A 9 4.92 2.07 10.70
C ASP A 9 3.76 2.63 9.90
N ILE A 10 3.08 3.57 10.48
CA ILE A 10 1.97 4.18 9.79
C ILE A 10 2.51 5.22 8.79
N PHE A 11 2.55 4.77 7.53
CA PHE A 11 3.03 5.57 6.43
C PHE A 11 1.92 5.76 5.40
N GLU A 12 1.97 6.82 4.59
CA GLU A 12 0.95 7.02 3.58
C GLU A 12 1.59 7.37 2.24
N VAL A 13 0.96 7.03 1.11
CA VAL A 13 1.55 7.35 -0.16
C VAL A 13 0.62 8.19 -0.99
N GLU A 14 0.98 9.44 -1.16
CA GLU A 14 0.17 10.34 -1.92
C GLU A 14 0.85 10.85 -3.19
N LEU A 15 0.17 10.69 -4.29
CA LEU A 15 0.58 11.20 -5.60
C LEU A 15 -0.62 11.65 -6.38
N ALA A 16 -0.44 12.65 -7.23
CA ALA A 16 -1.52 13.16 -8.05
C ALA A 16 -1.27 12.74 -9.47
N LYS A 17 -2.22 12.04 -10.09
CA LYS A 17 -2.01 11.60 -11.46
C LYS A 17 -1.36 12.70 -12.29
N ASN A 18 -0.04 12.67 -12.32
CA ASN A 18 0.72 13.69 -13.05
C ASN A 18 1.86 13.08 -13.86
N ASP A 19 2.75 12.38 -13.17
CA ASP A 19 3.89 11.74 -13.82
C ASP A 19 3.87 10.27 -13.47
N ASN A 20 3.44 10.03 -12.26
CA ASN A 20 3.30 8.70 -11.73
C ASN A 20 2.46 8.78 -10.48
N SER A 21 1.80 7.71 -10.13
CA SER A 21 0.97 7.71 -8.97
C SER A 21 0.56 6.28 -8.67
N LEU A 22 1.52 5.40 -8.91
CA LEU A 22 1.37 3.97 -8.76
C LEU A 22 2.53 3.29 -9.46
N GLY A 23 2.56 1.97 -9.42
CA GLY A 23 3.57 1.22 -10.11
C GLY A 23 3.96 -0.03 -9.36
N ILE A 24 2.96 -0.63 -8.74
CA ILE A 24 3.21 -1.82 -7.96
C ILE A 24 2.46 -3.03 -8.47
N SER A 25 3.06 -4.19 -8.27
CA SER A 25 2.46 -5.42 -8.67
C SER A 25 1.87 -6.09 -7.44
N VAL A 26 0.55 -6.22 -7.43
CA VAL A 26 -0.13 -6.81 -6.29
C VAL A 26 -0.47 -8.27 -6.54
N THR A 27 -0.66 -9.01 -5.46
CA THR A 27 -0.94 -10.45 -5.54
C THR A 27 0.35 -11.22 -5.77
N VAL A 28 1.45 -10.48 -5.83
CA VAL A 28 2.78 -11.04 -6.05
C VAL A 28 3.29 -11.73 -4.79
N LEU A 29 3.11 -11.08 -3.64
CA LEU A 29 3.55 -11.66 -2.39
C LEU A 29 2.32 -12.04 -1.59
N PHE A 30 1.21 -11.51 -2.05
CA PHE A 30 -0.06 -11.75 -1.43
C PHE A 30 -1.04 -12.32 -2.47
N ASP A 31 -2.31 -12.37 -2.11
CA ASP A 31 -3.34 -12.88 -3.02
C ASP A 31 -4.02 -11.72 -3.73
N LYS A 32 -3.96 -10.53 -3.13
CA LYS A 32 -4.57 -9.34 -3.69
C LYS A 32 -4.13 -8.09 -2.93
N GLY A 33 -2.87 -8.05 -2.52
CA GLY A 33 -2.38 -6.89 -1.78
C GLY A 33 -3.30 -6.56 -0.60
N GLY A 34 -4.14 -5.53 -0.75
CA GLY A 34 -5.06 -5.16 0.31
C GLY A 34 -5.93 -6.32 0.77
N VAL A 35 -6.49 -6.21 1.98
CA VAL A 35 -7.33 -7.26 2.55
C VAL A 35 -7.34 -7.03 4.05
N ASN A 36 -7.70 -8.03 4.81
CA ASN A 36 -7.65 -7.92 6.24
C ASN A 36 -7.21 -9.29 6.67
N THR A 37 -6.50 -9.91 5.73
CA THR A 37 -6.02 -11.25 5.84
C THR A 37 -6.19 -11.86 7.23
N SER A 38 -5.68 -11.18 8.26
CA SER A 38 -5.79 -11.69 9.62
C SER A 38 -5.49 -10.62 10.68
N VAL A 39 -6.06 -9.46 10.50
CA VAL A 39 -5.88 -8.36 11.44
C VAL A 39 -7.19 -7.57 11.58
N ARG A 40 -7.10 -6.28 11.90
CA ARG A 40 -8.30 -5.47 12.06
C ARG A 40 -8.25 -4.18 11.26
N HIS A 41 -7.12 -3.91 10.63
CA HIS A 41 -6.95 -2.69 9.83
C HIS A 41 -6.95 -3.03 8.35
N GLY A 42 -6.58 -4.25 8.06
CA GLY A 42 -6.49 -4.69 6.69
C GLY A 42 -5.19 -5.43 6.46
N GLY A 43 -4.27 -4.79 5.74
CA GLY A 43 -2.96 -5.40 5.55
C GLY A 43 -2.59 -5.81 4.14
N ILE A 44 -2.11 -4.86 3.35
CA ILE A 44 -1.66 -5.12 1.97
C ILE A 44 -0.27 -5.73 1.93
N TYR A 45 -0.15 -6.78 1.15
CA TYR A 45 1.15 -7.43 0.92
C TYR A 45 1.41 -7.45 -0.56
N VAL A 46 2.63 -7.09 -0.96
CA VAL A 46 2.90 -6.94 -2.36
C VAL A 46 4.38 -7.01 -2.74
N LYS A 47 4.67 -6.68 -4.02
CA LYS A 47 6.06 -6.60 -4.49
C LYS A 47 6.46 -5.16 -4.28
N ALA A 48 5.41 -4.35 -4.18
CA ALA A 48 5.44 -2.98 -3.92
C ALA A 48 5.72 -2.16 -5.17
N VAL A 49 6.51 -1.12 -5.05
CA VAL A 49 6.73 -0.23 -6.15
C VAL A 49 7.70 -0.67 -7.22
N ILE A 50 7.24 -0.38 -8.43
CA ILE A 50 7.94 -0.63 -9.67
C ILE A 50 9.42 -0.29 -9.53
N PRO A 51 10.27 -0.81 -10.43
CA PRO A 51 11.69 -0.53 -10.41
C PRO A 51 12.03 0.81 -11.01
N GLN A 52 11.17 1.24 -11.87
CA GLN A 52 11.34 2.51 -12.58
C GLN A 52 10.67 3.67 -11.85
N GLY A 53 10.36 3.49 -10.58
CA GLY A 53 9.74 4.56 -9.81
C GLY A 53 8.24 4.41 -9.67
N ALA A 54 7.50 5.07 -10.56
CA ALA A 54 6.05 5.03 -10.55
C ALA A 54 5.46 5.05 -9.12
N ALA A 55 4.87 3.95 -8.63
CA ALA A 55 4.31 3.93 -7.28
C ALA A 55 5.37 4.37 -6.32
N GLU A 56 6.58 3.96 -6.64
CA GLU A 56 7.76 4.28 -5.86
C GLU A 56 7.88 5.80 -5.72
N SER A 57 7.41 6.49 -6.76
CA SER A 57 7.34 7.94 -6.80
C SER A 57 6.15 8.33 -5.96
N ASP A 58 5.08 7.56 -6.13
CA ASP A 58 3.89 7.71 -5.33
C ASP A 58 4.31 7.47 -3.90
N GLY A 59 5.43 6.74 -3.75
CA GLY A 59 5.95 6.43 -2.45
C GLY A 59 5.11 5.39 -1.78
N ARG A 60 4.92 4.28 -2.49
CA ARG A 60 4.14 3.17 -1.98
C ARG A 60 5.04 1.97 -1.84
N ILE A 61 6.13 2.20 -1.14
CA ILE A 61 7.12 1.23 -0.94
C ILE A 61 6.91 0.34 0.24
N HIS A 62 7.25 -0.90 0.02
CA HIS A 62 7.20 -1.97 0.99
C HIS A 62 6.46 -3.16 0.42
N LYS A 63 7.21 -4.18 0.08
CA LYS A 63 6.65 -5.40 -0.47
C LYS A 63 6.16 -6.28 0.65
N GLY A 64 4.85 -6.43 0.79
CA GLY A 64 4.36 -7.25 1.87
C GLY A 64 4.37 -6.48 3.17
N ASP A 65 3.18 -6.12 3.61
CA ASP A 65 3.03 -5.33 4.83
C ASP A 65 1.55 -5.20 5.21
N ARG A 66 1.23 -4.36 6.19
CA ARG A 66 -0.19 -4.23 6.54
C ARG A 66 -0.73 -2.79 6.61
N VAL A 67 -1.55 -2.45 5.62
CA VAL A 67 -2.23 -1.22 5.47
C VAL A 67 -3.49 -1.05 6.26
N LEU A 68 -3.63 0.17 6.73
CA LEU A 68 -4.84 0.54 7.41
C LEU A 68 -5.85 0.97 6.34
N ALA A 69 -5.40 1.83 5.41
CA ALA A 69 -6.26 2.27 4.31
C ALA A 69 -5.49 2.19 3.01
N VAL A 70 -6.18 1.97 1.91
CA VAL A 70 -5.55 1.92 0.61
C VAL A 70 -6.20 2.94 -0.30
N ASN A 71 -5.40 3.56 -1.15
CA ASN A 71 -5.89 4.59 -2.06
C ASN A 71 -6.83 5.56 -1.36
N GLY A 72 -6.78 5.57 -0.03
CA GLY A 72 -7.66 6.44 0.72
C GLY A 72 -8.81 5.71 1.38
N VAL A 73 -9.18 4.55 0.83
CA VAL A 73 -10.25 3.77 1.44
C VAL A 73 -9.64 2.89 2.50
N SER A 74 -10.33 2.70 3.60
CA SER A 74 -9.80 1.86 4.66
C SER A 74 -10.02 0.43 4.24
N LEU A 75 -8.94 -0.32 4.04
CA LEU A 75 -9.09 -1.67 3.64
C LEU A 75 -8.99 -2.51 4.86
N GLU A 76 -10.06 -2.53 5.60
CA GLU A 76 -10.09 -3.30 6.80
C GLU A 76 -10.66 -4.67 6.49
N GLY A 77 -10.37 -5.15 5.28
CA GLY A 77 -10.87 -6.41 4.84
C GLY A 77 -11.97 -6.22 3.83
N ALA A 78 -11.97 -5.02 3.24
CA ALA A 78 -12.96 -4.66 2.23
C ALA A 78 -12.49 -5.06 0.86
N THR A 79 -11.26 -4.64 0.48
CA THR A 79 -10.73 -4.96 -0.82
C THR A 79 -11.80 -5.26 -1.78
N HIS A 80 -12.05 -6.55 -1.98
CA HIS A 80 -13.05 -6.98 -2.92
C HIS A 80 -13.39 -5.81 -3.83
N LYS A 81 -14.21 -4.89 -3.35
CA LYS A 81 -14.52 -3.71 -4.13
C LYS A 81 -13.47 -2.58 -4.00
N GLN A 82 -13.32 -2.09 -2.77
CA GLN A 82 -12.47 -0.92 -2.47
C GLN A 82 -10.98 -1.07 -2.55
N ALA A 83 -10.44 -2.01 -1.82
CA ALA A 83 -8.99 -2.09 -1.78
C ALA A 83 -8.38 -2.68 -3.00
N VAL A 84 -8.88 -3.80 -3.38
CA VAL A 84 -8.38 -4.47 -4.54
C VAL A 84 -8.62 -3.61 -5.77
N GLU A 85 -9.81 -3.10 -5.86
CA GLU A 85 -10.15 -2.25 -6.99
C GLU A 85 -9.31 -1.00 -7.00
N THR A 86 -8.98 -0.53 -5.82
CA THR A 86 -8.26 0.72 -5.73
C THR A 86 -6.80 0.56 -6.10
N LEU A 87 -6.19 -0.57 -5.72
CA LEU A 87 -4.79 -0.82 -6.06
C LEU A 87 -4.66 -0.88 -7.57
N ARG A 88 -5.68 -1.47 -8.18
CA ARG A 88 -5.73 -1.62 -9.62
C ARG A 88 -6.11 -0.31 -10.29
N ASN A 89 -6.90 0.50 -9.60
CA ASN A 89 -7.32 1.73 -10.20
C ASN A 89 -6.49 2.94 -9.76
N THR A 90 -5.57 2.69 -8.86
CA THR A 90 -4.68 3.72 -8.35
C THR A 90 -4.14 4.58 -9.49
N GLY A 91 -3.39 5.62 -9.14
CA GLY A 91 -2.83 6.48 -10.15
C GLY A 91 -3.57 7.80 -10.32
N GLN A 92 -4.83 7.74 -10.76
CA GLN A 92 -5.64 8.96 -10.94
C GLN A 92 -5.26 9.99 -9.89
N VAL A 93 -5.09 9.50 -8.68
CA VAL A 93 -4.70 10.23 -7.56
C VAL A 93 -4.78 9.30 -6.39
N VAL A 94 -3.63 8.93 -5.88
CA VAL A 94 -3.60 7.96 -4.87
C VAL A 94 -3.06 8.48 -3.56
N HIS A 95 -3.76 8.06 -2.55
CA HIS A 95 -3.39 8.34 -1.18
C HIS A 95 -3.51 7.09 -0.33
N LEU A 96 -2.40 6.60 0.19
CA LEU A 96 -2.41 5.40 0.94
C LEU A 96 -1.84 5.49 2.30
N LEU A 97 -2.54 4.86 3.21
CA LEU A 97 -2.05 4.75 4.56
C LEU A 97 -1.73 3.29 4.87
N LEU A 98 -0.46 3.01 5.06
CA LEU A 98 0.01 1.66 5.34
C LEU A 98 0.51 1.54 6.77
N GLU A 99 0.40 0.34 7.32
CA GLU A 99 0.87 0.09 8.66
C GLU A 99 1.93 -1.01 8.67
N LYS A 100 3.13 -0.61 9.03
CA LYS A 100 4.27 -1.51 9.08
C LYS A 100 4.12 -2.56 10.16
N GLY A 101 3.92 -3.80 9.74
CA GLY A 101 3.78 -4.88 10.68
C GLY A 101 4.23 -6.20 10.09
N GLN A 102 5.26 -6.13 9.26
CA GLN A 102 5.80 -7.31 8.60
C GLN A 102 6.50 -8.23 9.61
N SER A 103 7.69 -7.83 10.03
CA SER A 103 8.46 -8.62 10.99
C SER A 103 8.19 -8.16 12.42
N PRO A 104 8.26 -9.09 13.40
CA PRO A 104 8.02 -8.77 14.81
C PRO A 104 9.12 -7.97 15.42
N THR A 105 9.24 -6.74 14.95
CA THR A 105 10.23 -5.84 15.49
C THR A 105 10.09 -4.45 14.88
N SER A 106 9.76 -4.40 13.60
CA SER A 106 9.60 -3.12 12.90
C SER A 106 10.92 -2.35 12.88
N LYS A 107 12.02 -3.08 12.72
CA LYS A 107 13.35 -2.47 12.68
C LYS A 107 14.39 -3.46 12.19
N GLU A 108 14.29 -4.71 12.67
CA GLU A 108 15.23 -5.74 12.28
C GLU A 108 14.54 -6.80 11.43
N GLY A 1 12.79 21.69 13.57
CA GLY A 1 13.60 20.65 12.88
C GLY A 1 13.08 20.31 11.50
N SER A 2 13.97 19.87 10.61
CA SER A 2 13.58 19.52 9.25
C SER A 2 13.86 18.05 8.96
N SER A 3 12.80 17.26 8.82
CA SER A 3 12.93 15.84 8.55
C SER A 3 11.57 15.19 8.34
N PRO A 4 11.05 15.22 7.09
CA PRO A 4 9.75 14.63 6.77
C PRO A 4 9.63 13.18 7.23
N PRO A 5 8.41 12.75 7.60
CA PRO A 5 8.17 11.38 8.07
C PRO A 5 8.68 10.33 7.08
N LYS A 6 8.95 9.13 7.57
CA LYS A 6 9.43 8.05 6.73
C LYS A 6 8.77 6.74 7.09
N PRO A 7 8.84 5.78 6.18
CA PRO A 7 8.21 4.49 6.38
C PRO A 7 8.76 3.76 7.60
N GLY A 8 8.23 2.57 7.86
CA GLY A 8 8.65 1.79 9.00
C GLY A 8 7.58 1.80 10.09
N ASP A 9 6.34 2.06 9.66
CA ASP A 9 5.21 2.14 10.55
C ASP A 9 4.03 2.62 9.74
N ILE A 10 3.26 3.50 10.30
CA ILE A 10 2.14 4.03 9.60
C ILE A 10 2.61 5.11 8.62
N PHE A 11 2.71 4.69 7.36
CA PHE A 11 3.15 5.56 6.28
C PHE A 11 2.04 5.69 5.23
N GLU A 12 1.87 6.87 4.64
CA GLU A 12 0.87 7.04 3.62
C GLU A 12 1.53 7.38 2.28
N VAL A 13 0.91 7.03 1.14
CA VAL A 13 1.52 7.33 -0.12
C VAL A 13 0.60 8.17 -0.96
N GLU A 14 0.95 9.41 -1.14
CA GLU A 14 0.15 10.31 -1.90
C GLU A 14 0.83 10.82 -3.17
N LEU A 15 0.14 10.66 -4.28
CA LEU A 15 0.59 11.17 -5.58
C LEU A 15 -0.63 11.61 -6.37
N ALA A 16 -0.45 12.62 -7.22
CA ALA A 16 -1.51 13.12 -8.04
C ALA A 16 -1.25 12.71 -9.47
N LYS A 17 -2.19 12.01 -10.09
CA LYS A 17 -1.97 11.56 -11.46
C LYS A 17 -1.34 12.66 -12.29
N ASN A 18 -0.01 12.64 -12.31
CA ASN A 18 0.74 13.67 -13.05
C ASN A 18 1.89 13.07 -13.84
N ASP A 19 2.78 12.38 -13.14
CA ASP A 19 3.93 11.75 -13.78
C ASP A 19 3.92 10.28 -13.42
N ASN A 20 3.50 10.04 -12.21
CA ASN A 20 3.35 8.72 -11.67
C ASN A 20 2.50 8.81 -10.44
N SER A 21 1.84 7.72 -10.10
CA SER A 21 0.99 7.72 -8.93
C SER A 21 0.59 6.29 -8.64
N LEU A 22 1.56 5.41 -8.88
CA LEU A 22 1.42 3.98 -8.72
C LEU A 22 2.59 3.31 -9.42
N GLY A 23 2.61 1.99 -9.37
CA GLY A 23 3.64 1.24 -10.07
C GLY A 23 4.00 0.00 -9.33
N ILE A 24 3.01 -0.60 -8.72
CA ILE A 24 3.26 -1.80 -7.93
C ILE A 24 2.50 -3.00 -8.47
N SER A 25 3.09 -4.17 -8.27
CA SER A 25 2.49 -5.40 -8.69
C SER A 25 1.88 -6.08 -7.48
N VAL A 26 0.57 -6.23 -7.48
CA VAL A 26 -0.11 -6.82 -6.35
C VAL A 26 -0.44 -8.29 -6.61
N THR A 27 -0.63 -9.03 -5.52
CA THR A 27 -0.90 -10.47 -5.60
C THR A 27 0.39 -11.24 -5.80
N VAL A 28 1.49 -10.48 -5.87
CA VAL A 28 2.82 -11.05 -6.05
C VAL A 28 3.32 -11.70 -4.78
N LEU A 29 3.06 -11.08 -3.63
CA LEU A 29 3.47 -11.63 -2.37
C LEU A 29 2.25 -12.00 -1.57
N PHE A 30 1.13 -11.53 -2.06
CA PHE A 30 -0.14 -11.77 -1.44
C PHE A 30 -1.12 -12.36 -2.47
N ASP A 31 -2.41 -12.32 -2.15
CA ASP A 31 -3.44 -12.83 -3.05
C ASP A 31 -4.17 -11.68 -3.73
N LYS A 32 -3.98 -10.46 -3.22
CA LYS A 32 -4.63 -9.28 -3.77
C LYS A 32 -4.18 -8.02 -3.03
N GLY A 33 -2.93 -8.02 -2.54
CA GLY A 33 -2.45 -6.86 -1.81
C GLY A 33 -3.37 -6.56 -0.62
N GLY A 34 -4.24 -5.56 -0.78
CA GLY A 34 -5.18 -5.20 0.28
C GLY A 34 -6.01 -6.37 0.76
N VAL A 35 -6.58 -6.24 1.96
CA VAL A 35 -7.38 -7.29 2.57
C VAL A 35 -7.37 -7.04 4.06
N ASN A 36 -7.70 -8.03 4.84
CA ASN A 36 -7.62 -7.90 6.26
C ASN A 36 -7.19 -9.26 6.71
N THR A 37 -6.50 -9.91 5.77
CA THR A 37 -6.04 -11.27 5.89
C THR A 37 -6.19 -11.81 7.31
N SER A 38 -5.61 -11.11 8.29
CA SER A 38 -5.70 -11.54 9.69
C SER A 38 -5.28 -10.42 10.64
N VAL A 39 -6.11 -9.40 10.74
CA VAL A 39 -5.85 -8.27 11.61
C VAL A 39 -7.14 -7.45 11.79
N ARG A 40 -7.02 -6.16 12.09
CA ARG A 40 -8.19 -5.32 12.29
C ARG A 40 -8.15 -4.04 11.44
N HIS A 41 -7.08 -3.87 10.66
CA HIS A 41 -6.94 -2.68 9.82
C HIS A 41 -6.95 -3.03 8.35
N GLY A 42 -6.57 -4.25 8.05
CA GLY A 42 -6.48 -4.70 6.69
C GLY A 42 -5.17 -5.40 6.44
N GLY A 43 -4.29 -4.75 5.69
CA GLY A 43 -2.98 -5.33 5.48
C GLY A 43 -2.63 -5.77 4.06
N ILE A 44 -2.19 -4.81 3.24
CA ILE A 44 -1.75 -5.11 1.86
C ILE A 44 -0.36 -5.70 1.82
N TYR A 45 -0.22 -6.76 1.05
CA TYR A 45 1.07 -7.40 0.84
C TYR A 45 1.35 -7.45 -0.64
N VAL A 46 2.54 -7.02 -1.04
CA VAL A 46 2.83 -6.90 -2.43
C VAL A 46 4.32 -6.95 -2.80
N LYS A 47 4.64 -6.65 -4.07
CA LYS A 47 6.04 -6.58 -4.51
C LYS A 47 6.48 -5.15 -4.28
N ALA A 48 5.44 -4.34 -4.15
CA ALA A 48 5.51 -2.97 -3.86
C ALA A 48 5.78 -2.15 -5.11
N VAL A 49 6.55 -1.09 -4.99
CA VAL A 49 6.77 -0.19 -6.09
C VAL A 49 7.74 -0.63 -7.16
N ILE A 50 7.27 -0.34 -8.37
CA ILE A 50 7.99 -0.60 -9.61
C ILE A 50 9.47 -0.25 -9.46
N PRO A 51 10.32 -0.77 -10.36
CA PRO A 51 11.75 -0.49 -10.32
C PRO A 51 12.09 0.87 -10.91
N GLN A 52 11.23 1.30 -11.79
CA GLN A 52 11.40 2.57 -12.48
C GLN A 52 10.73 3.73 -11.76
N GLY A 53 10.41 3.53 -10.48
CA GLY A 53 9.78 4.60 -9.71
C GLY A 53 8.29 4.45 -9.59
N ALA A 54 7.55 5.11 -10.47
CA ALA A 54 6.09 5.06 -10.47
C ALA A 54 5.49 5.08 -9.05
N ALA A 55 4.91 3.97 -8.56
CA ALA A 55 4.34 3.95 -7.22
C ALA A 55 5.40 4.39 -6.25
N GLU A 56 6.61 3.98 -6.57
CA GLU A 56 7.78 4.30 -5.78
C GLU A 56 7.89 5.82 -5.64
N SER A 57 7.43 6.51 -6.68
CA SER A 57 7.36 7.96 -6.71
C SER A 57 6.16 8.34 -5.87
N ASP A 58 5.09 7.56 -6.06
CA ASP A 58 3.90 7.71 -5.25
C ASP A 58 4.32 7.48 -3.81
N GLY A 59 5.44 6.76 -3.68
CA GLY A 59 5.95 6.45 -2.36
C GLY A 59 5.12 5.41 -1.69
N ARG A 60 4.92 4.31 -2.39
CA ARG A 60 4.13 3.21 -1.89
C ARG A 60 5.03 2.00 -1.76
N ILE A 61 6.13 2.21 -1.07
CA ILE A 61 7.11 1.23 -0.89
C ILE A 61 6.89 0.31 0.27
N HIS A 62 7.23 -0.93 0.01
CA HIS A 62 7.18 -2.02 0.96
C HIS A 62 6.45 -3.21 0.36
N LYS A 63 7.21 -4.23 0.04
CA LYS A 63 6.65 -5.45 -0.54
C LYS A 63 6.14 -6.34 0.57
N GLY A 64 4.81 -6.48 0.67
CA GLY A 64 4.30 -7.31 1.74
C GLY A 64 4.32 -6.55 3.05
N ASP A 65 3.15 -6.10 3.46
CA ASP A 65 3.03 -5.32 4.69
C ASP A 65 1.56 -5.16 5.08
N ARG A 66 1.25 -4.31 6.07
CA ARG A 66 -0.16 -4.18 6.44
C ARG A 66 -0.71 -2.74 6.53
N VAL A 67 -1.54 -2.39 5.55
CA VAL A 67 -2.22 -1.17 5.42
C VAL A 67 -3.49 -1.05 6.18
N LEU A 68 -3.68 0.15 6.69
CA LEU A 68 -4.91 0.46 7.36
C LEU A 68 -5.92 0.91 6.31
N ALA A 69 -5.50 1.80 5.41
CA ALA A 69 -6.35 2.26 4.33
C ALA A 69 -5.58 2.21 3.03
N VAL A 70 -6.26 1.99 1.92
CA VAL A 70 -5.62 1.95 0.62
C VAL A 70 -6.29 2.96 -0.29
N ASN A 71 -5.49 3.59 -1.14
CA ASN A 71 -5.98 4.62 -2.04
C ASN A 71 -6.92 5.57 -1.33
N GLY A 72 -6.86 5.59 -0.01
CA GLY A 72 -7.74 6.46 0.75
C GLY A 72 -8.89 5.72 1.39
N VAL A 73 -9.24 4.56 0.85
CA VAL A 73 -10.31 3.77 1.44
C VAL A 73 -9.71 2.89 2.51
N SER A 74 -10.42 2.69 3.60
CA SER A 74 -9.88 1.84 4.65
C SER A 74 -10.09 0.41 4.24
N LEU A 75 -9.00 -0.32 4.04
CA LEU A 75 -9.13 -1.68 3.64
C LEU A 75 -9.03 -2.52 4.87
N GLU A 76 -10.10 -2.54 5.59
CA GLU A 76 -10.13 -3.30 6.80
C GLU A 76 -10.68 -4.68 6.49
N GLY A 77 -10.38 -5.17 5.29
CA GLY A 77 -10.87 -6.44 4.84
C GLY A 77 -11.97 -6.25 3.82
N ALA A 78 -12.01 -5.04 3.26
CA ALA A 78 -13.00 -4.69 2.27
C ALA A 78 -12.52 -5.10 0.89
N THR A 79 -11.32 -4.67 0.50
CA THR A 79 -10.78 -4.99 -0.79
C THR A 79 -11.86 -5.28 -1.76
N HIS A 80 -12.12 -6.57 -1.96
CA HIS A 80 -13.13 -6.99 -2.90
C HIS A 80 -13.44 -5.81 -3.82
N LYS A 81 -14.25 -4.88 -3.34
CA LYS A 81 -14.55 -3.71 -4.12
C LYS A 81 -13.49 -2.58 -4.00
N GLN A 82 -13.34 -2.09 -2.77
CA GLN A 82 -12.48 -0.93 -2.47
C GLN A 82 -10.99 -1.10 -2.54
N ALA A 83 -10.46 -2.04 -1.81
CA ALA A 83 -9.00 -2.14 -1.77
C ALA A 83 -8.41 -2.74 -2.99
N VAL A 84 -8.91 -3.86 -3.37
CA VAL A 84 -8.41 -4.53 -4.52
C VAL A 84 -8.65 -3.68 -5.75
N GLU A 85 -9.85 -3.16 -5.86
CA GLU A 85 -10.18 -2.32 -7.00
C GLU A 85 -9.33 -1.08 -7.02
N THR A 86 -8.98 -0.60 -5.84
CA THR A 86 -8.25 0.62 -5.75
C THR A 86 -6.78 0.45 -6.12
N LEU A 87 -6.19 -0.68 -5.72
CA LEU A 87 -4.79 -0.95 -6.06
C LEU A 87 -4.66 -0.99 -7.57
N ARG A 88 -5.68 -1.56 -8.19
CA ARG A 88 -5.74 -1.69 -9.64
C ARG A 88 -6.10 -0.38 -10.29
N ASN A 89 -6.87 0.44 -9.61
CA ASN A 89 -7.29 1.67 -10.19
C ASN A 89 -6.46 2.87 -9.75
N THR A 90 -5.54 2.63 -8.84
CA THR A 90 -4.66 3.67 -8.33
C THR A 90 -4.10 4.52 -9.48
N GLY A 91 -3.37 5.56 -9.12
CA GLY A 91 -2.79 6.41 -10.15
C GLY A 91 -3.53 7.72 -10.32
N GLN A 92 -4.80 7.67 -10.77
CA GLN A 92 -5.61 8.88 -10.97
C GLN A 92 -5.24 9.92 -9.93
N VAL A 93 -5.07 9.43 -8.72
CA VAL A 93 -4.68 10.18 -7.60
C VAL A 93 -4.77 9.25 -6.42
N VAL A 94 -3.63 8.88 -5.90
CA VAL A 94 -3.60 7.92 -4.87
C VAL A 94 -3.07 8.44 -3.56
N HIS A 95 -3.77 8.05 -2.57
CA HIS A 95 -3.43 8.34 -1.19
C HIS A 95 -3.56 7.09 -0.33
N LEU A 96 -2.45 6.60 0.20
CA LEU A 96 -2.47 5.42 0.97
C LEU A 96 -1.91 5.51 2.34
N LEU A 97 -2.63 4.92 3.26
CA LEU A 97 -2.16 4.80 4.62
C LEU A 97 -1.80 3.35 4.89
N LEU A 98 -0.52 3.11 5.10
CA LEU A 98 -0.02 1.75 5.35
C LEU A 98 0.55 1.59 6.74
N GLU A 99 0.44 0.38 7.25
CA GLU A 99 1.00 0.06 8.56
C GLU A 99 2.09 -0.97 8.42
N LYS A 100 3.25 -0.57 8.88
CA LYS A 100 4.43 -1.39 8.80
C LYS A 100 4.47 -2.47 9.87
N GLY A 101 4.32 -3.71 9.43
CA GLY A 101 4.35 -4.83 10.34
C GLY A 101 4.84 -6.09 9.67
N GLN A 102 5.78 -5.91 8.75
CA GLN A 102 6.36 -7.01 8.01
C GLN A 102 6.88 -8.10 8.93
N SER A 103 8.06 -7.87 9.51
CA SER A 103 8.67 -8.82 10.42
C SER A 103 8.26 -8.57 11.86
N PRO A 104 8.43 -7.32 12.35
CA PRO A 104 8.07 -6.95 13.71
C PRO A 104 6.66 -7.30 14.07
N THR A 105 6.39 -7.25 15.36
CA THR A 105 5.08 -7.61 15.86
C THR A 105 4.05 -6.55 15.49
N SER A 106 3.61 -6.55 14.24
CA SER A 106 2.62 -5.58 13.77
C SER A 106 3.23 -4.19 13.63
N LYS A 107 3.73 -3.65 14.74
CA LYS A 107 4.35 -2.33 14.73
C LYS A 107 5.11 -2.07 16.03
N GLU A 108 5.69 -3.14 16.60
CA GLU A 108 6.44 -3.02 17.83
C GLU A 108 7.65 -3.96 17.81
N GLY A 1 15.88 8.37 0.44
CA GLY A 1 14.67 9.05 1.00
C GLY A 1 15.04 10.17 1.96
N SER A 2 14.47 11.34 1.73
CA SER A 2 14.73 12.49 2.59
C SER A 2 13.44 13.27 2.88
N SER A 3 12.33 12.55 2.91
CA SER A 3 11.03 13.18 3.18
C SER A 3 10.65 13.03 4.64
N PRO A 4 9.83 13.97 5.17
CA PRO A 4 9.39 13.94 6.57
C PRO A 4 8.68 12.63 6.93
N PRO A 5 7.73 12.18 6.09
CA PRO A 5 6.98 10.95 6.34
C PRO A 5 7.76 9.71 5.94
N LYS A 6 8.50 9.15 6.90
CA LYS A 6 9.29 7.95 6.64
C LYS A 6 8.52 6.70 6.94
N PRO A 7 8.94 5.59 6.33
CA PRO A 7 8.27 4.34 6.51
C PRO A 7 8.76 3.55 7.72
N GLY A 8 8.16 2.40 7.95
CA GLY A 8 8.53 1.57 9.08
C GLY A 8 7.45 1.62 10.15
N ASP A 9 6.22 1.90 9.72
CA ASP A 9 5.08 1.99 10.61
C ASP A 9 3.92 2.51 9.80
N ILE A 10 3.20 3.43 10.35
CA ILE A 10 2.09 3.99 9.65
C ILE A 10 2.59 5.04 8.64
N PHE A 11 2.66 4.59 7.39
CA PHE A 11 3.11 5.43 6.29
C PHE A 11 2.01 5.57 5.25
N GLU A 12 1.84 6.76 4.68
CA GLU A 12 0.84 6.96 3.66
C GLU A 12 1.51 7.29 2.32
N VAL A 13 0.89 6.95 1.17
CA VAL A 13 1.54 7.24 -0.09
C VAL A 13 0.63 8.07 -0.95
N GLU A 14 1.00 9.31 -1.13
CA GLU A 14 0.20 10.21 -1.90
C GLU A 14 0.89 10.71 -3.17
N LEU A 15 0.18 10.58 -4.27
CA LEU A 15 0.61 11.07 -5.59
C LEU A 15 -0.60 11.55 -6.36
N ALA A 16 -0.40 12.57 -7.19
CA ALA A 16 -1.46 13.09 -8.01
C ALA A 16 -1.21 12.70 -9.44
N LYS A 17 -2.17 12.02 -10.06
CA LYS A 17 -1.98 11.58 -11.44
C LYS A 17 -1.33 12.70 -12.26
N ASN A 18 -0.01 12.66 -12.30
CA ASN A 18 0.75 13.67 -13.03
C ASN A 18 1.89 13.07 -13.83
N ASP A 19 2.78 12.37 -13.13
CA ASP A 19 3.92 11.73 -13.77
C ASP A 19 3.91 10.26 -13.41
N ASN A 20 3.46 10.02 -12.20
CA ASN A 20 3.32 8.70 -11.66
C ASN A 20 2.45 8.79 -10.45
N SER A 21 1.81 7.70 -10.11
CA SER A 21 0.94 7.69 -8.95
C SER A 21 0.56 6.26 -8.67
N LEU A 22 1.54 5.40 -8.86
CA LEU A 22 1.41 3.96 -8.70
C LEU A 22 2.60 3.30 -9.38
N GLY A 23 2.65 1.98 -9.34
CA GLY A 23 3.70 1.26 -10.02
C GLY A 23 4.07 0.01 -9.29
N ILE A 24 3.07 -0.62 -8.71
CA ILE A 24 3.31 -1.82 -7.94
C ILE A 24 2.55 -3.01 -8.48
N SER A 25 3.13 -4.18 -8.30
CA SER A 25 2.51 -5.40 -8.72
C SER A 25 1.89 -6.05 -7.51
N VAL A 26 0.57 -6.15 -7.51
CA VAL A 26 -0.13 -6.70 -6.38
C VAL A 26 -0.51 -8.16 -6.62
N THR A 27 -0.72 -8.88 -5.52
CA THR A 27 -1.05 -10.30 -5.56
C THR A 27 0.22 -11.10 -5.80
N VAL A 28 1.35 -10.39 -5.89
CA VAL A 28 2.64 -11.02 -6.12
C VAL A 28 3.15 -11.71 -4.86
N LEU A 29 2.91 -11.09 -3.70
CA LEU A 29 3.31 -11.68 -2.45
C LEU A 29 2.09 -12.06 -1.66
N PHE A 30 0.98 -11.57 -2.15
CA PHE A 30 -0.29 -11.81 -1.54
C PHE A 30 -1.34 -12.24 -2.58
N ASP A 31 -2.58 -12.41 -2.14
CA ASP A 31 -3.66 -12.82 -3.03
C ASP A 31 -4.24 -11.62 -3.77
N LYS A 32 -4.08 -10.43 -3.19
CA LYS A 32 -4.59 -9.20 -3.80
C LYS A 32 -4.19 -7.99 -2.97
N GLY A 33 -2.91 -7.92 -2.57
CA GLY A 33 -2.46 -6.80 -1.78
C GLY A 33 -3.36 -6.58 -0.58
N GLY A 34 -4.24 -5.58 -0.67
CA GLY A 34 -5.15 -5.25 0.42
C GLY A 34 -5.98 -6.43 0.88
N VAL A 35 -6.60 -6.30 2.06
CA VAL A 35 -7.41 -7.35 2.65
C VAL A 35 -7.52 -7.04 4.13
N ASN A 36 -7.69 -8.05 4.95
CA ASN A 36 -7.71 -7.88 6.37
C ASN A 36 -6.98 -9.09 6.88
N THR A 37 -6.16 -9.61 5.95
CA THR A 37 -5.40 -10.82 6.13
C THR A 37 -5.61 -11.50 7.49
N SER A 38 -5.42 -10.74 8.57
CA SER A 38 -5.58 -11.27 9.91
C SER A 38 -5.26 -10.21 10.95
N VAL A 39 -5.69 -9.00 10.68
CA VAL A 39 -5.46 -7.88 11.58
C VAL A 39 -6.76 -7.11 11.80
N ARG A 40 -6.66 -5.82 12.12
CA ARG A 40 -7.83 -5.01 12.36
C ARG A 40 -7.73 -3.67 11.63
N HIS A 41 -7.06 -3.69 10.49
CA HIS A 41 -6.88 -2.48 9.69
C HIS A 41 -6.95 -2.80 8.21
N GLY A 42 -6.46 -3.98 7.87
CA GLY A 42 -6.43 -4.42 6.51
C GLY A 42 -5.25 -5.34 6.28
N GLY A 43 -4.26 -4.84 5.56
CA GLY A 43 -3.06 -5.65 5.35
C GLY A 43 -2.65 -5.91 3.91
N ILE A 44 -2.23 -4.89 3.17
CA ILE A 44 -1.78 -5.10 1.79
C ILE A 44 -0.38 -5.70 1.75
N TYR A 45 -0.26 -6.77 1.00
CA TYR A 45 1.02 -7.42 0.80
C TYR A 45 1.32 -7.50 -0.68
N VAL A 46 2.50 -7.04 -1.07
CA VAL A 46 2.80 -6.93 -2.47
C VAL A 46 4.29 -6.99 -2.81
N LYS A 47 4.62 -6.68 -4.08
CA LYS A 47 6.03 -6.64 -4.51
C LYS A 47 6.48 -5.22 -4.27
N ALA A 48 5.46 -4.38 -4.15
CA ALA A 48 5.55 -3.02 -3.86
C ALA A 48 5.83 -2.18 -5.10
N VAL A 49 6.60 -1.13 -4.97
CA VAL A 49 6.83 -0.23 -6.05
C VAL A 49 7.80 -0.64 -7.12
N ILE A 50 7.34 -0.35 -8.33
CA ILE A 50 8.06 -0.58 -9.56
C ILE A 50 9.54 -0.22 -9.42
N PRO A 51 10.39 -0.72 -10.31
CA PRO A 51 11.82 -0.43 -10.29
C PRO A 51 12.15 0.92 -10.88
N GLN A 52 11.29 1.34 -11.75
CA GLN A 52 11.45 2.62 -12.45
C GLN A 52 10.76 3.77 -11.74
N GLY A 53 10.44 3.58 -10.46
CA GLY A 53 9.82 4.64 -9.70
C GLY A 53 8.32 4.48 -9.56
N ALA A 54 7.57 5.14 -10.43
CA ALA A 54 6.12 5.08 -10.43
C ALA A 54 5.53 5.09 -8.99
N ALA A 55 4.94 3.98 -8.52
CA ALA A 55 4.39 3.95 -7.18
C ALA A 55 5.45 4.38 -6.20
N GLU A 56 6.66 3.97 -6.53
CA GLU A 56 7.84 4.28 -5.74
C GLU A 56 7.97 5.80 -5.61
N SER A 57 7.48 6.49 -6.64
CA SER A 57 7.43 7.94 -6.67
C SER A 57 6.23 8.34 -5.82
N ASP A 58 5.16 7.56 -6.01
CA ASP A 58 3.98 7.71 -5.20
C ASP A 58 4.41 7.48 -3.77
N GLY A 59 5.52 6.76 -3.64
CA GLY A 59 6.04 6.45 -2.33
C GLY A 59 5.18 5.42 -1.66
N ARG A 60 5.00 4.30 -2.35
CA ARG A 60 4.18 3.21 -1.85
C ARG A 60 5.05 1.99 -1.71
N ILE A 61 6.16 2.18 -1.02
CA ILE A 61 7.12 1.19 -0.84
C ILE A 61 6.87 0.27 0.32
N HIS A 62 7.19 -0.98 0.05
CA HIS A 62 7.10 -2.06 1.01
C HIS A 62 6.39 -3.24 0.39
N LYS A 63 7.14 -4.28 0.09
CA LYS A 63 6.60 -5.48 -0.51
C LYS A 63 6.06 -6.38 0.59
N GLY A 64 4.74 -6.52 0.66
CA GLY A 64 4.21 -7.36 1.72
C GLY A 64 4.20 -6.63 3.03
N ASP A 65 3.03 -6.19 3.43
CA ASP A 65 2.89 -5.43 4.68
C ASP A 65 1.41 -5.26 5.05
N ARG A 66 1.10 -4.41 6.03
CA ARG A 66 -0.30 -4.25 6.40
C ARG A 66 -0.82 -2.80 6.48
N VAL A 67 -1.63 -2.46 5.50
CA VAL A 67 -2.28 -1.21 5.36
C VAL A 67 -3.55 -1.05 6.13
N LEU A 68 -3.71 0.15 6.63
CA LEU A 68 -4.93 0.51 7.30
C LEU A 68 -5.93 0.93 6.23
N ALA A 69 -5.50 1.81 5.31
CA ALA A 69 -6.35 2.24 4.22
C ALA A 69 -5.57 2.18 2.92
N VAL A 70 -6.24 1.94 1.82
CA VAL A 70 -5.59 1.91 0.53
C VAL A 70 -6.26 2.92 -0.39
N ASN A 71 -5.46 3.55 -1.23
CA ASN A 71 -5.96 4.56 -2.15
C ASN A 71 -6.92 5.51 -1.44
N GLY A 72 -6.87 5.52 -0.11
CA GLY A 72 -7.75 6.39 0.64
C GLY A 72 -8.88 5.64 1.32
N VAL A 73 -9.24 4.48 0.78
CA VAL A 73 -10.30 3.69 1.40
C VAL A 73 -9.68 2.81 2.46
N SER A 74 -10.36 2.63 3.57
CA SER A 74 -9.82 1.79 4.62
C SER A 74 -10.05 0.36 4.21
N LEU A 75 -8.97 -0.40 4.00
CA LEU A 75 -9.14 -1.74 3.59
C LEU A 75 -9.03 -2.60 4.79
N GLU A 76 -10.08 -2.61 5.55
CA GLU A 76 -10.07 -3.42 6.73
C GLU A 76 -10.64 -4.79 6.40
N GLY A 77 -10.32 -5.25 5.20
CA GLY A 77 -10.83 -6.50 4.72
C GLY A 77 -11.86 -6.28 3.65
N ALA A 78 -11.96 -5.01 3.23
CA ALA A 78 -12.89 -4.62 2.20
C ALA A 78 -12.41 -5.06 0.83
N THR A 79 -11.17 -4.70 0.46
CA THR A 79 -10.64 -5.06 -0.82
C THR A 79 -11.72 -5.39 -1.77
N HIS A 80 -11.96 -6.69 -1.94
CA HIS A 80 -12.98 -7.14 -2.86
C HIS A 80 -13.33 -5.98 -3.79
N LYS A 81 -14.15 -5.07 -3.31
CA LYS A 81 -14.48 -3.90 -4.10
C LYS A 81 -13.45 -2.76 -4.00
N GLN A 82 -13.29 -2.25 -2.78
CA GLN A 82 -12.46 -1.07 -2.49
C GLN A 82 -10.97 -1.21 -2.58
N ALA A 83 -10.40 -2.13 -1.85
CA ALA A 83 -8.95 -2.19 -1.85
C ALA A 83 -8.35 -2.79 -3.06
N VAL A 84 -8.85 -3.92 -3.43
CA VAL A 84 -8.35 -4.59 -4.59
C VAL A 84 -8.59 -3.74 -5.82
N GLU A 85 -9.80 -3.22 -5.90
CA GLU A 85 -10.15 -2.37 -7.02
C GLU A 85 -9.34 -1.11 -7.02
N THR A 86 -9.03 -0.63 -5.83
CA THR A 86 -8.31 0.62 -5.74
C THR A 86 -6.85 0.48 -6.12
N LEU A 87 -6.23 -0.61 -5.72
CA LEU A 87 -4.83 -0.85 -6.08
C LEU A 87 -4.72 -0.91 -7.59
N ARG A 88 -5.74 -1.50 -8.19
CA ARG A 88 -5.83 -1.64 -9.63
C ARG A 88 -6.22 -0.33 -10.29
N ASN A 89 -7.00 0.47 -9.60
CA ASN A 89 -7.44 1.70 -10.18
C ASN A 89 -6.62 2.91 -9.75
N THR A 90 -5.70 2.68 -8.84
CA THR A 90 -4.83 3.73 -8.32
C THR A 90 -4.26 4.57 -9.47
N GLY A 91 -3.53 5.61 -9.11
CA GLY A 91 -2.94 6.45 -10.13
C GLY A 91 -3.64 7.80 -10.29
N GLN A 92 -4.91 7.78 -10.73
CA GLN A 92 -5.67 9.02 -10.92
C GLN A 92 -5.27 10.05 -9.88
N VAL A 93 -5.11 9.56 -8.66
CA VAL A 93 -4.70 10.29 -7.55
C VAL A 93 -4.81 9.36 -6.38
N VAL A 94 -3.68 8.96 -5.86
CA VAL A 94 -3.68 7.99 -4.83
C VAL A 94 -3.12 8.48 -3.53
N HIS A 95 -3.82 8.10 -2.53
CA HIS A 95 -3.44 8.37 -1.16
C HIS A 95 -3.58 7.12 -0.32
N LEU A 96 -2.47 6.60 0.19
CA LEU A 96 -2.49 5.41 0.94
C LEU A 96 -1.97 5.50 2.32
N LEU A 97 -2.70 4.89 3.22
CA LEU A 97 -2.25 4.78 4.58
C LEU A 97 -1.91 3.34 4.88
N LEU A 98 -0.63 3.09 5.13
CA LEU A 98 -0.15 1.74 5.39
C LEU A 98 0.38 1.56 6.79
N GLU A 99 0.29 0.34 7.27
CA GLU A 99 0.80 0.02 8.59
C GLU A 99 1.88 -1.04 8.49
N LYS A 100 3.07 -0.65 8.88
CA LYS A 100 4.23 -1.50 8.82
C LYS A 100 4.21 -2.58 9.88
N GLY A 101 4.05 -3.83 9.43
CA GLY A 101 4.04 -4.94 10.35
C GLY A 101 4.57 -6.20 9.70
N GLN A 102 5.57 -6.02 8.84
CA GLN A 102 6.18 -7.13 8.13
C GLN A 102 6.75 -8.15 9.11
N SER A 103 7.46 -9.14 8.57
CA SER A 103 8.08 -10.18 9.38
C SER A 103 8.80 -11.20 8.52
N PRO A 104 8.11 -11.81 7.53
CA PRO A 104 8.71 -12.80 6.64
C PRO A 104 10.00 -12.34 6.03
N THR A 105 10.95 -13.25 6.10
CA THR A 105 12.28 -13.03 5.59
C THR A 105 12.81 -11.64 5.96
N SER A 106 12.38 -11.13 7.11
CA SER A 106 12.81 -9.82 7.57
C SER A 106 13.91 -9.95 8.63
N LYS A 107 13.81 -10.98 9.46
CA LYS A 107 14.79 -11.20 10.51
C LYS A 107 15.49 -12.55 10.32
N GLU A 108 15.67 -12.94 9.06
CA GLU A 108 16.32 -14.21 8.74
C GLU A 108 17.84 -14.05 8.74
N GLY A 1 17.83 17.19 9.53
CA GLY A 1 17.69 18.24 10.57
C GLY A 1 16.27 18.33 11.13
N SER A 2 15.29 18.15 10.26
CA SER A 2 13.88 18.19 10.67
C SER A 2 13.38 16.79 11.03
N SER A 3 13.92 15.78 10.36
CA SER A 3 13.52 14.41 10.60
C SER A 3 12.03 14.21 10.31
N PRO A 4 11.65 14.25 9.02
CA PRO A 4 10.26 14.07 8.61
C PRO A 4 9.78 12.63 8.80
N PRO A 5 8.46 12.40 8.64
CA PRO A 5 7.88 11.06 8.79
C PRO A 5 8.32 10.10 7.68
N LYS A 6 8.89 8.98 8.08
CA LYS A 6 9.35 7.99 7.12
C LYS A 6 8.72 6.64 7.37
N PRO A 7 8.79 5.76 6.36
CA PRO A 7 8.19 4.45 6.44
C PRO A 7 8.74 3.64 7.62
N GLY A 8 8.11 2.49 7.88
CA GLY A 8 8.54 1.64 8.98
C GLY A 8 7.51 1.67 10.09
N ASP A 9 6.28 1.96 9.72
CA ASP A 9 5.17 2.06 10.64
C ASP A 9 3.99 2.58 9.86
N ILE A 10 3.28 3.51 10.42
CA ILE A 10 2.16 4.09 9.75
C ILE A 10 2.64 5.13 8.72
N PHE A 11 2.69 4.69 7.47
CA PHE A 11 3.11 5.54 6.36
C PHE A 11 1.99 5.69 5.34
N GLU A 12 1.79 6.87 4.77
CA GLU A 12 0.76 7.07 3.78
C GLU A 12 1.40 7.45 2.45
N VAL A 13 0.78 7.11 1.30
CA VAL A 13 1.40 7.46 0.05
C VAL A 13 0.45 8.22 -0.84
N GLU A 14 0.74 9.49 -1.02
CA GLU A 14 -0.11 10.32 -1.82
C GLU A 14 0.57 10.85 -3.07
N LEU A 15 -0.07 10.63 -4.19
CA LEU A 15 0.38 11.14 -5.49
C LEU A 15 -0.82 11.50 -6.33
N ALA A 16 -0.68 12.54 -7.13
CA ALA A 16 -1.74 12.99 -7.98
C ALA A 16 -1.39 12.62 -9.40
N LYS A 17 -2.26 11.86 -10.08
CA LYS A 17 -1.95 11.44 -11.44
C LYS A 17 -1.32 12.58 -12.22
N ASN A 18 0.00 12.64 -12.16
CA ASN A 18 0.74 13.70 -12.84
C ASN A 18 1.95 13.16 -13.60
N ASP A 19 2.83 12.48 -12.89
CA ASP A 19 4.01 11.89 -13.49
C ASP A 19 4.00 10.41 -13.23
N ASN A 20 3.54 10.10 -12.04
CA ASN A 20 3.38 8.74 -11.58
C ASN A 20 2.55 8.78 -10.33
N SER A 21 1.88 7.70 -10.03
CA SER A 21 1.05 7.68 -8.86
C SER A 21 0.66 6.23 -8.58
N LEU A 22 1.60 5.36 -8.88
CA LEU A 22 1.45 3.93 -8.75
C LEU A 22 2.59 3.25 -9.49
N GLY A 23 2.60 1.93 -9.46
CA GLY A 23 3.60 1.19 -10.19
C GLY A 23 3.99 -0.06 -9.46
N ILE A 24 3.01 -0.67 -8.83
CA ILE A 24 3.27 -1.87 -8.06
C ILE A 24 2.51 -3.07 -8.57
N SER A 25 3.12 -4.24 -8.38
CA SER A 25 2.51 -5.47 -8.78
C SER A 25 1.95 -6.15 -7.55
N VAL A 26 0.64 -6.30 -7.53
CA VAL A 26 -0.03 -6.89 -6.40
C VAL A 26 -0.36 -8.36 -6.64
N THR A 27 -0.55 -9.10 -5.55
CA THR A 27 -0.84 -10.53 -5.62
C THR A 27 0.47 -11.29 -5.82
N VAL A 28 1.56 -10.54 -5.89
CA VAL A 28 2.89 -11.09 -6.06
C VAL A 28 3.38 -11.74 -4.77
N LEU A 29 3.15 -11.07 -3.64
CA LEU A 29 3.56 -11.62 -2.36
C LEU A 29 2.32 -11.99 -1.59
N PHE A 30 1.21 -11.47 -2.08
CA PHE A 30 -0.07 -11.70 -1.49
C PHE A 30 -1.02 -12.29 -2.54
N ASP A 31 -2.31 -12.25 -2.23
CA ASP A 31 -3.32 -12.77 -3.16
C ASP A 31 -4.02 -11.62 -3.87
N LYS A 32 -3.96 -10.43 -3.27
CA LYS A 32 -4.57 -9.24 -3.84
C LYS A 32 -4.14 -7.99 -3.07
N GLY A 33 -2.88 -7.96 -2.64
CA GLY A 33 -2.39 -6.80 -1.90
C GLY A 33 -3.30 -6.49 -0.71
N GLY A 34 -4.14 -5.47 -0.86
CA GLY A 34 -5.06 -5.09 0.21
C GLY A 34 -5.93 -6.25 0.66
N VAL A 35 -6.53 -6.12 1.85
CA VAL A 35 -7.36 -7.17 2.43
C VAL A 35 -7.38 -6.93 3.92
N ASN A 36 -7.74 -7.93 4.68
CA ASN A 36 -7.69 -7.82 6.11
C ASN A 36 -7.27 -9.20 6.55
N THR A 37 -6.57 -9.84 5.60
CA THR A 37 -6.14 -11.20 5.73
C THR A 37 -6.33 -11.76 7.14
N SER A 38 -5.76 -11.08 8.13
CA SER A 38 -5.87 -11.53 9.52
C SER A 38 -5.35 -10.48 10.51
N VAL A 39 -6.07 -9.38 10.62
CA VAL A 39 -5.69 -8.31 11.53
C VAL A 39 -6.93 -7.45 11.86
N ARG A 40 -6.73 -6.19 12.22
CA ARG A 40 -7.84 -5.31 12.56
C ARG A 40 -7.73 -3.97 11.83
N HIS A 41 -7.14 -4.00 10.63
CA HIS A 41 -6.98 -2.78 9.83
C HIS A 41 -7.02 -3.08 8.35
N GLY A 42 -6.56 -4.27 8.00
CA GLY A 42 -6.49 -4.67 6.63
C GLY A 42 -5.20 -5.42 6.37
N GLY A 43 -4.29 -4.79 5.65
CA GLY A 43 -3.00 -5.40 5.43
C GLY A 43 -2.63 -5.75 3.99
N ILE A 44 -2.17 -4.76 3.24
CA ILE A 44 -1.72 -4.97 1.86
C ILE A 44 -0.32 -5.58 1.80
N TYR A 45 -0.21 -6.64 1.04
CA TYR A 45 1.08 -7.29 0.82
C TYR A 45 1.37 -7.35 -0.67
N VAL A 46 2.60 -7.06 -1.05
CA VAL A 46 2.91 -6.94 -2.45
C VAL A 46 4.40 -7.03 -2.79
N LYS A 47 4.73 -6.75 -4.07
CA LYS A 47 6.14 -6.69 -4.49
C LYS A 47 6.54 -5.24 -4.33
N ALA A 48 5.48 -4.45 -4.30
CA ALA A 48 5.50 -3.06 -4.08
C ALA A 48 5.81 -2.27 -5.33
N VAL A 49 6.64 -1.26 -5.23
CA VAL A 49 6.88 -0.38 -6.33
C VAL A 49 7.78 -0.84 -7.44
N ILE A 50 7.29 -0.51 -8.62
CA ILE A 50 7.94 -0.77 -9.89
C ILE A 50 9.43 -0.46 -9.79
N PRO A 51 10.23 -0.94 -10.75
CA PRO A 51 11.67 -0.68 -10.76
C PRO A 51 12.02 0.69 -11.26
N GLN A 52 11.13 1.20 -12.07
CA GLN A 52 11.29 2.52 -12.68
C GLN A 52 10.63 3.63 -11.86
N GLY A 53 10.35 3.35 -10.59
CA GLY A 53 9.75 4.36 -9.74
C GLY A 53 8.23 4.26 -9.65
N ALA A 54 7.55 4.99 -10.53
CA ALA A 54 6.10 5.00 -10.57
C ALA A 54 5.47 5.01 -9.16
N ALA A 55 4.91 3.88 -8.69
CA ALA A 55 4.32 3.84 -7.34
C ALA A 55 5.34 4.35 -6.36
N GLU A 56 6.57 3.99 -6.67
CA GLU A 56 7.73 4.37 -5.88
C GLU A 56 7.78 5.89 -5.75
N SER A 57 7.28 6.54 -6.79
CA SER A 57 7.16 7.99 -6.84
C SER A 57 5.94 8.33 -6.01
N ASP A 58 4.91 7.50 -6.17
CA ASP A 58 3.72 7.62 -5.37
C ASP A 58 4.16 7.43 -3.94
N GLY A 59 5.30 6.75 -3.80
CA GLY A 59 5.84 6.49 -2.48
C GLY A 59 5.03 5.47 -1.75
N ARG A 60 4.71 4.39 -2.45
CA ARG A 60 3.94 3.29 -1.91
C ARG A 60 4.83 2.09 -1.83
N ILE A 61 5.98 2.30 -1.22
CA ILE A 61 6.97 1.33 -1.09
C ILE A 61 6.81 0.44 0.11
N HIS A 62 7.12 -0.81 -0.13
CA HIS A 62 7.12 -1.85 0.87
C HIS A 62 6.37 -3.07 0.35
N LYS A 63 7.14 -4.08 0.02
CA LYS A 63 6.59 -5.32 -0.51
C LYS A 63 6.10 -6.19 0.63
N GLY A 64 4.78 -6.36 0.75
CA GLY A 64 4.30 -7.17 1.84
C GLY A 64 4.31 -6.40 3.12
N ASP A 65 3.13 -6.03 3.57
CA ASP A 65 2.98 -5.25 4.81
C ASP A 65 1.51 -5.10 5.16
N ARG A 66 1.18 -4.28 6.18
CA ARG A 66 -0.23 -4.15 6.52
C ARG A 66 -0.76 -2.72 6.64
N VAL A 67 -1.57 -2.34 5.65
CA VAL A 67 -2.25 -1.12 5.53
C VAL A 67 -3.49 -0.97 6.34
N LEU A 68 -3.64 0.24 6.83
CA LEU A 68 -4.83 0.60 7.54
C LEU A 68 -5.87 1.03 6.51
N ALA A 69 -5.49 1.91 5.58
CA ALA A 69 -6.39 2.34 4.52
C ALA A 69 -5.65 2.32 3.20
N VAL A 70 -6.35 2.05 2.12
CA VAL A 70 -5.73 2.06 0.81
C VAL A 70 -6.48 3.03 -0.08
N ASN A 71 -5.74 3.71 -0.94
CA ASN A 71 -6.31 4.71 -1.83
C ASN A 71 -7.18 5.68 -1.04
N GLY A 72 -7.03 5.67 0.27
CA GLY A 72 -7.83 6.54 1.11
C GLY A 72 -8.96 5.79 1.78
N VAL A 73 -9.34 4.65 1.23
CA VAL A 73 -10.39 3.84 1.83
C VAL A 73 -9.75 2.95 2.86
N SER A 74 -10.41 2.72 3.97
CA SER A 74 -9.86 1.86 4.99
C SER A 74 -10.09 0.44 4.53
N LEU A 75 -9.02 -0.30 4.24
CA LEU A 75 -9.20 -1.63 3.80
C LEU A 75 -9.12 -2.50 4.99
N GLU A 76 -10.20 -2.52 5.71
CA GLU A 76 -10.24 -3.32 6.90
C GLU A 76 -10.83 -4.68 6.55
N GLY A 77 -10.55 -5.13 5.33
CA GLY A 77 -11.07 -6.37 4.86
C GLY A 77 -12.15 -6.13 3.83
N ALA A 78 -12.07 -4.95 3.20
CA ALA A 78 -13.02 -4.55 2.19
C ALA A 78 -12.54 -4.98 0.82
N THR A 79 -11.31 -4.59 0.45
CA THR A 79 -10.77 -4.93 -0.83
C THR A 79 -11.84 -5.18 -1.81
N HIS A 80 -12.13 -6.45 -2.04
CA HIS A 80 -13.14 -6.82 -3.00
C HIS A 80 -13.40 -5.63 -3.91
N LYS A 81 -14.18 -4.67 -3.45
CA LYS A 81 -14.41 -3.46 -4.22
C LYS A 81 -13.33 -2.39 -4.05
N GLN A 82 -13.19 -1.93 -2.80
CA GLN A 82 -12.31 -0.79 -2.45
C GLN A 82 -10.82 -1.01 -2.47
N ALA A 83 -10.33 -1.99 -1.76
CA ALA A 83 -8.87 -2.14 -1.67
C ALA A 83 -8.26 -2.74 -2.90
N VAL A 84 -8.82 -3.80 -3.33
CA VAL A 84 -8.32 -4.45 -4.50
C VAL A 84 -8.45 -3.54 -5.70
N GLU A 85 -9.58 -2.86 -5.76
CA GLU A 85 -9.83 -1.95 -6.86
C GLU A 85 -8.82 -0.84 -6.89
N THR A 86 -8.39 -0.39 -5.71
CA THR A 86 -7.47 0.72 -5.67
C THR A 86 -6.12 0.34 -6.26
N LEU A 87 -5.69 -0.88 -5.99
CA LEU A 87 -4.42 -1.34 -6.52
C LEU A 87 -4.49 -1.36 -8.03
N ARG A 88 -5.65 -1.76 -8.53
CA ARG A 88 -5.91 -1.83 -9.97
C ARG A 88 -6.16 -0.46 -10.55
N ASN A 89 -6.73 0.44 -9.77
CA ASN A 89 -7.04 1.75 -10.29
C ASN A 89 -6.07 2.83 -9.85
N THR A 90 -5.22 2.47 -8.92
CA THR A 90 -4.22 3.41 -8.39
C THR A 90 -3.64 4.27 -9.50
N GLY A 91 -3.09 5.42 -9.14
CA GLY A 91 -2.52 6.29 -10.14
C GLY A 91 -3.34 7.56 -10.36
N GLN A 92 -4.58 7.41 -10.84
CA GLN A 92 -5.45 8.57 -11.09
C GLN A 92 -5.19 9.63 -10.03
N VAL A 93 -5.04 9.17 -8.81
CA VAL A 93 -4.74 9.93 -7.68
C VAL A 93 -4.83 9.02 -6.50
N VAL A 94 -3.69 8.72 -5.94
CA VAL A 94 -3.65 7.77 -4.89
C VAL A 94 -3.18 8.33 -3.58
N HIS A 95 -3.89 7.92 -2.59
CA HIS A 95 -3.60 8.25 -1.21
C HIS A 95 -3.67 7.01 -0.33
N LEU A 96 -2.56 6.61 0.26
CA LEU A 96 -2.54 5.43 1.05
C LEU A 96 -2.00 5.55 2.42
N LEU A 97 -2.71 4.91 3.33
CA LEU A 97 -2.26 4.82 4.69
C LEU A 97 -1.88 3.37 4.96
N LEU A 98 -0.60 3.16 5.20
CA LEU A 98 -0.06 1.81 5.46
C LEU A 98 0.41 1.65 6.88
N GLU A 99 0.38 0.41 7.35
CA GLU A 99 0.85 0.12 8.69
C GLU A 99 1.85 -1.02 8.71
N LYS A 100 3.06 -0.68 9.14
CA LYS A 100 4.14 -1.62 9.22
C LYS A 100 3.90 -2.69 10.27
N GLY A 101 3.67 -3.92 9.80
CA GLY A 101 3.45 -5.01 10.71
C GLY A 101 3.95 -6.33 10.15
N GLN A 102 5.05 -6.25 9.43
CA GLN A 102 5.65 -7.41 8.82
C GLN A 102 6.64 -8.08 9.77
N SER A 103 7.31 -9.13 9.28
CA SER A 103 8.28 -9.86 10.08
C SER A 103 8.96 -10.95 9.25
N PRO A 104 10.04 -10.59 8.54
CA PRO A 104 10.79 -11.53 7.70
C PRO A 104 11.50 -12.59 8.51
N THR A 105 12.05 -13.56 7.79
CA THR A 105 12.73 -14.64 8.43
C THR A 105 13.88 -14.16 9.32
N SER A 106 14.55 -13.10 8.88
CA SER A 106 15.66 -12.54 9.63
C SER A 106 15.22 -12.10 11.02
N LYS A 107 14.08 -11.41 11.08
CA LYS A 107 13.55 -10.93 12.35
C LYS A 107 12.60 -11.96 12.97
N GLU A 108 11.47 -12.20 12.31
CA GLU A 108 10.49 -13.16 12.80
C GLU A 108 9.97 -12.74 14.18
N GLY A 1 10.60 21.40 13.24
CA GLY A 1 9.91 20.69 12.13
C GLY A 1 10.28 19.23 12.06
N SER A 2 9.31 18.35 12.35
CA SER A 2 9.54 16.92 12.31
C SER A 2 8.23 16.15 12.29
N SER A 3 7.23 16.72 11.60
CA SER A 3 5.91 16.09 11.50
C SER A 3 5.95 14.91 10.53
N PRO A 4 6.43 15.14 9.30
CA PRO A 4 6.51 14.08 8.27
C PRO A 4 7.18 12.81 8.79
N PRO A 5 6.39 11.76 9.05
CA PRO A 5 6.92 10.48 9.55
C PRO A 5 7.69 9.72 8.49
N LYS A 6 8.15 8.52 8.84
CA LYS A 6 8.91 7.69 7.91
C LYS A 6 8.38 6.28 7.88
N PRO A 7 8.73 5.55 6.82
CA PRO A 7 8.26 4.19 6.65
C PRO A 7 8.70 3.27 7.78
N GLY A 8 8.00 2.15 7.93
CA GLY A 8 8.32 1.21 8.99
C GLY A 8 7.30 1.27 10.10
N ASP A 9 6.09 1.69 9.73
CA ASP A 9 4.98 1.85 10.65
C ASP A 9 3.84 2.45 9.88
N ILE A 10 3.21 3.44 10.45
CA ILE A 10 2.11 4.09 9.77
C ILE A 10 2.66 5.09 8.75
N PHE A 11 2.65 4.63 7.50
CA PHE A 11 3.12 5.41 6.36
C PHE A 11 1.98 5.62 5.36
N GLU A 12 2.03 6.66 4.55
CA GLU A 12 0.98 6.89 3.56
C GLU A 12 1.59 7.21 2.19
N VAL A 13 0.90 6.89 1.07
CA VAL A 13 1.48 7.20 -0.22
C VAL A 13 0.56 8.11 -0.99
N GLU A 14 0.97 9.35 -1.15
CA GLU A 14 0.17 10.28 -1.87
C GLU A 14 0.84 10.81 -3.13
N LEU A 15 0.15 10.68 -4.23
CA LEU A 15 0.57 11.20 -5.53
C LEU A 15 -0.64 11.68 -6.32
N ALA A 16 -0.43 12.67 -7.16
CA ALA A 16 -1.50 13.19 -7.98
C ALA A 16 -1.23 12.80 -9.42
N LYS A 17 -2.16 12.07 -10.02
CA LYS A 17 -1.94 11.62 -11.40
C LYS A 17 -1.32 12.74 -12.23
N ASN A 18 0.00 12.74 -12.28
CA ASN A 18 0.71 13.77 -13.03
C ASN A 18 1.91 13.21 -13.80
N ASP A 19 2.74 12.43 -13.12
CA ASP A 19 3.90 11.82 -13.75
C ASP A 19 3.93 10.36 -13.40
N ASN A 20 3.50 10.10 -12.19
CA ASN A 20 3.40 8.77 -11.65
C ASN A 20 2.53 8.84 -10.43
N SER A 21 1.85 7.75 -10.12
CA SER A 21 0.99 7.73 -8.97
C SER A 21 0.59 6.30 -8.70
N LEU A 22 1.56 5.43 -8.95
CA LEU A 22 1.42 4.00 -8.81
C LEU A 22 2.60 3.33 -9.48
N GLY A 23 2.63 2.01 -9.45
CA GLY A 23 3.67 1.27 -10.13
C GLY A 23 4.03 0.03 -9.38
N ILE A 24 3.03 -0.58 -8.78
CA ILE A 24 3.26 -1.77 -8.00
C ILE A 24 2.52 -2.98 -8.54
N SER A 25 3.11 -4.14 -8.31
CA SER A 25 2.51 -5.38 -8.73
C SER A 25 1.90 -6.04 -7.52
N VAL A 26 0.59 -6.17 -7.53
CA VAL A 26 -0.12 -6.75 -6.40
C VAL A 26 -0.47 -8.21 -6.66
N THR A 27 -0.68 -8.95 -5.57
CA THR A 27 -0.97 -10.38 -5.64
C THR A 27 0.32 -11.15 -5.87
N VAL A 28 1.42 -10.43 -5.96
CA VAL A 28 2.73 -11.02 -6.16
C VAL A 28 3.21 -11.74 -4.91
N LEU A 29 3.03 -11.11 -3.75
CA LEU A 29 3.42 -11.72 -2.50
C LEU A 29 2.16 -12.05 -1.73
N PHE A 30 1.08 -11.49 -2.21
CA PHE A 30 -0.21 -11.67 -1.61
C PHE A 30 -1.23 -12.19 -2.62
N ASP A 31 -2.47 -12.37 -2.19
CA ASP A 31 -3.52 -12.84 -3.08
C ASP A 31 -4.07 -11.66 -3.87
N LYS A 32 -4.31 -10.55 -3.18
CA LYS A 32 -4.82 -9.34 -3.80
C LYS A 32 -4.35 -8.11 -3.02
N GLY A 33 -3.07 -8.06 -2.67
CA GLY A 33 -2.55 -6.93 -1.91
C GLY A 33 -3.36 -6.71 -0.63
N GLY A 34 -4.32 -5.78 -0.70
CA GLY A 34 -5.16 -5.45 0.46
C GLY A 34 -6.03 -6.59 0.93
N VAL A 35 -6.69 -6.41 2.07
CA VAL A 35 -7.55 -7.43 2.68
C VAL A 35 -7.71 -7.06 4.14
N ASN A 36 -7.84 -8.04 5.00
CA ASN A 36 -7.91 -7.82 6.42
C ASN A 36 -7.20 -9.00 6.99
N THR A 37 -6.35 -9.57 6.12
CA THR A 37 -5.61 -10.77 6.40
C THR A 37 -5.69 -11.20 7.87
N SER A 38 -5.31 -10.30 8.78
CA SER A 38 -5.34 -10.59 10.21
C SER A 38 -4.69 -9.47 11.03
N VAL A 39 -4.86 -8.24 10.58
CA VAL A 39 -4.28 -7.09 11.26
C VAL A 39 -5.34 -6.18 11.88
N ARG A 40 -6.57 -6.55 11.66
CA ARG A 40 -7.72 -5.82 12.17
C ARG A 40 -7.76 -4.41 11.60
N HIS A 41 -7.05 -4.21 10.51
CA HIS A 41 -6.98 -2.92 9.84
C HIS A 41 -7.04 -3.08 8.33
N GLY A 42 -6.61 -4.24 7.89
CA GLY A 42 -6.54 -4.55 6.50
C GLY A 42 -5.37 -5.46 6.23
N GLY A 43 -4.33 -4.91 5.63
CA GLY A 43 -3.13 -5.71 5.42
C GLY A 43 -2.70 -5.97 3.98
N ILE A 44 -2.42 -4.92 3.21
CA ILE A 44 -1.95 -5.12 1.83
C ILE A 44 -0.53 -5.68 1.79
N TYR A 45 -0.38 -6.73 1.02
CA TYR A 45 0.93 -7.34 0.82
C TYR A 45 1.24 -7.36 -0.67
N VAL A 46 2.48 -7.09 -1.03
CA VAL A 46 2.80 -6.95 -2.43
C VAL A 46 4.29 -7.04 -2.77
N LYS A 47 4.62 -6.70 -4.04
CA LYS A 47 6.02 -6.62 -4.47
C LYS A 47 6.43 -5.17 -4.26
N ALA A 48 5.37 -4.37 -4.17
CA ALA A 48 5.40 -2.99 -3.92
C ALA A 48 5.71 -2.18 -5.16
N VAL A 49 6.50 -1.13 -5.03
CA VAL A 49 6.74 -0.23 -6.12
C VAL A 49 7.72 -0.67 -7.17
N ILE A 50 7.29 -0.36 -8.38
CA ILE A 50 8.01 -0.61 -9.61
C ILE A 50 9.49 -0.28 -9.45
N PRO A 51 10.35 -0.78 -10.35
CA PRO A 51 11.78 -0.51 -10.29
C PRO A 51 12.14 0.84 -10.86
N GLN A 52 11.29 1.29 -11.73
CA GLN A 52 11.47 2.58 -12.40
C GLN A 52 10.80 3.73 -11.68
N GLY A 53 10.46 3.53 -10.41
CA GLY A 53 9.83 4.58 -9.63
C GLY A 53 8.33 4.45 -9.55
N ALA A 54 7.61 5.15 -10.43
CA ALA A 54 6.16 5.12 -10.47
C ALA A 54 5.53 5.12 -9.06
N ALA A 55 4.93 4.00 -8.61
CA ALA A 55 4.34 3.97 -7.27
C ALA A 55 5.38 4.40 -6.27
N GLU A 56 6.59 3.98 -6.57
CA GLU A 56 7.76 4.30 -5.75
C GLU A 56 7.87 5.81 -5.59
N SER A 57 7.42 6.52 -6.62
CA SER A 57 7.37 7.97 -6.63
C SER A 57 6.16 8.34 -5.81
N ASP A 58 5.09 7.58 -6.04
CA ASP A 58 3.87 7.71 -5.28
C ASP A 58 4.25 7.44 -3.83
N GLY A 59 5.36 6.70 -3.67
CA GLY A 59 5.82 6.35 -2.35
C GLY A 59 4.97 5.27 -1.76
N ARG A 60 4.82 4.19 -2.51
CA ARG A 60 4.03 3.06 -2.08
C ARG A 60 4.93 1.87 -1.90
N ILE A 61 6.02 2.12 -1.19
CA ILE A 61 7.01 1.17 -0.95
C ILE A 61 6.73 0.28 0.23
N HIS A 62 7.11 -0.95 0.03
CA HIS A 62 7.02 -2.01 1.01
C HIS A 62 6.30 -3.20 0.41
N LYS A 63 7.06 -4.21 0.09
CA LYS A 63 6.51 -5.43 -0.49
C LYS A 63 5.99 -6.32 0.63
N GLY A 64 4.68 -6.46 0.74
CA GLY A 64 4.18 -7.29 1.81
C GLY A 64 4.19 -6.56 3.12
N ASP A 65 3.01 -6.18 3.57
CA ASP A 65 2.86 -5.44 4.82
C ASP A 65 1.38 -5.24 5.15
N ARG A 66 1.05 -4.41 6.15
CA ARG A 66 -0.36 -4.24 6.47
C ARG A 66 -0.87 -2.80 6.57
N VAL A 67 -1.66 -2.43 5.57
CA VAL A 67 -2.30 -1.18 5.43
C VAL A 67 -3.56 -1.01 6.20
N LEU A 68 -3.70 0.19 6.69
CA LEU A 68 -4.92 0.57 7.36
C LEU A 68 -5.93 0.97 6.28
N ALA A 69 -5.49 1.82 5.34
CA ALA A 69 -6.34 2.24 4.23
C ALA A 69 -5.54 2.15 2.95
N VAL A 70 -6.22 1.93 1.83
CA VAL A 70 -5.56 1.89 0.54
C VAL A 70 -6.21 2.90 -0.37
N ASN A 71 -5.42 3.53 -1.21
CA ASN A 71 -5.89 4.55 -2.13
C ASN A 71 -6.86 5.51 -1.43
N GLY A 72 -6.82 5.52 -0.11
CA GLY A 72 -7.70 6.39 0.63
C GLY A 72 -8.84 5.66 1.30
N VAL A 73 -9.22 4.51 0.76
CA VAL A 73 -10.29 3.72 1.36
C VAL A 73 -9.67 2.83 2.41
N SER A 74 -10.34 2.64 3.52
CA SER A 74 -9.79 1.81 4.57
C SER A 74 -10.02 0.37 4.15
N LEU A 75 -8.95 -0.41 3.96
CA LEU A 75 -9.12 -1.75 3.56
C LEU A 75 -9.06 -2.59 4.78
N GLU A 76 -10.14 -2.58 5.50
CA GLU A 76 -10.18 -3.35 6.70
C GLU A 76 -10.77 -4.71 6.38
N GLY A 77 -10.44 -5.21 5.19
CA GLY A 77 -10.96 -6.46 4.73
C GLY A 77 -12.01 -6.24 3.66
N ALA A 78 -12.08 -5.00 3.20
CA ALA A 78 -13.02 -4.61 2.16
C ALA A 78 -12.50 -5.04 0.81
N THR A 79 -11.26 -4.64 0.47
CA THR A 79 -10.70 -4.98 -0.80
C THR A 79 -11.73 -5.33 -1.78
N HIS A 80 -11.95 -6.63 -1.96
CA HIS A 80 -12.93 -7.10 -2.91
C HIS A 80 -13.27 -5.96 -3.86
N LYS A 81 -14.11 -5.05 -3.41
CA LYS A 81 -14.42 -3.88 -4.22
C LYS A 81 -13.40 -2.73 -4.11
N GLN A 82 -13.29 -2.21 -2.88
CA GLN A 82 -12.48 -1.01 -2.58
C GLN A 82 -10.98 -1.14 -2.63
N ALA A 83 -10.43 -2.06 -1.88
CA ALA A 83 -8.98 -2.11 -1.81
C ALA A 83 -8.34 -2.72 -3.01
N VAL A 84 -8.82 -3.85 -3.37
CA VAL A 84 -8.28 -4.52 -4.51
C VAL A 84 -8.50 -3.70 -5.75
N GLU A 85 -9.70 -3.20 -5.88
CA GLU A 85 -10.03 -2.37 -7.03
C GLU A 85 -9.21 -1.11 -7.03
N THR A 86 -8.93 -0.61 -5.85
CA THR A 86 -8.23 0.64 -5.76
C THR A 86 -6.75 0.50 -6.10
N LEU A 87 -6.14 -0.60 -5.69
CA LEU A 87 -4.74 -0.84 -6.01
C LEU A 87 -4.59 -0.91 -7.51
N ARG A 88 -5.60 -1.51 -8.14
CA ARG A 88 -5.65 -1.66 -9.58
C ARG A 88 -6.04 -0.37 -10.25
N ASN A 89 -6.83 0.44 -9.58
CA ASN A 89 -7.29 1.67 -10.18
C ASN A 89 -6.47 2.88 -9.74
N THR A 90 -5.54 2.65 -8.84
CA THR A 90 -4.67 3.71 -8.34
C THR A 90 -4.13 4.56 -9.47
N GLY A 91 -3.42 5.62 -9.12
CA GLY A 91 -2.84 6.47 -10.14
C GLY A 91 -3.57 7.81 -10.29
N GLN A 92 -4.83 7.76 -10.76
CA GLN A 92 -5.63 8.99 -10.95
C GLN A 92 -5.24 10.02 -9.89
N VAL A 93 -5.10 9.52 -8.68
CA VAL A 93 -4.71 10.25 -7.55
C VAL A 93 -4.80 9.32 -6.39
N VAL A 94 -3.65 8.94 -5.87
CA VAL A 94 -3.63 7.97 -4.85
C VAL A 94 -3.09 8.47 -3.55
N HIS A 95 -3.79 8.07 -2.54
CA HIS A 95 -3.43 8.35 -1.18
C HIS A 95 -3.56 7.09 -0.33
N LEU A 96 -2.45 6.58 0.18
CA LEU A 96 -2.47 5.38 0.92
C LEU A 96 -1.91 5.47 2.30
N LEU A 97 -2.62 4.85 3.20
CA LEU A 97 -2.15 4.73 4.56
C LEU A 97 -1.83 3.28 4.86
N LEU A 98 -0.55 3.02 5.07
CA LEU A 98 -0.06 1.67 5.35
C LEU A 98 0.39 1.54 6.78
N GLU A 99 0.33 0.31 7.28
CA GLU A 99 0.77 0.04 8.64
C GLU A 99 1.74 -1.14 8.70
N LYS A 100 2.94 -0.84 9.17
CA LYS A 100 3.98 -1.84 9.28
C LYS A 100 3.64 -2.91 10.31
N GLY A 101 3.42 -4.12 9.82
CA GLY A 101 3.11 -5.22 10.71
C GLY A 101 3.53 -6.55 10.13
N GLN A 102 4.61 -6.52 9.38
CA GLN A 102 5.15 -7.71 8.75
C GLN A 102 5.90 -8.58 9.76
N SER A 103 5.16 -9.38 10.52
CA SER A 103 5.76 -10.25 11.52
C SER A 103 5.34 -11.70 11.30
N PRO A 104 5.90 -12.37 10.29
CA PRO A 104 5.58 -13.77 9.98
C PRO A 104 5.78 -14.69 11.15
N THR A 105 5.32 -15.91 10.98
CA THR A 105 5.41 -16.88 12.02
C THR A 105 6.84 -17.07 12.50
N SER A 106 7.75 -17.28 11.55
CA SER A 106 9.16 -17.47 11.87
C SER A 106 10.02 -17.36 10.61
N LYS A 107 9.67 -16.43 9.73
CA LYS A 107 10.40 -16.22 8.49
C LYS A 107 10.38 -17.48 7.63
N GLU A 108 9.30 -18.25 7.73
CA GLU A 108 9.17 -19.48 6.97
C GLU A 108 10.28 -20.46 7.29
N GLY A 1 -1.75 15.73 5.71
CA GLY A 1 -2.77 15.79 6.79
C GLY A 1 -2.21 16.36 8.08
N SER A 2 -1.52 15.52 8.85
CA SER A 2 -0.94 15.94 10.11
C SER A 2 0.58 16.05 9.99
N SER A 3 1.25 14.91 9.86
CA SER A 3 2.70 14.87 9.74
C SER A 3 3.19 13.44 9.57
N PRO A 4 3.11 12.91 8.33
CA PRO A 4 3.55 11.54 8.02
C PRO A 4 5.07 11.40 8.06
N PRO A 5 5.61 10.68 9.06
CA PRO A 5 7.05 10.48 9.20
C PRO A 5 7.59 9.47 8.19
N LYS A 6 8.85 9.07 8.38
CA LYS A 6 9.49 8.11 7.48
C LYS A 6 8.91 6.73 7.67
N PRO A 7 8.87 5.97 6.57
CA PRO A 7 8.32 4.63 6.57
C PRO A 7 8.83 3.78 7.72
N GLY A 8 8.25 2.60 7.88
CA GLY A 8 8.65 1.71 8.97
C GLY A 8 7.60 1.69 10.05
N ASP A 9 6.37 1.99 9.66
CA ASP A 9 5.24 2.05 10.55
C ASP A 9 4.07 2.52 9.74
N ILE A 10 3.29 3.39 10.30
CA ILE A 10 2.16 3.91 9.59
C ILE A 10 2.61 4.99 8.61
N PHE A 11 2.71 4.58 7.35
CA PHE A 11 3.14 5.46 6.27
C PHE A 11 2.04 5.61 5.23
N GLU A 12 1.84 6.80 4.70
CA GLU A 12 0.83 7.01 3.67
C GLU A 12 1.50 7.36 2.34
N VAL A 13 0.87 7.04 1.20
CA VAL A 13 1.52 7.35 -0.05
C VAL A 13 0.59 8.17 -0.92
N GLU A 14 0.93 9.43 -1.08
CA GLU A 14 0.12 10.31 -1.85
C GLU A 14 0.80 10.83 -3.12
N LEU A 15 0.12 10.65 -4.22
CA LEU A 15 0.54 11.15 -5.53
C LEU A 15 -0.67 11.57 -6.34
N ALA A 16 -0.49 12.58 -7.17
CA ALA A 16 -1.57 13.06 -8.01
C ALA A 16 -1.28 12.67 -9.43
N LYS A 17 -2.19 11.96 -10.07
CA LYS A 17 -1.94 11.52 -11.44
C LYS A 17 -1.30 12.64 -12.25
N ASN A 18 0.02 12.63 -12.25
CA ASN A 18 0.77 13.67 -12.96
C ASN A 18 1.94 13.09 -13.75
N ASP A 19 2.82 12.39 -13.05
CA ASP A 19 3.98 11.76 -13.68
C ASP A 19 3.94 10.29 -13.38
N ASN A 20 3.51 10.02 -12.17
CA ASN A 20 3.34 8.68 -11.68
C ASN A 20 2.50 8.75 -10.43
N SER A 21 1.84 7.68 -10.10
CA SER A 21 1.00 7.67 -8.92
C SER A 21 0.60 6.23 -8.63
N LEU A 22 1.56 5.35 -8.90
CA LEU A 22 1.42 3.93 -8.75
C LEU A 22 2.57 3.26 -9.46
N GLY A 23 2.60 1.93 -9.43
CA GLY A 23 3.61 1.18 -10.15
C GLY A 23 3.99 -0.05 -9.41
N ILE A 24 3.02 -0.66 -8.78
CA ILE A 24 3.27 -1.85 -8.00
C ILE A 24 2.54 -3.06 -8.52
N SER A 25 3.15 -4.22 -8.29
CA SER A 25 2.56 -5.46 -8.69
C SER A 25 1.94 -6.12 -7.47
N VAL A 26 0.62 -6.24 -7.49
CA VAL A 26 -0.08 -6.81 -6.36
C VAL A 26 -0.44 -8.27 -6.59
N THR A 27 -0.66 -8.99 -5.49
CA THR A 27 -0.97 -10.42 -5.54
C THR A 27 0.32 -11.21 -5.74
N VAL A 28 1.44 -10.49 -5.82
CA VAL A 28 2.75 -11.08 -6.02
C VAL A 28 3.26 -11.73 -4.74
N LEU A 29 3.06 -11.06 -3.60
CA LEU A 29 3.48 -11.61 -2.33
C LEU A 29 2.25 -11.96 -1.54
N PHE A 30 1.15 -11.44 -2.02
CA PHE A 30 -0.13 -11.66 -1.40
C PHE A 30 -1.12 -12.23 -2.42
N ASP A 31 -2.40 -12.19 -2.08
CA ASP A 31 -3.45 -12.68 -2.97
C ASP A 31 -4.10 -11.51 -3.71
N LYS A 32 -3.96 -10.31 -3.18
CA LYS A 32 -4.53 -9.12 -3.78
C LYS A 32 -4.08 -7.87 -3.02
N GLY A 33 -2.84 -7.87 -2.53
CA GLY A 33 -2.35 -6.72 -1.80
C GLY A 33 -3.28 -6.41 -0.62
N GLY A 34 -4.15 -5.41 -0.79
CA GLY A 34 -5.08 -5.05 0.27
C GLY A 34 -5.92 -6.24 0.72
N VAL A 35 -6.48 -6.15 1.94
CA VAL A 35 -7.28 -7.22 2.51
C VAL A 35 -7.26 -7.03 4.02
N ASN A 36 -7.61 -8.03 4.77
CA ASN A 36 -7.51 -7.96 6.20
C ASN A 36 -7.06 -9.32 6.60
N THR A 37 -6.39 -9.94 5.62
CA THR A 37 -5.91 -11.29 5.70
C THR A 37 -6.11 -11.94 7.07
N SER A 38 -5.63 -11.30 8.14
CA SER A 38 -5.75 -11.85 9.48
C SER A 38 -5.61 -10.79 10.56
N VAL A 39 -6.16 -9.61 10.31
CA VAL A 39 -6.10 -8.52 11.27
C VAL A 39 -7.42 -7.75 11.26
N ARG A 40 -7.39 -6.48 11.65
CA ARG A 40 -8.61 -5.69 11.69
C ARG A 40 -8.45 -4.38 10.92
N HIS A 41 -7.22 -4.00 10.62
CA HIS A 41 -6.95 -2.77 9.88
C HIS A 41 -6.91 -3.06 8.40
N GLY A 42 -6.57 -4.28 8.08
CA GLY A 42 -6.46 -4.70 6.70
C GLY A 42 -5.14 -5.39 6.48
N GLY A 43 -4.24 -4.72 5.77
CA GLY A 43 -2.91 -5.28 5.57
C GLY A 43 -2.56 -5.69 4.15
N ILE A 44 -2.07 -4.73 3.35
CA ILE A 44 -1.65 -5.00 1.97
C ILE A 44 -0.25 -5.61 1.92
N TYR A 45 -0.14 -6.67 1.13
CA TYR A 45 1.15 -7.31 0.90
C TYR A 45 1.40 -7.34 -0.59
N VAL A 46 2.65 -7.05 -0.99
CA VAL A 46 2.92 -6.91 -2.40
C VAL A 46 4.40 -6.99 -2.77
N LYS A 47 4.70 -6.70 -4.06
CA LYS A 47 6.09 -6.63 -4.53
C LYS A 47 6.51 -5.19 -4.35
N ALA A 48 5.46 -4.39 -4.20
CA ALA A 48 5.51 -3.01 -3.96
C ALA A 48 5.79 -2.21 -5.21
N VAL A 49 6.59 -1.16 -5.10
CA VAL A 49 6.81 -0.27 -6.20
C VAL A 49 7.75 -0.73 -7.28
N ILE A 50 7.29 -0.43 -8.49
CA ILE A 50 7.98 -0.69 -9.73
C ILE A 50 9.46 -0.34 -9.61
N PRO A 51 10.29 -0.85 -10.52
CA PRO A 51 11.72 -0.59 -10.50
C PRO A 51 12.06 0.77 -11.09
N GLN A 52 11.19 1.21 -11.94
CA GLN A 52 11.35 2.49 -12.63
C GLN A 52 10.68 3.65 -11.88
N GLY A 53 10.38 3.44 -10.61
CA GLY A 53 9.77 4.50 -9.82
C GLY A 53 8.27 4.35 -9.69
N ALA A 54 7.53 5.02 -10.58
CA ALA A 54 6.07 4.97 -10.58
C ALA A 54 5.48 5.00 -9.15
N ALA A 55 4.90 3.90 -8.65
CA ALA A 55 4.34 3.89 -7.31
C ALA A 55 5.40 4.36 -6.34
N GLU A 56 6.60 3.96 -6.66
CA GLU A 56 7.78 4.32 -5.89
C GLU A 56 7.88 5.84 -5.79
N SER A 57 7.39 6.50 -6.83
CA SER A 57 7.32 7.95 -6.88
C SER A 57 6.11 8.34 -6.06
N ASP A 58 5.06 7.54 -6.20
CA ASP A 58 3.86 7.69 -5.40
C ASP A 58 4.31 7.51 -3.97
N GLY A 59 5.44 6.82 -3.82
CA GLY A 59 5.97 6.57 -2.49
C GLY A 59 5.14 5.56 -1.77
N ARG A 60 4.90 4.44 -2.45
CA ARG A 60 4.12 3.35 -1.91
C ARG A 60 5.00 2.15 -1.81
N ILE A 61 6.10 2.32 -1.12
CA ILE A 61 7.07 1.34 -0.98
C ILE A 61 6.88 0.45 0.21
N HIS A 62 7.19 -0.81 -0.03
CA HIS A 62 7.14 -1.87 0.95
C HIS A 62 6.42 -3.07 0.38
N LYS A 63 7.19 -4.09 0.06
CA LYS A 63 6.63 -5.32 -0.48
C LYS A 63 6.15 -6.19 0.65
N GLY A 64 4.84 -6.34 0.79
CA GLY A 64 4.36 -7.15 1.88
C GLY A 64 4.37 -6.37 3.16
N ASP A 65 3.19 -6.02 3.63
CA ASP A 65 3.03 -5.24 4.86
C ASP A 65 1.56 -5.09 5.21
N ARG A 66 1.23 -4.24 6.21
CA ARG A 66 -0.19 -4.12 6.54
C ARG A 66 -0.75 -2.68 6.64
N VAL A 67 -1.56 -2.34 5.63
CA VAL A 67 -2.25 -1.12 5.49
C VAL A 67 -3.50 -0.97 6.30
N LEU A 68 -3.66 0.25 6.75
CA LEU A 68 -4.87 0.62 7.44
C LEU A 68 -5.89 1.02 6.38
N ALA A 69 -5.46 1.89 5.43
CA ALA A 69 -6.32 2.31 4.34
C ALA A 69 -5.55 2.23 3.04
N VAL A 70 -6.25 2.00 1.94
CA VAL A 70 -5.62 1.95 0.64
C VAL A 70 -6.29 2.96 -0.28
N ASN A 71 -5.50 3.58 -1.13
CA ASN A 71 -6.01 4.60 -2.05
C ASN A 71 -6.94 5.57 -1.33
N GLY A 72 -6.88 5.57 0.00
CA GLY A 72 -7.74 6.45 0.76
C GLY A 72 -8.87 5.73 1.44
N VAL A 73 -9.26 4.57 0.92
CA VAL A 73 -10.31 3.80 1.54
C VAL A 73 -9.69 2.91 2.59
N SER A 74 -10.36 2.72 3.70
CA SER A 74 -9.81 1.88 4.74
C SER A 74 -10.04 0.44 4.34
N LEU A 75 -8.96 -0.30 4.10
CA LEU A 75 -9.11 -1.65 3.70
C LEU A 75 -8.98 -2.49 4.92
N GLU A 76 -10.03 -2.53 5.68
CA GLU A 76 -10.02 -3.31 6.87
C GLU A 76 -10.59 -4.68 6.58
N GLY A 77 -10.41 -5.12 5.34
CA GLY A 77 -10.93 -6.37 4.89
C GLY A 77 -12.04 -6.16 3.90
N ALA A 78 -12.02 -4.99 3.27
CA ALA A 78 -13.00 -4.63 2.27
C ALA A 78 -12.54 -5.03 0.90
N THR A 79 -11.32 -4.62 0.52
CA THR A 79 -10.79 -4.95 -0.77
C THR A 79 -11.87 -5.25 -1.73
N HIS A 80 -12.12 -6.54 -1.93
CA HIS A 80 -13.14 -6.96 -2.87
C HIS A 80 -13.47 -5.79 -3.79
N LYS A 81 -14.27 -4.87 -3.30
CA LYS A 81 -14.57 -3.68 -4.08
C LYS A 81 -13.52 -2.57 -3.97
N GLN A 82 -13.36 -2.08 -2.74
CA GLN A 82 -12.51 -0.91 -2.44
C GLN A 82 -11.02 -1.07 -2.51
N ALA A 83 -10.48 -2.02 -1.79
CA ALA A 83 -9.01 -2.11 -1.76
C ALA A 83 -8.42 -2.71 -2.99
N VAL A 84 -8.94 -3.82 -3.36
CA VAL A 84 -8.45 -4.49 -4.52
C VAL A 84 -8.69 -3.66 -5.76
N GLU A 85 -9.88 -3.12 -5.84
CA GLU A 85 -10.22 -2.28 -6.97
C GLU A 85 -9.38 -1.04 -6.98
N THR A 86 -9.05 -0.56 -5.80
CA THR A 86 -8.33 0.68 -5.72
C THR A 86 -6.85 0.50 -6.01
N LEU A 87 -6.25 -0.55 -5.46
CA LEU A 87 -4.84 -0.80 -5.70
C LEU A 87 -4.59 -0.95 -7.20
N ARG A 88 -5.55 -1.58 -7.87
CA ARG A 88 -5.49 -1.79 -9.32
C ARG A 88 -5.83 -0.53 -10.07
N ASN A 89 -6.69 0.29 -9.51
CA ASN A 89 -7.09 1.48 -10.20
C ASN A 89 -6.31 2.71 -9.77
N THR A 90 -5.43 2.54 -8.81
CA THR A 90 -4.60 3.62 -8.30
C THR A 90 -4.03 4.45 -9.45
N GLY A 91 -3.34 5.52 -9.10
CA GLY A 91 -2.74 6.37 -10.12
C GLY A 91 -3.50 7.68 -10.32
N GLN A 92 -4.75 7.61 -10.78
CA GLN A 92 -5.56 8.81 -11.00
C GLN A 92 -5.21 9.87 -9.96
N VAL A 93 -5.05 9.39 -8.74
CA VAL A 93 -4.68 10.14 -7.63
C VAL A 93 -4.77 9.22 -6.44
N VAL A 94 -3.62 8.88 -5.92
CA VAL A 94 -3.59 7.92 -4.87
C VAL A 94 -3.08 8.45 -3.57
N HIS A 95 -3.79 8.06 -2.58
CA HIS A 95 -3.45 8.35 -1.20
C HIS A 95 -3.58 7.11 -0.35
N LEU A 96 -2.48 6.62 0.20
CA LEU A 96 -2.49 5.44 0.96
C LEU A 96 -1.96 5.54 2.34
N LEU A 97 -2.68 4.91 3.25
CA LEU A 97 -2.23 4.83 4.61
C LEU A 97 -1.86 3.38 4.90
N LEU A 98 -0.58 3.16 5.15
CA LEU A 98 -0.07 1.82 5.41
C LEU A 98 0.44 1.67 6.83
N GLU A 99 0.39 0.45 7.33
CA GLU A 99 0.89 0.17 8.67
C GLU A 99 1.91 -0.94 8.67
N LYS A 100 3.14 -0.56 8.93
CA LYS A 100 4.25 -1.48 8.96
C LYS A 100 4.14 -2.47 10.11
N GLY A 101 3.91 -3.73 9.77
CA GLY A 101 3.79 -4.76 10.76
C GLY A 101 4.18 -6.12 10.23
N GLN A 102 5.19 -6.11 9.37
CA GLN A 102 5.68 -7.33 8.76
C GLN A 102 6.60 -8.10 9.71
N SER A 103 7.57 -7.39 10.28
CA SER A 103 8.51 -8.01 11.21
C SER A 103 7.78 -8.60 12.42
N PRO A 104 6.94 -7.80 13.09
CA PRO A 104 6.18 -8.25 14.26
C PRO A 104 5.61 -9.62 14.12
N THR A 105 6.37 -10.56 14.65
CA THR A 105 5.97 -11.94 14.65
C THR A 105 7.06 -12.82 15.25
N SER A 106 6.86 -14.14 15.20
CA SER A 106 7.82 -15.09 15.75
C SER A 106 8.85 -15.47 14.69
N LYS A 107 9.49 -14.46 14.11
CA LYS A 107 10.51 -14.69 13.08
C LYS A 107 9.93 -15.44 11.89
N GLU A 108 8.65 -15.19 11.60
CA GLU A 108 7.97 -15.84 10.50
C GLU A 108 8.55 -15.39 9.17
N GLY A 1 13.97 14.76 2.72
CA GLY A 1 12.76 13.93 2.99
C GLY A 1 11.66 14.14 1.96
N SER A 2 10.45 14.36 2.44
CA SER A 2 9.31 14.58 1.55
C SER A 2 8.17 15.26 2.29
N SER A 3 7.82 14.72 3.45
CA SER A 3 6.74 15.29 4.27
C SER A 3 6.57 14.50 5.57
N PRO A 4 6.25 13.20 5.47
CA PRO A 4 6.07 12.35 6.65
C PRO A 4 7.39 12.02 7.33
N PRO A 5 7.33 11.42 8.54
CA PRO A 5 8.53 11.05 9.30
C PRO A 5 9.43 10.09 8.53
N LYS A 6 9.03 8.83 8.46
CA LYS A 6 9.80 7.81 7.76
C LYS A 6 9.12 6.47 7.83
N PRO A 7 9.15 5.74 6.71
CA PRO A 7 8.52 4.45 6.61
C PRO A 7 8.96 3.49 7.72
N GLY A 8 8.27 2.38 7.85
CA GLY A 8 8.59 1.42 8.89
C GLY A 8 7.57 1.49 10.01
N ASP A 9 6.36 1.88 9.64
CA ASP A 9 5.27 2.05 10.56
C ASP A 9 4.10 2.57 9.76
N ILE A 10 3.37 3.49 10.33
CA ILE A 10 2.24 4.04 9.63
C ILE A 10 2.73 5.09 8.62
N PHE A 11 2.78 4.66 7.36
CA PHE A 11 3.21 5.51 6.26
C PHE A 11 2.09 5.64 5.23
N GLU A 12 1.89 6.82 4.67
CA GLU A 12 0.87 7.01 3.66
C GLU A 12 1.52 7.37 2.32
N VAL A 13 0.90 7.03 1.17
CA VAL A 13 1.53 7.35 -0.08
C VAL A 13 0.60 8.17 -0.94
N GLU A 14 0.96 9.42 -1.11
CA GLU A 14 0.15 10.31 -1.89
C GLU A 14 0.84 10.83 -3.16
N LEU A 15 0.15 10.69 -4.27
CA LEU A 15 0.59 11.20 -5.56
C LEU A 15 -0.63 11.66 -6.36
N ALA A 16 -0.44 12.65 -7.21
CA ALA A 16 -1.50 13.15 -8.04
C ALA A 16 -1.24 12.75 -9.46
N LYS A 17 -2.17 12.00 -10.06
CA LYS A 17 -1.95 11.54 -11.44
C LYS A 17 -1.33 12.65 -12.27
N ASN A 18 -0.01 12.64 -12.31
CA ASN A 18 0.73 13.66 -13.06
C ASN A 18 1.89 13.06 -13.85
N ASP A 19 2.78 12.38 -13.16
CA ASP A 19 3.93 11.75 -13.78
C ASP A 19 3.91 10.28 -13.45
N ASN A 20 3.48 10.03 -12.24
CA ASN A 20 3.34 8.70 -11.72
C ASN A 20 2.50 8.78 -10.48
N SER A 21 1.84 7.70 -10.13
CA SER A 21 1.00 7.70 -8.96
C SER A 21 0.61 6.27 -8.66
N LEU A 22 1.57 5.40 -8.92
CA LEU A 22 1.42 3.97 -8.77
C LEU A 22 2.59 3.29 -9.48
N GLY A 23 2.62 1.96 -9.42
CA GLY A 23 3.64 1.23 -10.13
C GLY A 23 4.01 -0.02 -9.38
N ILE A 24 3.02 -0.63 -8.77
CA ILE A 24 3.28 -1.82 -7.99
C ILE A 24 2.55 -3.02 -8.52
N SER A 25 3.15 -4.19 -8.32
CA SER A 25 2.56 -5.42 -8.73
C SER A 25 1.95 -6.09 -7.53
N VAL A 26 0.63 -6.23 -7.55
CA VAL A 26 -0.08 -6.81 -6.44
C VAL A 26 -0.41 -8.27 -6.70
N THR A 27 -0.64 -9.02 -5.63
CA THR A 27 -0.93 -10.45 -5.73
C THR A 27 0.38 -11.23 -5.89
N VAL A 28 1.48 -10.49 -5.96
CA VAL A 28 2.80 -11.06 -6.12
C VAL A 28 3.26 -11.74 -4.84
N LEU A 29 3.03 -11.09 -3.69
CA LEU A 29 3.40 -11.66 -2.43
C LEU A 29 2.15 -12.00 -1.67
N PHE A 30 1.06 -11.46 -2.17
CA PHE A 30 -0.23 -11.67 -1.59
C PHE A 30 -1.20 -12.22 -2.63
N ASP A 31 -2.48 -12.25 -2.30
CA ASP A 31 -3.50 -12.74 -3.20
C ASP A 31 -4.25 -11.57 -3.87
N LYS A 32 -4.01 -10.37 -3.36
CA LYS A 32 -4.64 -9.17 -3.90
C LYS A 32 -4.20 -7.93 -3.11
N GLY A 33 -2.93 -7.91 -2.69
CA GLY A 33 -2.43 -6.78 -1.93
C GLY A 33 -3.34 -6.47 -0.73
N GLY A 34 -4.24 -5.50 -0.90
CA GLY A 34 -5.16 -5.14 0.16
C GLY A 34 -6.00 -6.32 0.65
N VAL A 35 -6.58 -6.19 1.86
CA VAL A 35 -7.38 -7.24 2.47
C VAL A 35 -7.36 -6.99 3.96
N ASN A 36 -7.69 -7.97 4.74
CA ASN A 36 -7.61 -7.85 6.16
C ASN A 36 -7.14 -9.20 6.61
N THR A 37 -6.47 -9.84 5.65
CA THR A 37 -5.97 -11.18 5.77
C THR A 37 -6.20 -11.78 7.18
N SER A 38 -5.69 -11.09 8.20
CA SER A 38 -5.85 -11.55 9.57
C SER A 38 -5.39 -10.51 10.59
N VAL A 39 -6.10 -9.40 10.64
CA VAL A 39 -5.80 -8.32 11.56
C VAL A 39 -7.05 -7.48 11.83
N ARG A 40 -6.87 -6.21 12.20
CA ARG A 40 -8.01 -5.34 12.48
C ARG A 40 -7.88 -4.00 11.77
N HIS A 41 -7.22 -4.01 10.61
CA HIS A 41 -7.02 -2.79 9.84
C HIS A 41 -7.00 -3.07 8.34
N GLY A 42 -6.52 -4.26 8.01
CA GLY A 42 -6.40 -4.67 6.64
C GLY A 42 -5.12 -5.43 6.44
N GLY A 43 -4.17 -4.82 5.76
CA GLY A 43 -2.88 -5.48 5.59
C GLY A 43 -2.47 -5.84 4.17
N ILE A 44 -2.18 -4.82 3.36
CA ILE A 44 -1.73 -5.06 1.97
C ILE A 44 -0.34 -5.68 1.92
N TYR A 45 -0.22 -6.71 1.11
CA TYR A 45 1.06 -7.35 0.85
C TYR A 45 1.34 -7.29 -0.63
N VAL A 46 2.60 -7.14 -1.03
CA VAL A 46 2.88 -6.94 -2.43
C VAL A 46 4.36 -6.99 -2.80
N LYS A 47 4.67 -6.68 -4.08
CA LYS A 47 6.06 -6.60 -4.53
C LYS A 47 6.47 -5.17 -4.30
N ALA A 48 5.42 -4.37 -4.19
CA ALA A 48 5.46 -2.99 -3.92
C ALA A 48 5.75 -2.16 -5.16
N VAL A 49 6.53 -1.12 -5.03
CA VAL A 49 6.77 -0.22 -6.13
C VAL A 49 7.74 -0.66 -7.19
N ILE A 50 7.28 -0.37 -8.41
CA ILE A 50 8.00 -0.63 -9.63
C ILE A 50 9.48 -0.28 -9.49
N PRO A 51 10.33 -0.80 -10.38
CA PRO A 51 11.76 -0.52 -10.35
C PRO A 51 12.11 0.83 -10.93
N GLN A 52 11.24 1.26 -11.81
CA GLN A 52 11.42 2.54 -12.50
C GLN A 52 10.73 3.69 -11.78
N GLY A 53 10.41 3.50 -10.51
CA GLY A 53 9.79 4.57 -9.75
C GLY A 53 8.28 4.42 -9.63
N ALA A 54 7.55 5.09 -10.52
CA ALA A 54 6.10 5.04 -10.53
C ALA A 54 5.49 5.06 -9.11
N ALA A 55 4.90 3.95 -8.63
CA ALA A 55 4.33 3.93 -7.28
C ALA A 55 5.39 4.38 -6.30
N GLU A 56 6.60 3.98 -6.62
CA GLU A 56 7.77 4.31 -5.83
C GLU A 56 7.88 5.83 -5.71
N SER A 57 7.40 6.51 -6.75
CA SER A 57 7.34 7.96 -6.79
C SER A 57 6.14 8.35 -5.96
N ASP A 58 5.07 7.56 -6.13
CA ASP A 58 3.88 7.72 -5.32
C ASP A 58 4.31 7.49 -3.89
N GLY A 59 5.44 6.77 -3.76
CA GLY A 59 5.96 6.47 -2.45
C GLY A 59 5.12 5.44 -1.77
N ARG A 60 4.88 4.34 -2.48
CA ARG A 60 4.08 3.24 -1.95
C ARG A 60 4.96 2.03 -1.82
N ILE A 61 6.09 2.24 -1.18
CA ILE A 61 7.06 1.27 -0.98
C ILE A 61 6.80 0.37 0.19
N HIS A 62 7.14 -0.87 -0.02
CA HIS A 62 7.04 -1.92 0.97
C HIS A 62 6.33 -3.13 0.39
N LYS A 63 7.11 -4.16 0.10
CA LYS A 63 6.56 -5.39 -0.45
C LYS A 63 6.07 -6.25 0.69
N GLY A 64 4.75 -6.40 0.82
CA GLY A 64 4.25 -7.20 1.92
C GLY A 64 4.30 -6.42 3.20
N ASP A 65 3.13 -6.01 3.65
CA ASP A 65 3.02 -5.21 4.88
C ASP A 65 1.56 -5.01 5.27
N ARG A 66 1.26 -4.15 6.26
CA ARG A 66 -0.15 -4.01 6.63
C ARG A 66 -0.69 -2.57 6.70
N VAL A 67 -1.53 -2.27 5.73
CA VAL A 67 -2.22 -1.05 5.57
C VAL A 67 -3.50 -0.91 6.32
N LEU A 68 -3.67 0.29 6.80
CA LEU A 68 -4.90 0.64 7.46
C LEU A 68 -5.91 1.02 6.37
N ALA A 69 -5.48 1.88 5.43
CA ALA A 69 -6.33 2.28 4.32
C ALA A 69 -5.54 2.20 3.04
N VAL A 70 -6.22 1.97 1.93
CA VAL A 70 -5.58 1.92 0.63
C VAL A 70 -6.24 2.94 -0.28
N ASN A 71 -5.44 3.57 -1.12
CA ASN A 71 -5.93 4.59 -2.04
C ASN A 71 -6.89 5.55 -1.34
N GLY A 72 -6.86 5.55 -0.01
CA GLY A 72 -7.75 6.42 0.74
C GLY A 72 -8.88 5.67 1.41
N VAL A 73 -9.26 4.52 0.86
CA VAL A 73 -10.31 3.73 1.48
C VAL A 73 -9.68 2.83 2.53
N SER A 74 -10.35 2.63 3.64
CA SER A 74 -9.79 1.79 4.67
C SER A 74 -10.00 0.34 4.23
N LEU A 75 -8.91 -0.40 4.03
CA LEU A 75 -9.05 -1.74 3.62
C LEU A 75 -8.99 -2.59 4.83
N GLU A 76 -10.07 -2.61 5.54
CA GLU A 76 -10.12 -3.38 6.74
C GLU A 76 -10.69 -4.76 6.41
N GLY A 77 -10.37 -5.24 5.22
CA GLY A 77 -10.86 -6.50 4.76
C GLY A 77 -11.96 -6.29 3.75
N ALA A 78 -12.02 -5.07 3.22
CA ALA A 78 -13.01 -4.70 2.23
C ALA A 78 -12.54 -5.11 0.85
N THR A 79 -11.32 -4.70 0.46
CA THR A 79 -10.81 -5.02 -0.83
C THR A 79 -11.90 -5.31 -1.79
N HIS A 80 -12.15 -6.60 -1.99
CA HIS A 80 -13.18 -7.01 -2.92
C HIS A 80 -13.50 -5.84 -3.84
N LYS A 81 -14.30 -4.90 -3.35
CA LYS A 81 -14.60 -3.72 -4.12
C LYS A 81 -13.54 -2.61 -4.02
N GLN A 82 -13.36 -2.12 -2.78
CA GLN A 82 -12.50 -0.97 -2.48
C GLN A 82 -11.01 -1.14 -2.58
N ALA A 83 -10.47 -2.09 -1.85
CA ALA A 83 -9.02 -2.18 -1.84
C ALA A 83 -8.44 -2.79 -3.06
N VAL A 84 -8.97 -3.90 -3.44
CA VAL A 84 -8.49 -4.57 -4.60
C VAL A 84 -8.71 -3.72 -5.82
N GLU A 85 -9.92 -3.17 -5.90
CA GLU A 85 -10.24 -2.32 -7.03
C GLU A 85 -9.41 -1.07 -7.02
N THR A 86 -9.10 -0.59 -5.83
CA THR A 86 -8.38 0.65 -5.75
C THR A 86 -6.88 0.49 -6.00
N LEU A 87 -6.30 -0.60 -5.51
CA LEU A 87 -4.89 -0.84 -5.74
C LEU A 87 -4.64 -0.98 -7.23
N ARG A 88 -5.58 -1.60 -7.91
CA ARG A 88 -5.53 -1.81 -9.35
C ARG A 88 -5.86 -0.54 -10.10
N ASN A 89 -6.72 0.27 -9.53
CA ASN A 89 -7.12 1.48 -10.21
C ASN A 89 -6.33 2.70 -9.77
N THR A 90 -5.45 2.52 -8.83
CA THR A 90 -4.61 3.59 -8.31
C THR A 90 -4.05 4.43 -9.45
N GLY A 91 -3.37 5.51 -9.10
CA GLY A 91 -2.79 6.36 -10.12
C GLY A 91 -3.53 7.68 -10.30
N GLN A 92 -4.79 7.63 -10.77
CA GLN A 92 -5.60 8.84 -10.97
C GLN A 92 -5.24 9.88 -9.93
N VAL A 93 -5.07 9.40 -8.71
CA VAL A 93 -4.69 10.14 -7.59
C VAL A 93 -4.77 9.22 -6.42
N VAL A 94 -3.62 8.86 -5.89
CA VAL A 94 -3.59 7.90 -4.86
C VAL A 94 -3.08 8.42 -3.56
N HIS A 95 -3.78 8.03 -2.56
CA HIS A 95 -3.43 8.31 -1.19
C HIS A 95 -3.55 7.07 -0.33
N LEU A 96 -2.44 6.59 0.21
CA LEU A 96 -2.45 5.41 0.98
C LEU A 96 -1.92 5.51 2.36
N LEU A 97 -2.65 4.93 3.27
CA LEU A 97 -2.22 4.84 4.64
C LEU A 97 -1.82 3.41 4.94
N LEU A 98 -0.54 3.20 5.19
CA LEU A 98 0.00 1.87 5.48
C LEU A 98 0.52 1.77 6.88
N GLU A 99 0.52 0.55 7.41
CA GLU A 99 1.05 0.32 8.74
C GLU A 99 1.98 -0.88 8.79
N LYS A 100 3.20 -0.62 9.21
CA LYS A 100 4.23 -1.63 9.31
C LYS A 100 3.92 -2.70 10.35
N GLY A 101 3.82 -3.93 9.90
CA GLY A 101 3.56 -5.03 10.80
C GLY A 101 4.01 -6.35 10.23
N GLN A 102 5.10 -6.30 9.48
CA GLN A 102 5.65 -7.47 8.84
C GLN A 102 6.67 -8.16 9.74
N SER A 103 7.31 -7.38 10.62
CA SER A 103 8.31 -7.92 11.54
C SER A 103 7.76 -9.10 12.33
N PRO A 104 6.61 -8.92 13.01
CA PRO A 104 5.98 -9.98 13.80
C PRO A 104 5.91 -11.30 13.10
N THR A 105 6.31 -12.31 13.84
CA THR A 105 6.32 -13.64 13.31
C THR A 105 5.20 -14.49 13.90
N SER A 106 3.96 -14.01 13.77
CA SER A 106 2.81 -14.72 14.30
C SER A 106 2.88 -14.82 15.82
N LYS A 107 3.14 -13.69 16.47
CA LYS A 107 3.24 -13.64 17.92
C LYS A 107 4.39 -14.51 18.41
N GLU A 108 5.62 -14.05 18.15
CA GLU A 108 6.81 -14.79 18.57
C GLU A 108 6.83 -14.97 20.09
N GLY A 1 3.33 22.46 0.46
CA GLY A 1 4.49 21.68 -0.05
C GLY A 1 5.25 20.96 1.05
N SER A 2 4.52 20.18 1.85
CA SER A 2 5.12 19.44 2.94
C SER A 2 5.44 18.01 2.52
N SER A 3 6.18 17.29 3.36
CA SER A 3 6.56 15.92 3.06
C SER A 3 6.14 14.98 4.20
N PRO A 4 5.73 13.74 3.87
CA PRO A 4 5.31 12.76 4.87
C PRO A 4 6.48 12.19 5.66
N PRO A 5 6.20 11.43 6.74
CA PRO A 5 7.24 10.82 7.57
C PRO A 5 7.97 9.69 6.84
N LYS A 6 8.74 8.92 7.60
CA LYS A 6 9.50 7.81 7.03
C LYS A 6 8.85 6.49 7.35
N PRO A 7 8.89 5.59 6.37
CA PRO A 7 8.28 4.28 6.50
C PRO A 7 8.80 3.51 7.71
N GLY A 8 8.19 2.36 7.97
CA GLY A 8 8.59 1.55 9.11
C GLY A 8 7.52 1.57 10.19
N ASP A 9 6.29 1.86 9.76
CA ASP A 9 5.16 1.96 10.63
C ASP A 9 4.01 2.46 9.79
N ILE A 10 3.26 3.37 10.32
CA ILE A 10 2.16 3.92 9.58
C ILE A 10 2.66 4.97 8.59
N PHE A 11 2.76 4.55 7.33
CA PHE A 11 3.22 5.41 6.25
C PHE A 11 2.12 5.55 5.20
N GLU A 12 1.92 6.74 4.66
CA GLU A 12 0.91 6.95 3.64
C GLU A 12 1.56 7.27 2.30
N VAL A 13 0.92 6.93 1.16
CA VAL A 13 1.53 7.22 -0.11
C VAL A 13 0.58 8.02 -0.97
N GLU A 14 0.90 9.27 -1.16
CA GLU A 14 0.05 10.13 -1.93
C GLU A 14 0.71 10.65 -3.21
N LEU A 15 0.02 10.48 -4.30
CA LEU A 15 0.42 10.98 -5.61
C LEU A 15 -0.81 11.41 -6.39
N ALA A 16 -0.66 12.43 -7.23
CA ALA A 16 -1.75 12.91 -8.03
C ALA A 16 -1.46 12.55 -9.47
N LYS A 17 -2.38 11.82 -10.11
CA LYS A 17 -2.15 11.42 -11.50
C LYS A 17 -1.54 12.56 -12.29
N ASN A 18 -0.21 12.57 -12.31
CA ASN A 18 0.52 13.63 -13.02
C ASN A 18 1.69 13.06 -13.82
N ASP A 19 2.59 12.37 -13.13
CA ASP A 19 3.75 11.77 -13.78
C ASP A 19 3.76 10.30 -13.44
N ASN A 20 3.34 10.04 -12.23
CA ASN A 20 3.21 8.71 -11.70
C ASN A 20 2.39 8.79 -10.44
N SER A 21 1.73 7.70 -10.11
CA SER A 21 0.91 7.70 -8.93
C SER A 21 0.55 6.27 -8.60
N LEU A 22 1.51 5.40 -8.90
CA LEU A 22 1.39 3.97 -8.72
C LEU A 22 2.53 3.31 -9.45
N GLY A 23 2.57 1.99 -9.42
CA GLY A 23 3.59 1.25 -10.15
C GLY A 23 3.99 0.02 -9.42
N ILE A 24 3.02 -0.61 -8.80
CA ILE A 24 3.30 -1.80 -8.02
C ILE A 24 2.59 -3.02 -8.56
N SER A 25 3.19 -4.17 -8.30
CA SER A 25 2.64 -5.43 -8.71
C SER A 25 2.03 -6.10 -7.50
N VAL A 26 0.72 -6.25 -7.52
CA VAL A 26 0.02 -6.84 -6.39
C VAL A 26 -0.29 -8.31 -6.64
N THR A 27 -0.50 -9.05 -5.54
CA THR A 27 -0.76 -10.48 -5.61
C THR A 27 0.56 -11.23 -5.75
N VAL A 28 1.65 -10.47 -5.86
CA VAL A 28 2.97 -11.02 -6.01
C VAL A 28 3.45 -11.64 -4.70
N LEU A 29 3.16 -10.99 -3.58
CA LEU A 29 3.53 -11.51 -2.29
C LEU A 29 2.29 -11.88 -1.53
N PHE A 30 1.19 -11.40 -2.06
CA PHE A 30 -0.11 -11.65 -1.50
C PHE A 30 -1.04 -12.24 -2.56
N ASP A 31 -2.34 -12.19 -2.30
CA ASP A 31 -3.33 -12.70 -3.24
C ASP A 31 -4.07 -11.54 -3.91
N LYS A 32 -3.94 -10.35 -3.33
CA LYS A 32 -4.59 -9.16 -3.85
C LYS A 32 -4.17 -7.92 -3.06
N GLY A 33 -2.91 -7.89 -2.63
CA GLY A 33 -2.43 -6.75 -1.86
C GLY A 33 -3.36 -6.43 -0.69
N GLY A 34 -4.22 -5.43 -0.85
CA GLY A 34 -5.16 -5.06 0.20
C GLY A 34 -6.03 -6.22 0.65
N VAL A 35 -6.63 -6.10 1.84
CA VAL A 35 -7.47 -7.14 2.43
C VAL A 35 -7.45 -6.92 3.92
N ASN A 36 -7.83 -7.91 4.69
CA ASN A 36 -7.75 -7.83 6.11
C ASN A 36 -7.35 -9.21 6.52
N THR A 37 -6.68 -9.85 5.56
CA THR A 37 -6.25 -11.21 5.64
C THR A 37 -6.42 -11.84 7.03
N SER A 38 -5.89 -11.19 8.06
CA SER A 38 -5.99 -11.72 9.43
C SER A 38 -5.66 -10.69 10.50
N VAL A 39 -6.17 -9.48 10.33
CA VAL A 39 -5.94 -8.42 11.29
C VAL A 39 -7.22 -7.60 11.46
N ARG A 40 -7.10 -6.32 11.79
CA ARG A 40 -8.28 -5.48 11.99
C ARG A 40 -8.20 -4.16 11.22
N HIS A 41 -7.08 -3.93 10.55
CA HIS A 41 -6.89 -2.71 9.76
C HIS A 41 -6.91 -3.00 8.28
N GLY A 42 -6.53 -4.22 7.96
CA GLY A 42 -6.45 -4.64 6.59
C GLY A 42 -5.20 -5.46 6.36
N GLY A 43 -4.24 -4.88 5.65
CA GLY A 43 -2.99 -5.59 5.47
C GLY A 43 -2.54 -5.87 4.04
N ILE A 44 -2.22 -4.83 3.27
CA ILE A 44 -1.74 -5.02 1.89
C ILE A 44 -0.35 -5.63 1.85
N TYR A 45 -0.22 -6.68 1.07
CA TYR A 45 1.06 -7.33 0.86
C TYR A 45 1.35 -7.36 -0.63
N VAL A 46 2.57 -7.00 -1.00
CA VAL A 46 2.89 -6.87 -2.39
C VAL A 46 4.38 -6.94 -2.72
N LYS A 47 4.73 -6.63 -3.99
CA LYS A 47 6.15 -6.56 -4.39
C LYS A 47 6.53 -5.10 -4.21
N ALA A 48 5.47 -4.31 -4.16
CA ALA A 48 5.47 -2.93 -3.93
C ALA A 48 5.76 -2.12 -5.18
N VAL A 49 6.53 -1.06 -5.06
CA VAL A 49 6.76 -0.17 -6.16
C VAL A 49 7.73 -0.59 -7.22
N ILE A 50 7.27 -0.30 -8.44
CA ILE A 50 7.99 -0.54 -9.67
C ILE A 50 9.47 -0.18 -9.51
N PRO A 51 10.33 -0.67 -10.41
CA PRO A 51 11.76 -0.40 -10.36
C PRO A 51 12.12 0.96 -10.95
N GLN A 52 11.28 1.41 -11.83
CA GLN A 52 11.47 2.67 -12.52
C GLN A 52 10.74 3.84 -11.85
N GLY A 53 10.37 3.67 -10.58
CA GLY A 53 9.70 4.74 -9.86
C GLY A 53 8.21 4.54 -9.70
N ALA A 54 7.43 5.19 -10.57
CA ALA A 54 5.99 5.08 -10.55
C ALA A 54 5.42 5.11 -9.11
N ALA A 55 4.85 4.00 -8.62
CA ALA A 55 4.30 3.97 -7.26
C ALA A 55 5.37 4.42 -6.30
N GLU A 56 6.57 4.02 -6.64
CA GLU A 56 7.77 4.35 -5.87
C GLU A 56 7.87 5.88 -5.75
N SER A 57 7.37 6.55 -6.78
CA SER A 57 7.30 8.00 -6.82
C SER A 57 6.11 8.38 -5.97
N ASP A 58 5.05 7.58 -6.12
CA ASP A 58 3.87 7.71 -5.29
C ASP A 58 4.33 7.51 -3.86
N GLY A 59 5.47 6.82 -3.74
CA GLY A 59 6.02 6.55 -2.44
C GLY A 59 5.21 5.51 -1.74
N ARG A 60 5.00 4.39 -2.43
CA ARG A 60 4.23 3.29 -1.89
C ARG A 60 5.13 2.08 -1.78
N ILE A 61 6.24 2.28 -1.10
CA ILE A 61 7.21 1.28 -0.95
C ILE A 61 7.00 0.39 0.23
N HIS A 62 7.31 -0.87 -0.01
CA HIS A 62 7.26 -1.92 0.96
C HIS A 62 6.47 -3.10 0.42
N LYS A 63 7.19 -4.12 0.05
CA LYS A 63 6.60 -5.33 -0.51
C LYS A 63 6.11 -6.22 0.61
N GLY A 64 4.80 -6.37 0.74
CA GLY A 64 4.30 -7.20 1.81
C GLY A 64 4.31 -6.47 3.11
N ASP A 65 3.12 -6.12 3.56
CA ASP A 65 2.97 -5.37 4.82
C ASP A 65 1.50 -5.20 5.16
N ARG A 66 1.17 -4.37 6.15
CA ARG A 66 -0.25 -4.21 6.48
C ARG A 66 -0.76 -2.76 6.60
N VAL A 67 -1.54 -2.38 5.60
CA VAL A 67 -2.19 -1.14 5.48
C VAL A 67 -3.43 -0.96 6.30
N LEU A 68 -3.55 0.24 6.79
CA LEU A 68 -4.73 0.62 7.51
C LEU A 68 -5.78 1.05 6.48
N ALA A 69 -5.37 1.93 5.53
CA ALA A 69 -6.27 2.37 4.48
C ALA A 69 -5.55 2.31 3.15
N VAL A 70 -6.26 2.06 2.08
CA VAL A 70 -5.69 2.04 0.76
C VAL A 70 -6.43 3.03 -0.12
N ASN A 71 -5.70 3.68 -1.00
CA ASN A 71 -6.27 4.71 -1.88
C ASN A 71 -7.11 5.69 -1.07
N GLY A 72 -6.93 5.68 0.24
CA GLY A 72 -7.69 6.57 1.09
C GLY A 72 -8.81 5.84 1.80
N VAL A 73 -9.22 4.70 1.26
CA VAL A 73 -10.26 3.91 1.90
C VAL A 73 -9.61 3.01 2.92
N SER A 74 -10.25 2.79 4.03
CA SER A 74 -9.68 1.92 5.03
C SER A 74 -9.96 0.50 4.58
N LEU A 75 -8.91 -0.27 4.29
CA LEU A 75 -9.12 -1.59 3.82
C LEU A 75 -9.04 -2.48 5.01
N GLU A 76 -10.10 -2.47 5.77
CA GLU A 76 -10.13 -3.28 6.94
C GLU A 76 -10.77 -4.62 6.59
N GLY A 77 -10.50 -5.08 5.37
CA GLY A 77 -11.08 -6.30 4.88
C GLY A 77 -12.15 -6.00 3.87
N ALA A 78 -12.09 -4.80 3.31
CA ALA A 78 -13.04 -4.35 2.32
C ALA A 78 -12.62 -4.80 0.94
N THR A 79 -11.37 -4.49 0.55
CA THR A 79 -10.88 -4.86 -0.75
C THR A 79 -11.99 -5.08 -1.69
N HIS A 80 -12.32 -6.35 -1.91
CA HIS A 80 -13.37 -6.70 -2.83
C HIS A 80 -13.62 -5.52 -3.75
N LYS A 81 -14.37 -4.54 -3.27
CA LYS A 81 -14.59 -3.33 -4.04
C LYS A 81 -13.47 -2.28 -3.90
N GLN A 82 -13.29 -1.81 -2.67
CA GLN A 82 -12.37 -0.71 -2.34
C GLN A 82 -10.89 -0.96 -2.40
N ALA A 83 -10.40 -1.95 -1.69
CA ALA A 83 -8.94 -2.14 -1.65
C ALA A 83 -8.38 -2.75 -2.89
N VAL A 84 -8.99 -3.78 -3.32
CA VAL A 84 -8.54 -4.45 -4.50
C VAL A 84 -8.67 -3.53 -5.69
N GLU A 85 -9.77 -2.80 -5.69
CA GLU A 85 -10.01 -1.85 -6.78
C GLU A 85 -8.93 -0.80 -6.83
N THR A 86 -8.45 -0.39 -5.66
CA THR A 86 -7.48 0.67 -5.61
C THR A 86 -6.13 0.23 -6.17
N LEU A 87 -5.71 -0.99 -5.86
CA LEU A 87 -4.44 -1.48 -6.36
C LEU A 87 -4.50 -1.57 -7.88
N ARG A 88 -5.66 -1.93 -8.39
CA ARG A 88 -5.90 -2.05 -9.82
C ARG A 88 -6.08 -0.70 -10.47
N ASN A 89 -6.65 0.25 -9.76
CA ASN A 89 -6.90 1.55 -10.34
C ASN A 89 -5.93 2.62 -9.90
N THR A 90 -5.12 2.30 -8.92
CA THR A 90 -4.13 3.23 -8.38
C THR A 90 -3.56 4.11 -9.49
N GLY A 91 -3.13 5.32 -9.15
CA GLY A 91 -2.58 6.20 -10.15
C GLY A 91 -3.44 7.42 -10.41
N GLN A 92 -4.71 7.22 -10.80
CA GLN A 92 -5.63 8.34 -11.06
C GLN A 92 -5.37 9.44 -10.05
N VAL A 93 -5.09 9.02 -8.83
CA VAL A 93 -4.78 9.82 -7.73
C VAL A 93 -4.88 8.95 -6.52
N VAL A 94 -3.74 8.59 -6.00
CA VAL A 94 -3.71 7.68 -4.92
C VAL A 94 -3.15 8.27 -3.65
N HIS A 95 -3.85 7.92 -2.63
CA HIS A 95 -3.50 8.26 -1.26
C HIS A 95 -3.61 7.04 -0.37
N LEU A 96 -2.49 6.59 0.20
CA LEU A 96 -2.50 5.42 0.99
C LEU A 96 -1.93 5.55 2.35
N LEU A 97 -2.60 4.90 3.27
CA LEU A 97 -2.12 4.80 4.62
C LEU A 97 -1.77 3.34 4.91
N LEU A 98 -0.48 3.10 5.12
CA LEU A 98 0.02 1.75 5.39
C LEU A 98 0.46 1.61 6.82
N GLU A 99 0.42 0.38 7.30
CA GLU A 99 0.86 0.08 8.66
C GLU A 99 1.86 -1.06 8.68
N LYS A 100 3.06 -0.74 9.11
CA LYS A 100 4.14 -1.69 9.19
C LYS A 100 3.89 -2.77 10.23
N GLY A 101 3.67 -3.99 9.76
CA GLY A 101 3.44 -5.08 10.66
C GLY A 101 3.99 -6.39 10.12
N GLN A 102 5.11 -6.27 9.42
CA GLN A 102 5.77 -7.41 8.82
C GLN A 102 6.75 -8.05 9.79
N SER A 103 7.35 -7.23 10.66
CA SER A 103 8.32 -7.71 11.63
C SER A 103 7.70 -8.78 12.54
N PRO A 104 6.55 -8.49 13.15
CA PRO A 104 5.87 -9.45 14.04
C PRO A 104 5.49 -10.73 13.35
N THR A 105 5.31 -11.75 14.16
CA THR A 105 4.99 -13.05 13.64
C THR A 105 3.56 -13.09 13.12
N SER A 106 2.64 -12.50 13.87
CA SER A 106 1.23 -12.47 13.49
C SER A 106 0.62 -13.87 13.51
N LYS A 107 1.27 -14.78 14.23
CA LYS A 107 0.79 -16.16 14.34
C LYS A 107 1.75 -17.00 15.17
N GLU A 108 3.04 -16.92 14.84
CA GLU A 108 4.06 -17.68 15.55
C GLU A 108 3.79 -19.17 15.46
N GLY A 1 -1.26 20.25 0.64
CA GLY A 1 -0.18 20.43 1.64
C GLY A 1 -0.23 19.39 2.74
N SER A 2 0.94 18.86 3.11
CA SER A 2 1.02 17.85 4.15
C SER A 2 2.47 17.47 4.43
N SER A 3 2.82 17.39 5.71
CA SER A 3 4.18 17.04 6.11
C SER A 3 4.55 15.65 5.59
N PRO A 4 5.82 15.47 5.18
CA PRO A 4 6.30 14.19 4.66
C PRO A 4 6.58 13.18 5.78
N PRO A 5 5.76 12.12 5.89
CA PRO A 5 5.94 11.09 6.92
C PRO A 5 7.12 10.18 6.62
N LYS A 6 7.36 9.22 7.51
CA LYS A 6 8.46 8.28 7.35
C LYS A 6 7.98 6.86 7.30
N PRO A 7 8.70 6.02 6.57
CA PRO A 7 8.34 4.63 6.42
C PRO A 7 8.89 3.74 7.53
N GLY A 8 8.14 2.69 7.86
CA GLY A 8 8.57 1.77 8.90
C GLY A 8 7.51 1.60 9.98
N ASP A 9 6.31 2.08 9.72
CA ASP A 9 5.22 1.99 10.65
C ASP A 9 3.98 2.50 9.98
N ILE A 10 3.62 3.71 10.29
CA ILE A 10 2.48 4.33 9.66
C ILE A 10 2.96 5.29 8.57
N PHE A 11 2.90 4.80 7.34
CA PHE A 11 3.30 5.56 6.17
C PHE A 11 2.10 5.74 5.25
N GLU A 12 2.09 6.79 4.43
CA GLU A 12 1.00 6.97 3.49
C GLU A 12 1.58 7.31 2.11
N VAL A 13 0.89 6.96 1.01
CA VAL A 13 1.44 7.25 -0.27
C VAL A 13 0.49 8.10 -1.07
N GLU A 14 0.85 9.35 -1.26
CA GLU A 14 0.02 10.24 -2.01
C GLU A 14 0.69 10.77 -3.28
N LEU A 15 -0.01 10.60 -4.37
CA LEU A 15 0.41 11.11 -5.69
C LEU A 15 -0.81 11.52 -6.48
N ALA A 16 -0.65 12.52 -7.33
CA ALA A 16 -1.73 12.99 -8.15
C ALA A 16 -1.44 12.59 -9.58
N LYS A 17 -2.33 11.81 -10.19
CA LYS A 17 -2.10 11.36 -11.56
C LYS A 17 -1.49 12.47 -12.39
N ASN A 18 -0.17 12.50 -12.42
CA ASN A 18 0.55 13.53 -13.15
C ASN A 18 1.73 12.96 -13.94
N ASP A 19 2.64 12.31 -13.23
CA ASP A 19 3.80 11.71 -13.85
C ASP A 19 3.84 10.25 -13.48
N ASN A 20 3.43 10.01 -12.25
CA ASN A 20 3.33 8.69 -11.71
C ASN A 20 2.48 8.77 -10.46
N SER A 21 1.83 7.68 -10.13
CA SER A 21 0.98 7.67 -8.97
C SER A 21 0.63 6.22 -8.65
N LEU A 22 1.60 5.37 -8.92
CA LEU A 22 1.49 3.94 -8.73
C LEU A 22 2.67 3.28 -9.43
N GLY A 23 2.71 1.96 -9.39
CA GLY A 23 3.74 1.22 -10.09
C GLY A 23 4.12 -0.02 -9.34
N ILE A 24 3.13 -0.64 -8.74
CA ILE A 24 3.38 -1.83 -7.95
C ILE A 24 2.64 -3.03 -8.46
N SER A 25 3.26 -4.19 -8.30
CA SER A 25 2.67 -5.42 -8.71
C SER A 25 2.04 -6.09 -7.48
N VAL A 26 0.73 -6.21 -7.49
CA VAL A 26 0.03 -6.77 -6.37
C VAL A 26 -0.33 -8.24 -6.61
N THR A 27 -0.53 -8.98 -5.52
CA THR A 27 -0.84 -10.40 -5.59
C THR A 27 0.46 -11.19 -5.77
N VAL A 28 1.57 -10.46 -5.81
CA VAL A 28 2.88 -11.04 -5.99
C VAL A 28 3.38 -11.66 -4.69
N LEU A 29 3.12 -11.00 -3.56
CA LEU A 29 3.53 -11.52 -2.29
C LEU A 29 2.30 -11.87 -1.49
N PHE A 30 1.18 -11.39 -1.99
CA PHE A 30 -0.09 -11.63 -1.39
C PHE A 30 -1.04 -12.25 -2.42
N ASP A 31 -2.33 -12.26 -2.10
CA ASP A 31 -3.33 -12.81 -3.01
C ASP A 31 -4.10 -11.68 -3.70
N LYS A 32 -3.90 -10.45 -3.22
CA LYS A 32 -4.57 -9.28 -3.77
C LYS A 32 -4.17 -8.01 -3.03
N GLY A 33 -2.90 -7.92 -2.63
CA GLY A 33 -2.43 -6.74 -1.90
C GLY A 33 -3.38 -6.40 -0.75
N GLY A 34 -4.23 -5.39 -0.96
CA GLY A 34 -5.18 -4.99 0.08
C GLY A 34 -6.08 -6.14 0.52
N VAL A 35 -6.62 -6.05 1.73
CA VAL A 35 -7.48 -7.09 2.31
C VAL A 35 -7.45 -6.91 3.80
N ASN A 36 -7.82 -7.92 4.54
CA ASN A 36 -7.73 -7.87 5.96
C ASN A 36 -7.37 -9.27 6.35
N THR A 37 -6.72 -9.91 5.36
CA THR A 37 -6.34 -11.29 5.43
C THR A 37 -6.52 -11.90 6.82
N SER A 38 -5.93 -11.27 7.84
CA SER A 38 -6.05 -11.78 9.20
C SER A 38 -5.52 -10.79 10.25
N VAL A 39 -6.17 -9.65 10.34
CA VAL A 39 -5.80 -8.62 11.29
C VAL A 39 -7.02 -7.76 11.65
N ARG A 40 -6.80 -6.52 12.09
CA ARG A 40 -7.91 -5.64 12.45
C ARG A 40 -7.78 -4.28 11.78
N HIS A 41 -7.16 -4.25 10.61
CA HIS A 41 -6.98 -3.00 9.86
C HIS A 41 -6.99 -3.23 8.37
N GLY A 42 -6.57 -4.41 7.98
CA GLY A 42 -6.47 -4.77 6.59
C GLY A 42 -5.19 -5.53 6.35
N GLY A 43 -4.25 -4.89 5.68
CA GLY A 43 -2.96 -5.53 5.49
C GLY A 43 -2.53 -5.84 4.06
N ILE A 44 -2.23 -4.81 3.27
CA ILE A 44 -1.74 -5.02 1.90
C ILE A 44 -0.34 -5.60 1.86
N TYR A 45 -0.20 -6.64 1.06
CA TYR A 45 1.10 -7.27 0.84
C TYR A 45 1.39 -7.26 -0.63
N VAL A 46 2.64 -7.06 -1.01
CA VAL A 46 2.95 -6.90 -2.41
C VAL A 46 4.44 -6.95 -2.76
N LYS A 47 4.77 -6.66 -4.03
CA LYS A 47 6.18 -6.58 -4.45
C LYS A 47 6.59 -5.14 -4.23
N ALA A 48 5.54 -4.34 -4.17
CA ALA A 48 5.59 -2.96 -3.91
C ALA A 48 5.88 -2.14 -5.16
N VAL A 49 6.66 -1.09 -5.02
CA VAL A 49 6.90 -0.19 -6.13
C VAL A 49 7.86 -0.63 -7.19
N ILE A 50 7.40 -0.33 -8.39
CA ILE A 50 8.10 -0.57 -9.64
C ILE A 50 9.59 -0.21 -9.49
N PRO A 51 10.44 -0.70 -10.40
CA PRO A 51 11.86 -0.42 -10.38
C PRO A 51 12.19 0.95 -10.94
N GLN A 52 11.32 1.39 -11.80
CA GLN A 52 11.47 2.68 -12.47
C GLN A 52 10.78 3.82 -11.73
N GLY A 53 10.46 3.59 -10.46
CA GLY A 53 9.83 4.64 -9.67
C GLY A 53 8.32 4.48 -9.56
N ALA A 54 7.60 5.15 -10.45
CA ALA A 54 6.14 5.09 -10.47
C ALA A 54 5.53 5.10 -9.06
N ALA A 55 4.96 3.98 -8.58
CA ALA A 55 4.37 3.95 -7.24
C ALA A 55 5.42 4.42 -6.25
N GLU A 56 6.63 4.04 -6.57
CA GLU A 56 7.80 4.40 -5.77
C GLU A 56 7.87 5.92 -5.64
N SER A 57 7.39 6.59 -6.69
CA SER A 57 7.29 8.04 -6.74
C SER A 57 6.07 8.40 -5.94
N ASP A 58 5.03 7.60 -6.12
CA ASP A 58 3.82 7.74 -5.34
C ASP A 58 4.23 7.54 -3.89
N GLY A 59 5.36 6.85 -3.73
CA GLY A 59 5.85 6.58 -2.40
C GLY A 59 5.02 5.52 -1.74
N ARG A 60 4.91 4.39 -2.42
CA ARG A 60 4.13 3.27 -1.92
C ARG A 60 5.04 2.08 -1.80
N ILE A 61 6.12 2.29 -1.06
CA ILE A 61 7.12 1.32 -0.88
C ILE A 61 6.90 0.41 0.30
N HIS A 62 7.24 -0.83 0.06
CA HIS A 62 7.19 -1.89 1.02
C HIS A 62 6.47 -3.09 0.44
N LYS A 63 7.22 -4.12 0.13
CA LYS A 63 6.67 -5.33 -0.44
C LYS A 63 6.15 -6.22 0.66
N GLY A 64 4.84 -6.36 0.77
CA GLY A 64 4.32 -7.19 1.84
C GLY A 64 4.33 -6.44 3.15
N ASP A 65 3.14 -6.10 3.60
CA ASP A 65 2.99 -5.34 4.85
C ASP A 65 1.52 -5.17 5.19
N ARG A 66 1.19 -4.33 6.20
CA ARG A 66 -0.21 -4.19 6.54
C ARG A 66 -0.75 -2.74 6.65
N VAL A 67 -1.56 -2.38 5.67
CA VAL A 67 -2.22 -1.13 5.54
C VAL A 67 -3.47 -0.98 6.34
N LEU A 68 -3.61 0.23 6.84
CA LEU A 68 -4.81 0.58 7.54
C LEU A 68 -5.85 1.02 6.51
N ALA A 69 -5.43 1.90 5.57
CA ALA A 69 -6.31 2.34 4.51
C ALA A 69 -5.57 2.28 3.19
N VAL A 70 -6.29 2.04 2.12
CA VAL A 70 -5.71 2.00 0.80
C VAL A 70 -6.42 3.01 -0.08
N ASN A 71 -5.69 3.65 -0.96
CA ASN A 71 -6.25 4.67 -1.84
C ASN A 71 -7.10 5.65 -1.04
N GLY A 72 -6.92 5.66 0.27
CA GLY A 72 -7.70 6.55 1.11
C GLY A 72 -8.83 5.83 1.80
N VAL A 73 -9.22 4.68 1.26
CA VAL A 73 -10.27 3.89 1.86
C VAL A 73 -9.65 2.99 2.89
N SER A 74 -10.33 2.76 3.99
CA SER A 74 -9.77 1.88 5.00
C SER A 74 -10.01 0.47 4.53
N LEU A 75 -8.94 -0.30 4.29
CA LEU A 75 -9.13 -1.63 3.83
C LEU A 75 -9.05 -2.51 5.02
N GLU A 76 -10.12 -2.53 5.76
CA GLU A 76 -10.17 -3.35 6.92
C GLU A 76 -10.82 -4.68 6.56
N GLY A 77 -10.53 -5.13 5.33
CA GLY A 77 -11.12 -6.34 4.84
C GLY A 77 -12.21 -6.03 3.85
N ALA A 78 -12.11 -4.84 3.27
CA ALA A 78 -13.08 -4.37 2.30
C ALA A 78 -12.68 -4.81 0.91
N THR A 79 -11.43 -4.53 0.51
CA THR A 79 -10.96 -4.90 -0.80
C THR A 79 -12.09 -5.08 -1.73
N HIS A 80 -12.44 -6.34 -1.96
CA HIS A 80 -13.51 -6.65 -2.87
C HIS A 80 -13.75 -5.43 -3.77
N LYS A 81 -14.47 -4.47 -3.25
CA LYS A 81 -14.69 -3.24 -4.00
C LYS A 81 -13.55 -2.20 -3.87
N GLN A 82 -13.34 -1.78 -2.61
CA GLN A 82 -12.40 -0.69 -2.28
C GLN A 82 -10.92 -0.96 -2.38
N ALA A 83 -10.44 -1.98 -1.70
CA ALA A 83 -9.00 -2.19 -1.68
C ALA A 83 -8.45 -2.79 -2.93
N VAL A 84 -9.09 -3.81 -3.36
CA VAL A 84 -8.66 -4.47 -4.57
C VAL A 84 -8.81 -3.51 -5.74
N GLU A 85 -9.90 -2.77 -5.71
CA GLU A 85 -10.14 -1.80 -6.78
C GLU A 85 -9.06 -0.77 -6.84
N THR A 86 -8.55 -0.39 -5.67
CA THR A 86 -7.55 0.65 -5.64
C THR A 86 -6.24 0.19 -6.25
N LEU A 87 -5.86 -1.06 -6.00
CA LEU A 87 -4.63 -1.59 -6.58
C LEU A 87 -4.71 -1.52 -8.08
N ARG A 88 -5.87 -1.89 -8.61
CA ARG A 88 -6.12 -1.87 -10.05
C ARG A 88 -6.36 -0.48 -10.58
N ASN A 89 -6.94 0.39 -9.77
CA ASN A 89 -7.23 1.72 -10.26
C ASN A 89 -6.22 2.77 -9.83
N THR A 90 -5.38 2.41 -8.90
CA THR A 90 -4.34 3.31 -8.39
C THR A 90 -3.76 4.17 -9.51
N GLY A 91 -3.22 5.32 -9.16
CA GLY A 91 -2.66 6.19 -10.18
C GLY A 91 -3.46 7.46 -10.39
N GLN A 92 -4.72 7.32 -10.83
CA GLN A 92 -5.59 8.47 -11.07
C GLN A 92 -5.30 9.55 -10.03
N VAL A 93 -5.11 9.09 -8.81
CA VAL A 93 -4.78 9.87 -7.70
C VAL A 93 -4.87 8.96 -6.51
N VAL A 94 -3.72 8.65 -5.97
CA VAL A 94 -3.68 7.70 -4.92
C VAL A 94 -3.16 8.27 -3.63
N HIS A 95 -3.86 7.88 -2.61
CA HIS A 95 -3.53 8.22 -1.24
C HIS A 95 -3.62 6.99 -0.35
N LEU A 96 -2.50 6.55 0.21
CA LEU A 96 -2.50 5.39 1.01
C LEU A 96 -1.90 5.51 2.36
N LEU A 97 -2.56 4.90 3.31
CA LEU A 97 -2.06 4.82 4.65
C LEU A 97 -1.74 3.36 4.96
N LEU A 98 -0.46 3.10 5.15
CA LEU A 98 0.04 1.75 5.45
C LEU A 98 0.52 1.61 6.88
N GLU A 99 0.45 0.38 7.37
CA GLU A 99 0.93 0.09 8.71
C GLU A 99 1.92 -1.07 8.73
N LYS A 100 3.15 -0.74 9.09
CA LYS A 100 4.23 -1.71 9.15
C LYS A 100 3.99 -2.75 10.24
N GLY A 101 3.75 -3.98 9.82
CA GLY A 101 3.53 -5.06 10.77
C GLY A 101 3.82 -6.41 10.18
N GLN A 102 4.84 -6.45 9.33
CA GLN A 102 5.24 -7.67 8.66
C GLN A 102 5.92 -8.63 9.64
N SER A 103 6.43 -9.74 9.10
CA SER A 103 7.11 -10.74 9.91
C SER A 103 8.07 -11.56 9.06
N PRO A 104 9.39 -11.50 9.34
CA PRO A 104 10.39 -12.25 8.59
C PRO A 104 10.23 -13.73 8.73
N THR A 105 10.98 -14.44 7.91
CA THR A 105 10.90 -15.88 7.88
C THR A 105 11.24 -16.48 9.25
N SER A 106 12.07 -15.77 10.01
CA SER A 106 12.47 -16.24 11.33
C SER A 106 13.24 -17.55 11.24
N LYS A 107 13.96 -17.73 10.14
CA LYS A 107 14.74 -18.94 9.93
C LYS A 107 16.02 -18.63 9.16
N GLU A 108 15.88 -17.95 8.02
CA GLU A 108 17.02 -17.60 7.19
C GLU A 108 17.76 -16.39 7.77
N GLY A 1 7.66 22.52 8.31
CA GLY A 1 7.18 21.17 8.69
C GLY A 1 7.84 20.64 9.94
N SER A 2 7.99 19.32 10.02
CA SER A 2 8.61 18.69 11.18
C SER A 2 9.40 17.45 10.77
N SER A 3 10.58 17.68 10.20
CA SER A 3 11.44 16.59 9.77
C SER A 3 10.76 15.75 8.69
N PRO A 4 11.55 15.11 7.81
CA PRO A 4 11.01 14.29 6.72
C PRO A 4 10.41 12.98 7.24
N PRO A 5 9.11 12.75 6.96
CA PRO A 5 8.43 11.52 7.41
C PRO A 5 8.95 10.29 6.70
N LYS A 6 9.49 9.35 7.48
CA LYS A 6 10.03 8.10 6.93
C LYS A 6 9.23 6.92 7.37
N PRO A 7 9.02 5.98 6.44
CA PRO A 7 8.23 4.80 6.70
C PRO A 7 8.71 4.03 7.93
N GLY A 8 8.19 2.81 8.09
CA GLY A 8 8.55 2.00 9.24
C GLY A 8 7.44 2.01 10.26
N ASP A 9 6.22 2.24 9.78
CA ASP A 9 5.04 2.31 10.61
C ASP A 9 3.89 2.75 9.75
N ILE A 10 3.04 3.57 10.30
CA ILE A 10 1.92 4.06 9.54
C ILE A 10 2.39 5.20 8.62
N PHE A 11 2.56 4.85 7.36
CA PHE A 11 2.99 5.78 6.33
C PHE A 11 1.93 5.89 5.24
N GLU A 12 1.76 7.06 4.64
CA GLU A 12 0.78 7.20 3.57
C GLU A 12 1.47 7.47 2.25
N VAL A 13 0.89 7.06 1.11
CA VAL A 13 1.54 7.31 -0.14
C VAL A 13 0.63 8.13 -1.03
N GLU A 14 1.01 9.37 -1.24
CA GLU A 14 0.20 10.26 -2.02
C GLU A 14 0.88 10.73 -3.31
N LEU A 15 0.17 10.60 -4.40
CA LEU A 15 0.59 11.08 -5.72
C LEU A 15 -0.62 11.56 -6.49
N ALA A 16 -0.44 12.56 -7.34
CA ALA A 16 -1.51 13.08 -8.14
C ALA A 16 -1.28 12.67 -9.57
N LYS A 17 -2.21 11.93 -10.15
CA LYS A 17 -2.03 11.46 -11.52
C LYS A 17 -1.41 12.55 -12.37
N ASN A 18 -0.10 12.54 -12.44
CA ASN A 18 0.64 13.55 -13.20
C ASN A 18 1.79 12.94 -13.99
N ASP A 19 2.69 12.26 -13.30
CA ASP A 19 3.83 11.62 -13.94
C ASP A 19 3.81 10.16 -13.58
N ASN A 20 3.40 9.93 -12.35
CA ASN A 20 3.25 8.61 -11.82
C ASN A 20 2.41 8.71 -10.56
N SER A 21 1.76 7.64 -10.21
CA SER A 21 0.92 7.66 -9.03
C SER A 21 0.54 6.22 -8.71
N LEU A 22 1.50 5.36 -8.96
CA LEU A 22 1.38 3.93 -8.79
C LEU A 22 2.56 3.27 -9.47
N GLY A 23 2.62 1.94 -9.40
CA GLY A 23 3.67 1.22 -10.10
C GLY A 23 4.07 -0.01 -9.36
N ILE A 24 3.09 -0.65 -8.77
CA ILE A 24 3.36 -1.84 -7.99
C ILE A 24 2.64 -3.07 -8.51
N SER A 25 3.25 -4.22 -8.29
CA SER A 25 2.68 -5.47 -8.69
C SER A 25 2.04 -6.12 -7.49
N VAL A 26 0.72 -6.25 -7.52
CA VAL A 26 0.00 -6.81 -6.40
C VAL A 26 -0.35 -8.27 -6.63
N THR A 27 -0.59 -8.99 -5.54
CA THR A 27 -0.89 -10.42 -5.59
C THR A 27 0.41 -11.21 -5.77
N VAL A 28 1.51 -10.48 -5.80
CA VAL A 28 2.83 -11.06 -5.98
C VAL A 28 3.32 -11.71 -4.69
N LEU A 29 3.10 -11.04 -3.55
CA LEU A 29 3.49 -11.59 -2.28
C LEU A 29 2.23 -11.94 -1.51
N PHE A 30 1.14 -11.41 -2.02
CA PHE A 30 -0.15 -11.63 -1.46
C PHE A 30 -1.09 -12.20 -2.52
N ASP A 31 -2.38 -12.19 -2.23
CA ASP A 31 -3.37 -12.68 -3.17
C ASP A 31 -4.06 -11.51 -3.89
N LYS A 32 -4.02 -10.35 -3.25
CA LYS A 32 -4.62 -9.15 -3.80
C LYS A 32 -4.18 -7.91 -3.03
N GLY A 33 -2.90 -7.87 -2.63
CA GLY A 33 -2.40 -6.72 -1.89
C GLY A 33 -3.33 -6.38 -0.72
N GLY A 34 -4.15 -5.33 -0.89
CA GLY A 34 -5.09 -4.94 0.15
C GLY A 34 -5.99 -6.08 0.57
N VAL A 35 -6.54 -6.01 1.79
CA VAL A 35 -7.38 -7.05 2.34
C VAL A 35 -7.31 -6.92 3.85
N ASN A 36 -7.70 -7.94 4.57
CA ASN A 36 -7.57 -7.93 5.98
C ASN A 36 -7.27 -9.35 6.32
N THR A 37 -6.66 -9.99 5.31
CA THR A 37 -6.34 -11.39 5.34
C THR A 37 -6.55 -12.04 6.72
N SER A 38 -5.91 -11.47 7.74
CA SER A 38 -6.04 -11.99 9.10
C SER A 38 -5.53 -11.00 10.16
N VAL A 39 -6.29 -9.94 10.37
CA VAL A 39 -5.94 -8.92 11.35
C VAL A 39 -7.17 -8.06 11.65
N ARG A 40 -6.96 -6.83 12.13
CA ARG A 40 -8.08 -5.95 12.47
C ARG A 40 -7.91 -4.57 11.84
N HIS A 41 -7.17 -4.50 10.75
CA HIS A 41 -6.93 -3.22 10.07
C HIS A 41 -6.91 -3.38 8.57
N GLY A 42 -6.62 -4.59 8.13
CA GLY A 42 -6.50 -4.86 6.72
C GLY A 42 -5.18 -5.50 6.43
N GLY A 43 -4.31 -4.77 5.75
CA GLY A 43 -2.97 -5.29 5.52
C GLY A 43 -2.62 -5.70 4.10
N ILE A 44 -2.18 -4.73 3.29
CA ILE A 44 -1.75 -4.99 1.91
C ILE A 44 -0.35 -5.60 1.86
N TYR A 45 -0.23 -6.65 1.09
CA TYR A 45 1.06 -7.30 0.88
C TYR A 45 1.36 -7.35 -0.61
N VAL A 46 2.58 -7.03 -0.98
CA VAL A 46 2.90 -6.89 -2.37
C VAL A 46 4.39 -6.98 -2.71
N LYS A 47 4.72 -6.69 -3.99
CA LYS A 47 6.13 -6.62 -4.42
C LYS A 47 6.53 -5.18 -4.23
N ALA A 48 5.48 -4.36 -4.15
CA ALA A 48 5.53 -2.99 -3.91
C ALA A 48 5.83 -2.18 -5.17
N VAL A 49 6.60 -1.12 -5.03
CA VAL A 49 6.84 -0.24 -6.14
C VAL A 49 7.84 -0.67 -7.17
N ILE A 50 7.41 -0.39 -8.39
CA ILE A 50 8.16 -0.64 -9.61
C ILE A 50 9.61 -0.22 -9.44
N PRO A 51 10.50 -0.70 -10.32
CA PRO A 51 11.93 -0.38 -10.26
C PRO A 51 12.26 0.99 -10.85
N GLN A 52 11.45 1.36 -11.79
CA GLN A 52 11.61 2.62 -12.51
C GLN A 52 10.82 3.76 -11.87
N GLY A 53 10.52 3.63 -10.58
CA GLY A 53 9.80 4.69 -9.89
C GLY A 53 8.30 4.44 -9.75
N ALA A 54 7.52 5.13 -10.58
CA ALA A 54 6.07 5.00 -10.57
C ALA A 54 5.50 5.06 -9.14
N ALA A 55 4.90 3.97 -8.64
CA ALA A 55 4.35 3.98 -7.28
C ALA A 55 5.45 4.38 -6.33
N GLU A 56 6.64 3.94 -6.68
CA GLU A 56 7.83 4.25 -5.91
C GLU A 56 7.93 5.77 -5.78
N SER A 57 7.42 6.44 -6.81
CA SER A 57 7.35 7.90 -6.87
C SER A 57 6.16 8.27 -6.03
N ASP A 58 5.08 7.49 -6.17
CA ASP A 58 3.91 7.67 -5.34
C ASP A 58 4.38 7.47 -3.91
N GLY A 59 5.49 6.76 -3.79
CA GLY A 59 6.04 6.48 -2.47
C GLY A 59 5.19 5.46 -1.77
N ARG A 60 4.97 4.35 -2.45
CA ARG A 60 4.17 3.26 -1.91
C ARG A 60 5.07 2.06 -1.79
N ILE A 61 6.15 2.24 -1.06
CA ILE A 61 7.13 1.27 -0.88
C ILE A 61 6.91 0.37 0.30
N HIS A 62 7.25 -0.88 0.06
CA HIS A 62 7.20 -1.95 1.02
C HIS A 62 6.46 -3.14 0.44
N LYS A 63 7.22 -4.17 0.12
CA LYS A 63 6.66 -5.39 -0.45
C LYS A 63 6.13 -6.27 0.67
N GLY A 64 4.82 -6.41 0.76
CA GLY A 64 4.30 -7.23 1.83
C GLY A 64 4.31 -6.49 3.13
N ASP A 65 3.14 -6.02 3.54
CA ASP A 65 3.00 -5.24 4.76
C ASP A 65 1.53 -5.11 5.15
N ARG A 66 1.20 -4.28 6.14
CA ARG A 66 -0.20 -4.16 6.50
C ARG A 66 -0.75 -2.72 6.59
N VAL A 67 -1.56 -2.37 5.60
CA VAL A 67 -2.23 -1.13 5.48
C VAL A 67 -3.45 -0.94 6.31
N LEU A 68 -3.58 0.27 6.79
CA LEU A 68 -4.74 0.67 7.51
C LEU A 68 -5.80 1.09 6.49
N ALA A 69 -5.39 1.94 5.54
CA ALA A 69 -6.29 2.38 4.47
C ALA A 69 -5.56 2.29 3.14
N VAL A 70 -6.29 2.09 2.07
CA VAL A 70 -5.70 2.03 0.75
C VAL A 70 -6.37 3.08 -0.13
N ASN A 71 -5.57 3.68 -1.00
CA ASN A 71 -6.05 4.74 -1.89
C ASN A 71 -6.97 5.70 -1.15
N GLY A 72 -6.89 5.71 0.17
CA GLY A 72 -7.73 6.60 0.94
C GLY A 72 -8.88 5.86 1.62
N VAL A 73 -9.27 4.71 1.08
CA VAL A 73 -10.33 3.94 1.68
C VAL A 73 -9.71 3.03 2.73
N SER A 74 -10.38 2.84 3.84
CA SER A 74 -9.82 1.99 4.87
C SER A 74 -10.06 0.55 4.45
N LEU A 75 -8.99 -0.21 4.24
CA LEU A 75 -9.15 -1.55 3.84
C LEU A 75 -9.01 -2.40 5.06
N GLU A 76 -10.05 -2.44 5.82
CA GLU A 76 -10.05 -3.21 7.02
C GLU A 76 -10.59 -4.60 6.73
N GLY A 77 -10.43 -5.03 5.48
CA GLY A 77 -10.94 -6.30 5.06
C GLY A 77 -12.06 -6.13 4.08
N ALA A 78 -12.03 -5.01 3.37
CA ALA A 78 -13.04 -4.71 2.38
C ALA A 78 -12.59 -5.16 1.02
N THR A 79 -11.50 -4.60 0.54
CA THR A 79 -10.99 -4.95 -0.76
C THR A 79 -12.05 -5.14 -1.77
N HIS A 80 -12.38 -6.40 -2.01
CA HIS A 80 -13.31 -6.74 -3.07
C HIS A 80 -13.55 -5.52 -3.96
N LYS A 81 -14.35 -4.59 -3.46
CA LYS A 81 -14.59 -3.38 -4.20
C LYS A 81 -13.50 -2.31 -4.00
N GLN A 82 -13.35 -1.86 -2.74
CA GLN A 82 -12.45 -0.75 -2.41
C GLN A 82 -10.97 -1.00 -2.46
N ALA A 83 -10.50 -1.99 -1.73
CA ALA A 83 -9.05 -2.15 -1.70
C ALA A 83 -8.46 -2.78 -2.91
N VAL A 84 -9.02 -3.87 -3.29
CA VAL A 84 -8.53 -4.56 -4.46
C VAL A 84 -8.73 -3.71 -5.69
N GLU A 85 -9.91 -3.14 -5.79
CA GLU A 85 -10.20 -2.29 -6.93
C GLU A 85 -9.34 -1.07 -6.93
N THR A 86 -8.99 -0.59 -5.75
CA THR A 86 -8.24 0.63 -5.68
C THR A 86 -6.76 0.42 -5.97
N LEU A 87 -6.21 -0.68 -5.50
CA LEU A 87 -4.81 -0.98 -5.74
C LEU A 87 -4.58 -1.15 -7.23
N ARG A 88 -5.57 -1.75 -7.89
CA ARG A 88 -5.52 -1.98 -9.33
C ARG A 88 -5.82 -0.72 -10.10
N ASN A 89 -6.63 0.15 -9.55
CA ASN A 89 -6.99 1.34 -10.27
C ASN A 89 -6.20 2.57 -9.83
N THR A 90 -5.37 2.39 -8.83
CA THR A 90 -4.53 3.47 -8.30
C THR A 90 -3.97 4.33 -9.44
N GLY A 91 -3.43 5.48 -9.10
CA GLY A 91 -2.87 6.34 -10.12
C GLY A 91 -3.61 7.66 -10.28
N GLN A 92 -4.87 7.60 -10.74
CA GLN A 92 -5.68 8.82 -10.93
C GLN A 92 -5.29 9.87 -9.91
N VAL A 93 -5.12 9.39 -8.68
CA VAL A 93 -4.72 10.14 -7.58
C VAL A 93 -4.81 9.23 -6.40
N VAL A 94 -3.67 8.86 -5.88
CA VAL A 94 -3.63 7.90 -4.85
C VAL A 94 -3.07 8.41 -3.56
N HIS A 95 -3.76 8.02 -2.55
CA HIS A 95 -3.38 8.31 -1.17
C HIS A 95 -3.51 7.05 -0.32
N LEU A 96 -2.40 6.55 0.20
CA LEU A 96 -2.42 5.36 0.96
C LEU A 96 -1.81 5.44 2.31
N LEU A 97 -2.55 4.91 3.27
CA LEU A 97 -2.04 4.81 4.60
C LEU A 97 -1.71 3.35 4.90
N LEU A 98 -0.43 3.08 5.07
CA LEU A 98 0.05 1.73 5.34
C LEU A 98 0.56 1.57 6.75
N GLU A 99 0.36 0.40 7.31
CA GLU A 99 0.85 0.11 8.64
C GLU A 99 1.97 -0.91 8.57
N LYS A 100 3.16 -0.43 8.86
CA LYS A 100 4.36 -1.23 8.80
C LYS A 100 4.38 -2.31 9.86
N GLY A 101 4.40 -3.56 9.39
CA GLY A 101 4.43 -4.69 10.28
C GLY A 101 4.95 -5.92 9.57
N GLN A 102 5.88 -5.67 8.66
CA GLN A 102 6.50 -6.72 7.87
C GLN A 102 7.00 -7.86 8.74
N SER A 103 6.16 -8.87 8.93
CA SER A 103 6.51 -10.03 9.75
C SER A 103 5.39 -11.07 9.74
N PRO A 104 5.12 -11.66 8.57
CA PRO A 104 4.07 -12.68 8.43
C PRO A 104 4.24 -13.83 9.37
N THR A 105 3.23 -14.67 9.41
CA THR A 105 3.25 -15.80 10.31
C THR A 105 4.23 -16.88 9.85
N SER A 106 5.50 -16.51 9.77
CA SER A 106 6.55 -17.44 9.34
C SER A 106 6.12 -18.26 8.13
N LYS A 107 5.27 -17.68 7.29
CA LYS A 107 4.78 -18.37 6.10
C LYS A 107 3.85 -17.46 5.29
N GLU A 108 4.33 -16.26 4.98
CA GLU A 108 3.54 -15.30 4.21
C GLU A 108 4.35 -14.04 3.92
N GLY A 1 -2.68 12.44 7.56
CA GLY A 1 -2.09 12.83 8.87
C GLY A 1 -0.72 12.24 9.09
N SER A 2 -0.56 11.52 10.20
CA SER A 2 0.71 10.89 10.53
C SER A 2 1.80 11.94 10.72
N SER A 3 2.35 12.00 11.93
CA SER A 3 3.39 12.97 12.25
C SER A 3 4.66 12.68 11.44
N PRO A 4 5.26 11.49 11.61
CA PRO A 4 6.47 11.10 10.89
C PRO A 4 6.19 10.76 9.42
N PRO A 5 6.67 11.60 8.48
CA PRO A 5 6.46 11.37 7.06
C PRO A 5 7.45 10.37 6.47
N LYS A 6 7.54 9.19 7.07
CA LYS A 6 8.45 8.15 6.60
C LYS A 6 7.95 6.77 6.96
N PRO A 7 8.38 5.77 6.18
CA PRO A 7 7.94 4.41 6.39
C PRO A 7 8.53 3.78 7.64
N GLY A 8 7.90 2.72 8.12
CA GLY A 8 8.37 2.03 9.31
C GLY A 8 7.27 1.75 10.31
N ASP A 9 6.03 2.07 9.94
CA ASP A 9 4.89 1.88 10.78
C ASP A 9 3.68 2.34 10.03
N ILE A 10 3.23 3.52 10.35
CA ILE A 10 2.10 4.10 9.67
C ILE A 10 2.60 5.12 8.64
N PHE A 11 2.64 4.68 7.39
CA PHE A 11 3.07 5.51 6.28
C PHE A 11 1.95 5.66 5.27
N GLU A 12 1.77 6.84 4.70
CA GLU A 12 0.75 7.03 3.70
C GLU A 12 1.38 7.41 2.36
N VAL A 13 0.77 7.06 1.22
CA VAL A 13 1.39 7.40 -0.03
C VAL A 13 0.44 8.17 -0.90
N GLU A 14 0.74 9.44 -1.08
CA GLU A 14 -0.08 10.29 -1.88
C GLU A 14 0.61 10.83 -3.12
N LEU A 15 -0.03 10.64 -4.25
CA LEU A 15 0.41 11.16 -5.53
C LEU A 15 -0.79 11.56 -6.37
N ALA A 16 -0.63 12.58 -7.18
CA ALA A 16 -1.69 13.04 -8.03
C ALA A 16 -1.36 12.66 -9.46
N LYS A 17 -2.22 11.88 -10.10
CA LYS A 17 -1.94 11.44 -11.46
C LYS A 17 -1.32 12.58 -12.26
N ASN A 18 -0.01 12.63 -12.24
CA ASN A 18 0.73 13.69 -12.94
C ASN A 18 1.91 13.14 -13.70
N ASP A 19 2.80 12.47 -12.99
CA ASP A 19 3.99 11.88 -13.60
C ASP A 19 3.99 10.39 -13.31
N ASN A 20 3.54 10.11 -12.11
CA ASN A 20 3.39 8.77 -11.62
C ASN A 20 2.56 8.82 -10.36
N SER A 21 1.89 7.74 -10.06
CA SER A 21 1.06 7.73 -8.87
C SER A 21 0.68 6.29 -8.58
N LEU A 22 1.63 5.42 -8.88
CA LEU A 22 1.48 3.99 -8.73
C LEU A 22 2.62 3.31 -9.46
N GLY A 23 2.65 1.99 -9.42
CA GLY A 23 3.65 1.24 -10.16
C GLY A 23 4.03 -0.01 -9.42
N ILE A 24 3.04 -0.61 -8.79
CA ILE A 24 3.29 -1.81 -8.02
C ILE A 24 2.54 -3.00 -8.55
N SER A 25 3.15 -4.17 -8.38
CA SER A 25 2.54 -5.40 -8.80
C SER A 25 1.91 -6.05 -7.58
N VAL A 26 0.60 -6.15 -7.59
CA VAL A 26 -0.13 -6.70 -6.48
C VAL A 26 -0.51 -8.15 -6.73
N THR A 27 -0.74 -8.88 -5.64
CA THR A 27 -1.08 -10.30 -5.70
C THR A 27 0.20 -11.11 -5.93
N VAL A 28 1.32 -10.40 -5.99
CA VAL A 28 2.62 -11.02 -6.19
C VAL A 28 3.09 -11.74 -4.94
N LEU A 29 2.87 -11.11 -3.78
CA LEU A 29 3.25 -11.71 -2.53
C LEU A 29 2.00 -12.05 -1.77
N PHE A 30 0.91 -11.50 -2.27
CA PHE A 30 -0.39 -11.70 -1.70
C PHE A 30 -1.39 -12.12 -2.76
N ASP A 31 -2.67 -12.20 -2.38
CA ASP A 31 -3.71 -12.59 -3.31
C ASP A 31 -4.30 -11.36 -4.02
N LYS A 32 -4.12 -10.19 -3.42
CA LYS A 32 -4.61 -8.95 -3.99
C LYS A 32 -4.17 -7.75 -3.19
N GLY A 33 -2.93 -7.78 -2.68
CA GLY A 33 -2.44 -6.67 -1.89
C GLY A 33 -3.32 -6.44 -0.66
N GLY A 34 -4.16 -5.41 -0.72
CA GLY A 34 -5.06 -5.08 0.38
C GLY A 34 -5.88 -6.28 0.81
N VAL A 35 -6.54 -6.16 1.98
CA VAL A 35 -7.35 -7.24 2.54
C VAL A 35 -7.47 -6.98 4.03
N ASN A 36 -7.58 -8.02 4.82
CA ASN A 36 -7.60 -7.89 6.24
C ASN A 36 -6.86 -9.09 6.72
N THR A 37 -6.01 -9.57 5.80
CA THR A 37 -5.23 -10.77 5.97
C THR A 37 -5.39 -11.42 7.35
N SER A 38 -5.17 -10.64 8.41
CA SER A 38 -5.29 -11.13 9.78
C SER A 38 -4.96 -10.03 10.77
N VAL A 39 -5.74 -8.97 10.74
CA VAL A 39 -5.56 -7.84 11.61
C VAL A 39 -6.85 -7.03 11.68
N ARG A 40 -6.84 -5.91 12.39
CA ARG A 40 -8.03 -5.10 12.54
C ARG A 40 -7.91 -3.78 11.77
N HIS A 41 -7.16 -3.81 10.67
CA HIS A 41 -6.97 -2.61 9.86
C HIS A 41 -7.00 -2.94 8.37
N GLY A 42 -6.58 -4.16 8.06
CA GLY A 42 -6.51 -4.59 6.69
C GLY A 42 -5.24 -5.35 6.43
N GLY A 43 -4.33 -4.72 5.71
CA GLY A 43 -3.04 -5.34 5.47
C GLY A 43 -2.72 -5.73 4.01
N ILE A 44 -2.20 -4.77 3.25
CA ILE A 44 -1.81 -5.05 1.86
C ILE A 44 -0.43 -5.66 1.78
N TYR A 45 -0.32 -6.72 1.01
CA TYR A 45 0.96 -7.37 0.77
C TYR A 45 1.25 -7.40 -0.71
N VAL A 46 2.48 -7.07 -1.08
CA VAL A 46 2.80 -6.93 -2.47
C VAL A 46 4.29 -7.05 -2.81
N LYS A 47 4.62 -6.74 -4.09
CA LYS A 47 6.03 -6.71 -4.52
C LYS A 47 6.46 -5.27 -4.33
N ALA A 48 5.43 -4.44 -4.27
CA ALA A 48 5.49 -3.07 -4.03
C ALA A 48 5.79 -2.26 -5.28
N VAL A 49 6.61 -1.22 -5.15
CA VAL A 49 6.85 -0.32 -6.24
C VAL A 49 7.79 -0.77 -7.34
N ILE A 50 7.32 -0.43 -8.53
CA ILE A 50 7.99 -0.67 -9.78
C ILE A 50 9.48 -0.35 -9.66
N PRO A 51 10.30 -0.83 -10.60
CA PRO A 51 11.73 -0.57 -10.58
C PRO A 51 12.08 0.80 -11.10
N GLN A 52 11.21 1.30 -11.93
CA GLN A 52 11.39 2.60 -12.55
C GLN A 52 10.71 3.72 -11.76
N GLY A 53 10.40 3.47 -10.50
CA GLY A 53 9.79 4.48 -9.67
C GLY A 53 8.29 4.37 -9.58
N ALA A 54 7.59 5.09 -10.46
CA ALA A 54 6.13 5.06 -10.50
C ALA A 54 5.49 5.07 -9.09
N ALA A 55 4.93 3.94 -8.62
CA ALA A 55 4.34 3.91 -7.28
C ALA A 55 5.37 4.38 -6.29
N GLU A 56 6.58 4.01 -6.59
CA GLU A 56 7.75 4.36 -5.79
C GLU A 56 7.81 5.88 -5.66
N SER A 57 7.33 6.56 -6.70
CA SER A 57 7.23 8.00 -6.74
C SER A 57 6.02 8.36 -5.92
N ASP A 58 4.96 7.55 -6.10
CA ASP A 58 3.77 7.68 -5.30
C ASP A 58 4.20 7.47 -3.87
N GLY A 59 5.34 6.77 -3.73
CA GLY A 59 5.85 6.48 -2.41
C GLY A 59 5.03 5.44 -1.74
N ARG A 60 4.82 4.34 -2.46
CA ARG A 60 4.03 3.22 -1.96
C ARG A 60 4.94 2.02 -1.88
N ILE A 61 6.03 2.20 -1.15
CA ILE A 61 7.00 1.22 -1.01
C ILE A 61 6.80 0.31 0.17
N HIS A 62 7.12 -0.94 -0.09
CA HIS A 62 7.08 -2.01 0.89
C HIS A 62 6.33 -3.20 0.33
N LYS A 63 7.09 -4.24 0.01
CA LYS A 63 6.54 -5.46 -0.54
C LYS A 63 6.03 -6.33 0.57
N GLY A 64 4.72 -6.48 0.68
CA GLY A 64 4.19 -7.30 1.74
C GLY A 64 4.22 -6.57 3.05
N ASP A 65 3.06 -6.11 3.47
CA ASP A 65 2.93 -5.36 4.72
C ASP A 65 1.46 -5.20 5.09
N ARG A 66 1.14 -4.36 6.09
CA ARG A 66 -0.27 -4.23 6.43
C ARG A 66 -0.83 -2.80 6.55
N VAL A 67 -1.63 -2.43 5.56
CA VAL A 67 -2.32 -1.20 5.45
C VAL A 67 -3.57 -1.07 6.24
N LEU A 68 -3.74 0.12 6.75
CA LEU A 68 -4.95 0.46 7.45
C LEU A 68 -5.98 0.92 6.41
N ALA A 69 -5.56 1.83 5.51
CA ALA A 69 -6.43 2.30 4.46
C ALA A 69 -5.69 2.29 3.15
N VAL A 70 -6.39 2.03 2.07
CA VAL A 70 -5.78 2.03 0.75
C VAL A 70 -6.51 3.02 -0.13
N ASN A 71 -5.77 3.70 -0.98
CA ASN A 71 -6.34 4.72 -1.86
C ASN A 71 -7.21 5.67 -1.06
N GLY A 72 -7.05 5.66 0.26
CA GLY A 72 -7.85 6.52 1.09
C GLY A 72 -8.99 5.76 1.77
N VAL A 73 -9.36 4.62 1.21
CA VAL A 73 -10.42 3.81 1.80
C VAL A 73 -9.78 2.91 2.84
N SER A 74 -10.45 2.68 3.94
CA SER A 74 -9.90 1.82 4.95
C SER A 74 -10.13 0.40 4.50
N LEU A 75 -9.06 -0.33 4.21
CA LEU A 75 -9.22 -1.67 3.76
C LEU A 75 -9.08 -2.56 4.95
N GLU A 76 -10.13 -2.61 5.72
CA GLU A 76 -10.10 -3.44 6.88
C GLU A 76 -10.66 -4.81 6.52
N GLY A 77 -10.37 -5.23 5.29
CA GLY A 77 -10.88 -6.48 4.79
C GLY A 77 -11.91 -6.23 3.72
N ALA A 78 -11.98 -4.98 3.27
CA ALA A 78 -12.92 -4.58 2.24
C ALA A 78 -12.43 -5.02 0.88
N THR A 79 -11.21 -4.62 0.51
CA THR A 79 -10.67 -4.98 -0.78
C THR A 79 -11.74 -5.27 -1.74
N HIS A 80 -11.99 -6.56 -1.94
CA HIS A 80 -13.01 -6.97 -2.89
C HIS A 80 -13.29 -5.80 -3.82
N LYS A 81 -14.10 -4.86 -3.37
CA LYS A 81 -14.37 -3.68 -4.16
C LYS A 81 -13.30 -2.57 -4.03
N GLN A 82 -13.17 -2.08 -2.79
CA GLN A 82 -12.30 -0.91 -2.47
C GLN A 82 -10.82 -1.10 -2.50
N ALA A 83 -10.30 -2.05 -1.77
CA ALA A 83 -8.84 -2.17 -1.70
C ALA A 83 -8.22 -2.78 -2.91
N VAL A 84 -8.77 -3.85 -3.33
CA VAL A 84 -8.26 -4.52 -4.49
C VAL A 84 -8.41 -3.61 -5.69
N GLU A 85 -9.54 -2.94 -5.74
CA GLU A 85 -9.81 -2.03 -6.84
C GLU A 85 -8.80 -0.90 -6.89
N THR A 86 -8.39 -0.44 -5.73
CA THR A 86 -7.48 0.69 -5.69
C THR A 86 -6.12 0.33 -6.25
N LEU A 87 -5.66 -0.87 -5.93
CA LEU A 87 -4.38 -1.33 -6.43
C LEU A 87 -4.41 -1.40 -7.94
N ARG A 88 -5.57 -1.82 -8.45
CA ARG A 88 -5.79 -1.94 -9.88
C ARG A 88 -6.04 -0.59 -10.52
N ASN A 89 -6.63 0.33 -9.78
CA ASN A 89 -6.93 1.62 -10.35
C ASN A 89 -5.99 2.72 -9.90
N THR A 90 -5.14 2.40 -8.95
CA THR A 90 -4.16 3.35 -8.41
C THR A 90 -3.59 4.22 -9.53
N GLY A 91 -3.08 5.38 -9.16
CA GLY A 91 -2.51 6.28 -10.15
C GLY A 91 -3.33 7.53 -10.37
N GLN A 92 -4.57 7.38 -10.86
CA GLN A 92 -5.46 8.53 -11.09
C GLN A 92 -5.18 9.61 -10.03
N VAL A 93 -5.03 9.13 -8.81
CA VAL A 93 -4.73 9.90 -7.69
C VAL A 93 -4.82 8.98 -6.51
N VAL A 94 -3.68 8.67 -5.95
CA VAL A 94 -3.64 7.72 -4.90
C VAL A 94 -3.17 8.28 -3.59
N HIS A 95 -3.88 7.87 -2.60
CA HIS A 95 -3.60 8.19 -1.22
C HIS A 95 -3.68 6.95 -0.35
N LEU A 96 -2.57 6.55 0.26
CA LEU A 96 -2.57 5.37 1.04
C LEU A 96 -2.00 5.47 2.40
N LEU A 97 -2.70 4.83 3.32
CA LEU A 97 -2.23 4.73 4.67
C LEU A 97 -1.87 3.27 4.96
N LEU A 98 -0.58 3.05 5.18
CA LEU A 98 -0.06 1.70 5.44
C LEU A 98 0.37 1.52 6.88
N GLU A 99 0.33 0.28 7.33
CA GLU A 99 0.76 -0.05 8.68
C GLU A 99 1.77 -1.19 8.66
N LYS A 100 2.96 -0.90 9.16
CA LYS A 100 4.04 -1.86 9.20
C LYS A 100 3.74 -3.04 10.12
N GLY A 101 3.91 -4.23 9.57
CA GLY A 101 3.70 -5.44 10.33
C GLY A 101 4.09 -6.65 9.52
N GLN A 102 5.14 -6.48 8.74
CA GLN A 102 5.66 -7.53 7.88
C GLN A 102 5.97 -8.81 8.67
N SER A 103 7.15 -8.84 9.28
CA SER A 103 7.57 -10.00 10.07
C SER A 103 7.00 -9.95 11.48
N PRO A 104 7.40 -8.95 12.29
CA PRO A 104 6.94 -8.82 13.67
C PRO A 104 5.46 -8.56 13.76
N THR A 105 4.96 -8.70 14.97
CA THR A 105 3.56 -8.53 15.22
C THR A 105 3.11 -7.11 14.89
N SER A 106 1.88 -6.78 15.30
CA SER A 106 1.34 -5.44 15.05
C SER A 106 1.36 -4.60 16.32
N LYS A 107 2.35 -4.86 17.18
CA LYS A 107 2.48 -4.13 18.43
C LYS A 107 3.94 -3.77 18.69
N GLU A 108 4.79 -4.79 18.77
CA GLU A 108 6.21 -4.59 19.02
C GLU A 108 6.85 -3.80 17.89
N GLY A 1 8.86 21.64 2.00
CA GLY A 1 9.83 20.62 1.54
C GLY A 1 10.48 19.86 2.69
N SER A 2 10.41 18.53 2.63
CA SER A 2 10.98 17.70 3.67
C SER A 2 10.32 17.96 5.02
N SER A 3 9.63 16.94 5.54
CA SER A 3 8.95 17.06 6.82
C SER A 3 8.35 15.73 7.24
N PRO A 4 7.48 15.12 6.40
CA PRO A 4 6.84 13.83 6.70
C PRO A 4 7.86 12.78 7.13
N PRO A 5 7.45 11.85 8.02
CA PRO A 5 8.32 10.79 8.51
C PRO A 5 8.53 9.69 7.48
N LYS A 6 9.66 9.00 7.57
CA LYS A 6 9.99 7.92 6.64
C LYS A 6 9.24 6.66 7.01
N PRO A 7 9.19 5.72 6.05
CA PRO A 7 8.47 4.48 6.24
C PRO A 7 9.02 3.67 7.42
N GLY A 8 8.41 2.51 7.66
CA GLY A 8 8.83 1.66 8.76
C GLY A 8 7.82 1.71 9.89
N ASP A 9 6.58 2.01 9.53
CA ASP A 9 5.48 2.12 10.46
C ASP A 9 4.28 2.61 9.69
N ILE A 10 3.56 3.52 10.26
CA ILE A 10 2.41 4.07 9.59
C ILE A 10 2.86 5.11 8.57
N PHE A 11 2.90 4.68 7.32
CA PHE A 11 3.30 5.53 6.21
C PHE A 11 2.15 5.67 5.21
N GLU A 12 1.96 6.85 4.63
CA GLU A 12 0.91 7.04 3.65
C GLU A 12 1.52 7.40 2.29
N VAL A 13 0.88 7.06 1.17
CA VAL A 13 1.46 7.38 -0.10
C VAL A 13 0.49 8.16 -0.96
N GLU A 14 0.79 9.42 -1.14
CA GLU A 14 -0.06 10.25 -1.92
C GLU A 14 0.60 10.79 -3.20
N LEU A 15 -0.06 10.59 -4.31
CA LEU A 15 0.35 11.10 -5.61
C LEU A 15 -0.87 11.48 -6.42
N ALA A 16 -0.73 12.50 -7.26
CA ALA A 16 -1.81 12.94 -8.09
C ALA A 16 -1.49 12.57 -9.51
N LYS A 17 -2.36 11.79 -10.16
CA LYS A 17 -2.09 11.37 -11.53
C LYS A 17 -1.47 12.51 -12.33
N ASN A 18 -0.15 12.54 -12.31
CA ASN A 18 0.58 13.61 -13.01
C ASN A 18 1.76 13.05 -13.80
N ASP A 19 2.66 12.38 -13.10
CA ASP A 19 3.84 11.79 -13.73
C ASP A 19 3.85 10.32 -13.42
N ASN A 20 3.42 10.05 -12.21
CA ASN A 20 3.30 8.71 -11.71
C ASN A 20 2.48 8.76 -10.44
N SER A 21 1.82 7.68 -10.11
CA SER A 21 1.00 7.67 -8.92
C SER A 21 0.63 6.23 -8.61
N LEU A 22 1.59 5.36 -8.92
CA LEU A 22 1.44 3.94 -8.76
C LEU A 22 2.59 3.26 -9.48
N GLY A 23 2.63 1.94 -9.42
CA GLY A 23 3.64 1.19 -10.14
C GLY A 23 4.03 -0.03 -9.38
N ILE A 24 3.05 -0.66 -8.77
CA ILE A 24 3.31 -1.83 -7.97
C ILE A 24 2.58 -3.05 -8.48
N SER A 25 3.20 -4.20 -8.28
CA SER A 25 2.62 -5.45 -8.67
C SER A 25 1.99 -6.09 -7.45
N VAL A 26 0.68 -6.23 -7.47
CA VAL A 26 -0.03 -6.78 -6.34
C VAL A 26 -0.39 -8.25 -6.56
N THR A 27 -0.60 -8.97 -5.46
CA THR A 27 -0.91 -10.40 -5.51
C THR A 27 0.39 -11.19 -5.68
N VAL A 28 1.49 -10.46 -5.76
CA VAL A 28 2.81 -11.04 -5.93
C VAL A 28 3.30 -11.66 -4.62
N LEU A 29 3.04 -10.98 -3.51
CA LEU A 29 3.44 -11.49 -2.21
C LEU A 29 2.21 -11.82 -1.41
N PHE A 30 1.10 -11.35 -1.93
CA PHE A 30 -0.18 -11.56 -1.33
C PHE A 30 -1.14 -12.15 -2.36
N ASP A 31 -2.43 -12.10 -2.06
CA ASP A 31 -3.46 -12.62 -2.97
C ASP A 31 -4.12 -11.45 -3.71
N LYS A 32 -3.95 -10.24 -3.19
CA LYS A 32 -4.52 -9.05 -3.80
C LYS A 32 -4.11 -7.80 -3.03
N GLY A 33 -2.87 -7.79 -2.53
CA GLY A 33 -2.41 -6.64 -1.77
C GLY A 33 -3.37 -6.34 -0.63
N GLY A 34 -4.22 -5.32 -0.82
CA GLY A 34 -5.21 -4.95 0.19
C GLY A 34 -6.04 -6.13 0.63
N VAL A 35 -6.60 -6.06 1.85
CA VAL A 35 -7.39 -7.14 2.42
C VAL A 35 -7.28 -7.01 3.92
N ASN A 36 -7.71 -7.99 4.65
CA ASN A 36 -7.55 -7.98 6.08
C ASN A 36 -7.20 -9.39 6.41
N THR A 37 -6.62 -10.02 5.38
CA THR A 37 -6.26 -11.41 5.36
C THR A 37 -6.43 -12.12 6.72
N SER A 38 -5.86 -11.55 7.78
CA SER A 38 -5.96 -12.18 9.10
C SER A 38 -5.83 -11.17 10.24
N VAL A 39 -6.36 -9.97 10.04
CA VAL A 39 -6.30 -8.94 11.05
C VAL A 39 -7.62 -8.14 11.06
N ARG A 40 -7.58 -6.91 11.54
CA ARG A 40 -8.79 -6.10 11.60
C ARG A 40 -8.61 -4.74 10.92
N HIS A 41 -7.36 -4.39 10.62
CA HIS A 41 -7.07 -3.12 9.95
C HIS A 41 -6.96 -3.31 8.46
N GLY A 42 -6.64 -4.52 8.08
CA GLY A 42 -6.46 -4.84 6.69
C GLY A 42 -5.11 -5.48 6.46
N GLY A 43 -4.23 -4.74 5.83
CA GLY A 43 -2.88 -5.25 5.65
C GLY A 43 -2.48 -5.68 4.24
N ILE A 44 -2.19 -4.72 3.37
CA ILE A 44 -1.75 -5.01 1.99
C ILE A 44 -0.35 -5.59 1.95
N TYR A 45 -0.19 -6.61 1.15
CA TYR A 45 1.11 -7.24 0.92
C TYR A 45 1.39 -7.24 -0.56
N VAL A 46 2.64 -7.03 -0.95
CA VAL A 46 2.93 -6.87 -2.36
C VAL A 46 4.42 -6.94 -2.72
N LYS A 47 4.73 -6.65 -4.01
CA LYS A 47 6.13 -6.59 -4.46
C LYS A 47 6.55 -5.15 -4.26
N ALA A 48 5.51 -4.34 -4.17
CA ALA A 48 5.56 -2.95 -3.92
C ALA A 48 5.84 -2.15 -5.18
N VAL A 49 6.63 -1.10 -5.06
CA VAL A 49 6.85 -0.21 -6.17
C VAL A 49 7.81 -0.65 -7.24
N ILE A 50 7.34 -0.36 -8.45
CA ILE A 50 8.04 -0.61 -9.69
C ILE A 50 9.51 -0.25 -9.57
N PRO A 51 10.36 -0.75 -10.48
CA PRO A 51 11.78 -0.46 -10.47
C PRO A 51 12.11 0.90 -11.05
N GLN A 52 11.23 1.33 -11.92
CA GLN A 52 11.37 2.61 -12.60
C GLN A 52 10.68 3.75 -11.86
N GLY A 53 10.39 3.55 -10.59
CA GLY A 53 9.76 4.59 -9.80
C GLY A 53 8.25 4.44 -9.67
N ALA A 54 7.51 5.11 -10.56
CA ALA A 54 6.07 5.05 -10.57
C ALA A 54 5.46 5.06 -9.15
N ALA A 55 4.89 3.95 -8.66
CA ALA A 55 4.32 3.92 -7.31
C ALA A 55 5.37 4.40 -6.34
N GLU A 56 6.58 4.02 -6.66
CA GLU A 56 7.75 4.39 -5.87
C GLU A 56 7.82 5.91 -5.76
N SER A 57 7.32 6.57 -6.79
CA SER A 57 7.22 8.03 -6.83
C SER A 57 6.01 8.37 -5.99
N ASP A 58 4.97 7.57 -6.16
CA ASP A 58 3.77 7.69 -5.35
C ASP A 58 4.23 7.47 -3.91
N GLY A 59 5.37 6.79 -3.79
CA GLY A 59 5.90 6.49 -2.48
C GLY A 59 5.08 5.43 -1.81
N ARG A 60 4.91 4.32 -2.52
CA ARG A 60 4.13 3.20 -2.02
C ARG A 60 5.06 2.03 -1.87
N ILE A 61 6.13 2.26 -1.14
CA ILE A 61 7.13 1.30 -0.94
C ILE A 61 6.91 0.42 0.25
N HIS A 62 7.26 -0.83 0.03
CA HIS A 62 7.21 -1.88 1.01
C HIS A 62 6.48 -3.08 0.43
N LYS A 63 7.25 -4.11 0.12
CA LYS A 63 6.69 -5.33 -0.44
C LYS A 63 6.19 -6.21 0.68
N GLY A 64 4.87 -6.35 0.79
CA GLY A 64 4.36 -7.17 1.88
C GLY A 64 4.40 -6.42 3.17
N ASP A 65 3.23 -6.00 3.60
CA ASP A 65 3.09 -5.23 4.85
C ASP A 65 1.63 -5.05 5.21
N ARG A 66 1.31 -4.21 6.21
CA ARG A 66 -0.11 -4.07 6.56
C ARG A 66 -0.66 -2.63 6.66
N VAL A 67 -1.47 -2.28 5.67
CA VAL A 67 -2.15 -1.05 5.55
C VAL A 67 -3.40 -0.91 6.35
N LEU A 68 -3.57 0.29 6.86
CA LEU A 68 -4.77 0.63 7.57
C LEU A 68 -5.81 1.06 6.54
N ALA A 69 -5.43 1.95 5.62
CA ALA A 69 -6.32 2.39 4.57
C ALA A 69 -5.59 2.36 3.24
N VAL A 70 -6.30 2.10 2.16
CA VAL A 70 -5.72 2.09 0.85
C VAL A 70 -6.45 3.07 -0.04
N ASN A 71 -5.73 3.73 -0.92
CA ASN A 71 -6.33 4.74 -1.79
C ASN A 71 -7.17 5.72 -0.99
N GLY A 72 -6.97 5.72 0.32
CA GLY A 72 -7.74 6.61 1.18
C GLY A 72 -8.87 5.87 1.86
N VAL A 73 -9.25 4.73 1.32
CA VAL A 73 -10.29 3.92 1.91
C VAL A 73 -9.66 3.01 2.94
N SER A 74 -10.34 2.77 4.05
CA SER A 74 -9.79 1.90 5.06
C SER A 74 -10.01 0.48 4.59
N LEU A 75 -8.93 -0.26 4.31
CA LEU A 75 -9.09 -1.58 3.86
C LEU A 75 -8.99 -2.47 5.05
N GLU A 76 -10.05 -2.52 5.79
CA GLU A 76 -10.07 -3.33 6.95
C GLU A 76 -10.68 -4.68 6.61
N GLY A 77 -10.45 -5.09 5.36
CA GLY A 77 -11.02 -6.32 4.87
C GLY A 77 -12.12 -6.03 3.87
N ALA A 78 -12.07 -4.83 3.32
CA ALA A 78 -13.05 -4.38 2.34
C ALA A 78 -12.63 -4.81 0.96
N THR A 79 -11.39 -4.49 0.57
CA THR A 79 -10.91 -4.84 -0.74
C THR A 79 -12.01 -5.04 -1.68
N HIS A 80 -12.35 -6.31 -1.91
CA HIS A 80 -13.40 -6.64 -2.84
C HIS A 80 -13.65 -5.44 -3.74
N LYS A 81 -14.39 -4.46 -3.24
CA LYS A 81 -14.62 -3.25 -4.00
C LYS A 81 -13.48 -2.20 -3.86
N GLN A 82 -13.29 -1.75 -2.61
CA GLN A 82 -12.36 -0.65 -2.28
C GLN A 82 -10.88 -0.92 -2.37
N ALA A 83 -10.39 -1.91 -1.67
CA ALA A 83 -8.94 -2.12 -1.66
C ALA A 83 -8.38 -2.72 -2.89
N VAL A 84 -9.01 -3.75 -3.32
CA VAL A 84 -8.57 -4.42 -4.51
C VAL A 84 -8.72 -3.49 -5.70
N GLU A 85 -9.82 -2.75 -5.68
CA GLU A 85 -10.07 -1.81 -6.76
C GLU A 85 -8.98 -0.76 -6.83
N THR A 86 -8.48 -0.36 -5.67
CA THR A 86 -7.49 0.70 -5.65
C THR A 86 -6.17 0.25 -6.20
N LEU A 87 -5.76 -0.97 -5.89
CA LEU A 87 -4.48 -1.47 -6.38
C LEU A 87 -4.55 -1.55 -7.91
N ARG A 88 -5.72 -1.90 -8.42
CA ARG A 88 -5.94 -2.01 -9.85
C ARG A 88 -6.12 -0.66 -10.49
N ASN A 89 -6.67 0.30 -9.77
CA ASN A 89 -6.92 1.60 -10.35
C ASN A 89 -5.93 2.67 -9.90
N THR A 90 -5.09 2.32 -8.95
CA THR A 90 -4.08 3.26 -8.42
C THR A 90 -3.52 4.13 -9.54
N GLY A 91 -3.00 5.29 -9.18
CA GLY A 91 -2.46 6.17 -10.20
C GLY A 91 -3.33 7.38 -10.47
N GLN A 92 -4.59 7.14 -10.88
CA GLN A 92 -5.52 8.26 -11.16
C GLN A 92 -5.30 9.36 -10.14
N VAL A 93 -5.05 8.92 -8.91
CA VAL A 93 -4.78 9.72 -7.81
C VAL A 93 -4.86 8.84 -6.60
N VAL A 94 -3.70 8.52 -6.07
CA VAL A 94 -3.64 7.61 -4.99
C VAL A 94 -3.15 8.23 -3.71
N HIS A 95 -3.84 7.85 -2.70
CA HIS A 95 -3.55 8.21 -1.33
C HIS A 95 -3.62 7.00 -0.42
N LEU A 96 -2.52 6.61 0.19
CA LEU A 96 -2.51 5.45 1.01
C LEU A 96 -1.94 5.61 2.38
N LEU A 97 -2.62 4.99 3.31
CA LEU A 97 -2.15 4.92 4.66
C LEU A 97 -1.79 3.48 4.97
N LEU A 98 -0.51 3.24 5.20
CA LEU A 98 0.00 1.89 5.47
C LEU A 98 0.52 1.75 6.89
N GLU A 99 0.47 0.53 7.38
CA GLU A 99 0.99 0.25 8.71
C GLU A 99 2.01 -0.87 8.67
N LYS A 100 3.24 -0.48 8.90
CA LYS A 100 4.36 -1.40 8.90
C LYS A 100 4.29 -2.39 10.05
N GLY A 101 4.06 -3.66 9.71
CA GLY A 101 3.99 -4.69 10.72
C GLY A 101 4.65 -5.96 10.27
N GLN A 102 5.68 -5.79 9.45
CA GLN A 102 6.43 -6.91 8.90
C GLN A 102 7.58 -7.28 9.83
N SER A 103 8.39 -6.30 10.18
CA SER A 103 9.55 -6.52 11.05
C SER A 103 9.62 -5.43 12.12
N PRO A 104 10.44 -5.65 13.17
CA PRO A 104 10.60 -4.68 14.26
C PRO A 104 11.13 -3.36 13.78
N THR A 105 11.12 -2.41 14.70
CA THR A 105 11.56 -1.08 14.38
C THR A 105 13.00 -1.07 13.86
N SER A 106 13.79 -2.02 14.34
CA SER A 106 15.19 -2.12 13.93
C SER A 106 15.96 -0.86 14.31
N LYS A 107 15.51 -0.20 15.38
CA LYS A 107 16.15 1.02 15.84
C LYS A 107 16.18 1.07 17.37
N GLU A 108 15.02 0.90 17.99
CA GLU A 108 14.92 0.92 19.43
C GLU A 108 15.74 -0.21 20.05
#